data_2D4N
# 
_entry.id   2D4N 
# 
_audit_conform.dict_name       mmcif_pdbx.dic 
_audit_conform.dict_version    5.380 
_audit_conform.dict_location   http://mmcif.pdb.org/dictionaries/ascii/mmcif_pdbx.dic 
# 
loop_
_database_2.database_id 
_database_2.database_code 
_database_2.pdbx_database_accession 
_database_2.pdbx_DOI 
PDB   2D4N         pdb_00002d4n 10.2210/pdb2d4n/pdb 
RCSB  RCSB024981   ?            ?                   
WWPDB D_1000024981 ?            ?                   
# 
loop_
_pdbx_database_related.db_name 
_pdbx_database_related.db_id 
_pdbx_database_related.details 
_pdbx_database_related.content_type 
PDB 2AKV 'THE FULL LENGTH PROTEIN COMPLEXED WITH REACTION INTERMEDIATE' unspecified 
PDB 2D4L 'THE FULL LENGTH PROTEIN, APO'                                 unspecified 
PDB 2D4M 'THE FULL LENGTH PROTEIN, APO'                                 unspecified 
# 
_pdbx_database_status.status_code                     REL 
_pdbx_database_status.entry_id                        2D4N 
_pdbx_database_status.recvd_initial_deposition_date   2005-10-20 
_pdbx_database_status.deposit_site                    PDBJ 
_pdbx_database_status.process_site                    PDBJ 
_pdbx_database_status.status_code_sf                  REL 
_pdbx_database_status.status_code_mr                  ? 
_pdbx_database_status.SG_entry                        ? 
_pdbx_database_status.status_code_cs                  ? 
_pdbx_database_status.pdb_format_compatible           Y 
_pdbx_database_status.methods_development_category    ? 
_pdbx_database_status.status_code_nmr_data            ? 
# 
loop_
_audit_author.name 
_audit_author.pdbx_ordinal 
'Nemeth, V.'     1 
'Barabas, O.'    2 
'Vertessy, G.B.' 3 
# 
_citation.id                        primary 
_citation.title                     'Flexible segments modulate co-folding of dUTPase and nucleocapsid proteins.' 
_citation.journal_abbrev            'Nucleic Acids Res.' 
_citation.journal_volume            35 
_citation.page_first                495 
_citation.page_last                 505 
_citation.year                      2007 
_citation.journal_id_ASTM           NARHAD 
_citation.country                   UK 
_citation.journal_id_ISSN           0305-1048 
_citation.journal_id_CSD            0389 
_citation.book_publisher            ? 
_citation.pdbx_database_id_PubMed   17169987 
_citation.pdbx_database_id_DOI      10.1093/nar/gkl1074 
# 
loop_
_citation_author.citation_id 
_citation_author.name 
_citation_author.ordinal 
_citation_author.identifier_ORCID 
primary 'Nemeth-Pongracz, V.' 1  ? 
primary 'Barabas, O.'         2  ? 
primary 'Fuxreiter, M.'       3  ? 
primary 'Simon, I.'           4  ? 
primary 'Pichova, I.'         5  ? 
primary 'Rumlova, M.'         6  ? 
primary 'Zabranska, H.'       7  ? 
primary 'Svergun, D.'         8  ? 
primary 'Petoukhov, M.'       9  ? 
primary 'Harmat, V.'          10 ? 
primary 'Klement, E.'         11 ? 
primary 'Hunyadi-Gulyas, E.'  12 ? 
primary 'Medzihradszky, K.F.' 13 ? 
primary 'Konya, E.'           14 ? 
primary 'Vertessy, B.G.'      15 ? 
# 
_cell.entry_id           2D4N 
_cell.length_a           61.071 
_cell.length_b           61.071 
_cell.length_c           64.357 
_cell.angle_alpha        90.00 
_cell.angle_beta         90.00 
_cell.angle_gamma        120.00 
_cell.Z_PDB              6 
_cell.pdbx_unique_axis   ? 
_cell.length_a_esd       ? 
_cell.length_b_esd       ? 
_cell.length_c_esd       ? 
_cell.angle_alpha_esd    ? 
_cell.angle_beta_esd     ? 
_cell.angle_gamma_esd    ? 
# 
_symmetry.entry_id                         2D4N 
_symmetry.space_group_name_H-M             'P 63' 
_symmetry.pdbx_full_space_group_name_H-M   ? 
_symmetry.cell_setting                     ? 
_symmetry.Int_Tables_number                173 
_symmetry.space_group_name_Hall            ? 
# 
loop_
_entity.id 
_entity.type 
_entity.src_method 
_entity.pdbx_description 
_entity.formula_weight 
_entity.pdbx_number_of_molecules 
_entity.pdbx_ec 
_entity.pdbx_mutation 
_entity.pdbx_fragment 
_entity.details 
1 polymer     man DU                                                 16155.373 1   3.6.1.23 N83K 'residues 83-234' ? 
2 non-polymer syn 'MAGNESIUM ION'                                    24.305    1   ?        ?    ?                 ? 
3 non-polymer syn 
;2'-DEOXYURIDINE 5'-ALPHA,BETA-IMIDO-TRIPHOSPHATE
;
467.157   1   ?        ?    ?                 ? 
4 non-polymer syn 2-AMINO-2-HYDROXYMETHYL-PROPANE-1,3-DIOL           122.143   1   ?        ?    ?                 ? 
5 water       nat water                                              18.015    137 ?        ?    ?                 ? 
# 
_entity_name_com.entity_id   1 
_entity_name_com.name        
;Deoxyuridine 5'-Triphosphate Nucleotido Hydrolase
;
# 
_entity_poly.entity_id                      1 
_entity_poly.type                           'polypeptide(L)' 
_entity_poly.nstd_linkage                   no 
_entity_poly.nstd_monomer                   no 
_entity_poly.pdbx_seq_one_letter_code       
;KRVEGPAPGPETSLWGSQLCSSQQKQPISKLTRATPGSAGLDLCSTSHTVLTPEMGPQALSTGIYGPLPPNTFGLILGRS
SITMKGLQVYPGVIDNDYTGEIKIMAKAVNNIVTVSQGNRIAQLILLPLIETDNKVQQPYRGQGSFGSSDIY
;
_entity_poly.pdbx_seq_one_letter_code_can   
;KRVEGPAPGPETSLWGSQLCSSQQKQPISKLTRATPGSAGLDLCSTSHTVLTPEMGPQALSTGIYGPLPPNTFGLILGRS
SITMKGLQVYPGVIDNDYTGEIKIMAKAVNNIVTVSQGNRIAQLILLPLIETDNKVQQPYRGQGSFGSSDIY
;
_entity_poly.pdbx_strand_id                 A 
_entity_poly.pdbx_target_identifier         ? 
# 
loop_
_entity_poly_seq.entity_id 
_entity_poly_seq.num 
_entity_poly_seq.mon_id 
_entity_poly_seq.hetero 
1 1   LYS n 
1 2   ARG n 
1 3   VAL n 
1 4   GLU n 
1 5   GLY n 
1 6   PRO n 
1 7   ALA n 
1 8   PRO n 
1 9   GLY n 
1 10  PRO n 
1 11  GLU n 
1 12  THR n 
1 13  SER n 
1 14  LEU n 
1 15  TRP n 
1 16  GLY n 
1 17  SER n 
1 18  GLN n 
1 19  LEU n 
1 20  CYS n 
1 21  SER n 
1 22  SER n 
1 23  GLN n 
1 24  GLN n 
1 25  LYS n 
1 26  GLN n 
1 27  PRO n 
1 28  ILE n 
1 29  SER n 
1 30  LYS n 
1 31  LEU n 
1 32  THR n 
1 33  ARG n 
1 34  ALA n 
1 35  THR n 
1 36  PRO n 
1 37  GLY n 
1 38  SER n 
1 39  ALA n 
1 40  GLY n 
1 41  LEU n 
1 42  ASP n 
1 43  LEU n 
1 44  CYS n 
1 45  SER n 
1 46  THR n 
1 47  SER n 
1 48  HIS n 
1 49  THR n 
1 50  VAL n 
1 51  LEU n 
1 52  THR n 
1 53  PRO n 
1 54  GLU n 
1 55  MET n 
1 56  GLY n 
1 57  PRO n 
1 58  GLN n 
1 59  ALA n 
1 60  LEU n 
1 61  SER n 
1 62  THR n 
1 63  GLY n 
1 64  ILE n 
1 65  TYR n 
1 66  GLY n 
1 67  PRO n 
1 68  LEU n 
1 69  PRO n 
1 70  PRO n 
1 71  ASN n 
1 72  THR n 
1 73  PHE n 
1 74  GLY n 
1 75  LEU n 
1 76  ILE n 
1 77  LEU n 
1 78  GLY n 
1 79  ARG n 
1 80  SER n 
1 81  SER n 
1 82  ILE n 
1 83  THR n 
1 84  MET n 
1 85  LYS n 
1 86  GLY n 
1 87  LEU n 
1 88  GLN n 
1 89  VAL n 
1 90  TYR n 
1 91  PRO n 
1 92  GLY n 
1 93  VAL n 
1 94  ILE n 
1 95  ASP n 
1 96  ASN n 
1 97  ASP n 
1 98  TYR n 
1 99  THR n 
1 100 GLY n 
1 101 GLU n 
1 102 ILE n 
1 103 LYS n 
1 104 ILE n 
1 105 MET n 
1 106 ALA n 
1 107 LYS n 
1 108 ALA n 
1 109 VAL n 
1 110 ASN n 
1 111 ASN n 
1 112 ILE n 
1 113 VAL n 
1 114 THR n 
1 115 VAL n 
1 116 SER n 
1 117 GLN n 
1 118 GLY n 
1 119 ASN n 
1 120 ARG n 
1 121 ILE n 
1 122 ALA n 
1 123 GLN n 
1 124 LEU n 
1 125 ILE n 
1 126 LEU n 
1 127 LEU n 
1 128 PRO n 
1 129 LEU n 
1 130 ILE n 
1 131 GLU n 
1 132 THR n 
1 133 ASP n 
1 134 ASN n 
1 135 LYS n 
1 136 VAL n 
1 137 GLN n 
1 138 GLN n 
1 139 PRO n 
1 140 TYR n 
1 141 ARG n 
1 142 GLY n 
1 143 GLN n 
1 144 GLY n 
1 145 SER n 
1 146 PHE n 
1 147 GLY n 
1 148 SER n 
1 149 SER n 
1 150 ASP n 
1 151 ILE n 
1 152 TYR n 
# 
_entity_src_gen.entity_id                          1 
_entity_src_gen.pdbx_src_id                        1 
_entity_src_gen.pdbx_alt_source_flag               sample 
_entity_src_gen.pdbx_seq_type                      ? 
_entity_src_gen.pdbx_beg_seq_num                   ? 
_entity_src_gen.pdbx_end_seq_num                   ? 
_entity_src_gen.gene_src_common_name               ? 
_entity_src_gen.gene_src_genus                     Betaretrovirus 
_entity_src_gen.pdbx_gene_src_gene                 gag-pro 
_entity_src_gen.gene_src_species                   ? 
_entity_src_gen.gene_src_strain                    ? 
_entity_src_gen.gene_src_tissue                    ? 
_entity_src_gen.gene_src_tissue_fraction           ? 
_entity_src_gen.gene_src_details                   ? 
_entity_src_gen.pdbx_gene_src_fragment             ? 
_entity_src_gen.pdbx_gene_src_scientific_name      'Mason-Pfizer monkey virus' 
_entity_src_gen.pdbx_gene_src_ncbi_taxonomy_id     11855 
_entity_src_gen.pdbx_gene_src_variant              ? 
_entity_src_gen.pdbx_gene_src_cell_line            ? 
_entity_src_gen.pdbx_gene_src_atcc                 ? 
_entity_src_gen.pdbx_gene_src_organ                ? 
_entity_src_gen.pdbx_gene_src_organelle            ? 
_entity_src_gen.pdbx_gene_src_cell                 ? 
_entity_src_gen.pdbx_gene_src_cellular_location    ? 
_entity_src_gen.host_org_common_name               ? 
_entity_src_gen.pdbx_host_org_scientific_name      'Escherichia coli BL21' 
_entity_src_gen.pdbx_host_org_ncbi_taxonomy_id     511693 
_entity_src_gen.host_org_genus                     Escherichia 
_entity_src_gen.pdbx_host_org_gene                 ? 
_entity_src_gen.pdbx_host_org_organ                ? 
_entity_src_gen.host_org_species                   'Escherichia coli' 
_entity_src_gen.pdbx_host_org_tissue               ? 
_entity_src_gen.pdbx_host_org_tissue_fraction      ? 
_entity_src_gen.pdbx_host_org_strain               BL21 
_entity_src_gen.pdbx_host_org_variant              ? 
_entity_src_gen.pdbx_host_org_cell_line            ? 
_entity_src_gen.pdbx_host_org_atcc                 ? 
_entity_src_gen.pdbx_host_org_culture_collection   ? 
_entity_src_gen.pdbx_host_org_cell                 ? 
_entity_src_gen.pdbx_host_org_organelle            ? 
_entity_src_gen.pdbx_host_org_cellular_location    ? 
_entity_src_gen.pdbx_host_org_vector_type          plasmid 
_entity_src_gen.pdbx_host_org_vector               ? 
_entity_src_gen.host_org_details                   ? 
_entity_src_gen.expression_system_id               ? 
_entity_src_gen.plasmid_name                       pET22B 
_entity_src_gen.plasmid_details                    ? 
_entity_src_gen.pdbx_description                   ? 
# 
_struct_ref.id                         1 
_struct_ref.db_name                    GB 
_struct_ref.db_code                    NP_954564 
_struct_ref.pdbx_db_accession          40018527 
_struct_ref.entity_id                  1 
_struct_ref.pdbx_seq_one_letter_code   
;NRVEGPAPGPETSLWGSQLCSSQQKQPISKLTRATPGSAGLDLCSTSHTVLTPEMGPQALSTGIYGPLPPNTFGLILGRS
SITMKGLQVYPGVIDNDYTGEIKIMAKAVNNIVTVSQGNRIAQLILLPLIETDNKVQQPYRGQGSFGSSDIY
;
_struct_ref.pdbx_align_begin           83 
_struct_ref.pdbx_db_isoform            ? 
# 
_struct_ref_seq.align_id                      1 
_struct_ref_seq.ref_id                        1 
_struct_ref_seq.pdbx_PDB_id_code              2D4N 
_struct_ref_seq.pdbx_strand_id                A 
_struct_ref_seq.seq_align_beg                 1 
_struct_ref_seq.pdbx_seq_align_beg_ins_code   ? 
_struct_ref_seq.seq_align_end                 152 
_struct_ref_seq.pdbx_seq_align_end_ins_code   ? 
_struct_ref_seq.pdbx_db_accession             40018527 
_struct_ref_seq.db_align_beg                  83 
_struct_ref_seq.pdbx_db_align_beg_ins_code    ? 
_struct_ref_seq.db_align_end                  234 
_struct_ref_seq.pdbx_db_align_end_ins_code    ? 
_struct_ref_seq.pdbx_auth_seq_align_beg       83 
_struct_ref_seq.pdbx_auth_seq_align_end       234 
# 
_struct_ref_seq_dif.align_id                     1 
_struct_ref_seq_dif.pdbx_pdb_id_code             2D4N 
_struct_ref_seq_dif.mon_id                       LYS 
_struct_ref_seq_dif.pdbx_pdb_strand_id           A 
_struct_ref_seq_dif.seq_num                      1 
_struct_ref_seq_dif.pdbx_pdb_ins_code            ? 
_struct_ref_seq_dif.pdbx_seq_db_name             GB 
_struct_ref_seq_dif.pdbx_seq_db_accession_code   40018527 
_struct_ref_seq_dif.db_mon_id                    ASN 
_struct_ref_seq_dif.pdbx_seq_db_seq_num          83 
_struct_ref_seq_dif.details                      'engineered mutation' 
_struct_ref_seq_dif.pdbx_auth_seq_num            83 
_struct_ref_seq_dif.pdbx_ordinal                 1 
# 
loop_
_chem_comp.id 
_chem_comp.type 
_chem_comp.mon_nstd_flag 
_chem_comp.name 
_chem_comp.pdbx_synonyms 
_chem_comp.formula 
_chem_comp.formula_weight 
ALA 'L-peptide linking' y ALANINE                                            ?             'C3 H7 N O2'       89.093  
ARG 'L-peptide linking' y ARGININE                                           ?             'C6 H15 N4 O2 1'   175.209 
ASN 'L-peptide linking' y ASPARAGINE                                         ?             'C4 H8 N2 O3'      132.118 
ASP 'L-peptide linking' y 'ASPARTIC ACID'                                    ?             'C4 H7 N O4'       133.103 
CYS 'L-peptide linking' y CYSTEINE                                           ?             'C3 H7 N O2 S'     121.158 
DUP non-polymer         . 
;2'-DEOXYURIDINE 5'-ALPHA,BETA-IMIDO-TRIPHOSPHATE
;
?             'C9 H16 N3 O13 P3' 467.157 
GLN 'L-peptide linking' y GLUTAMINE                                          ?             'C5 H10 N2 O3'     146.144 
GLU 'L-peptide linking' y 'GLUTAMIC ACID'                                    ?             'C5 H9 N O4'       147.129 
GLY 'peptide linking'   y GLYCINE                                            ?             'C2 H5 N O2'       75.067  
HIS 'L-peptide linking' y HISTIDINE                                          ?             'C6 H10 N3 O2 1'   156.162 
HOH non-polymer         . WATER                                              ?             'H2 O'             18.015  
ILE 'L-peptide linking' y ISOLEUCINE                                         ?             'C6 H13 N O2'      131.173 
LEU 'L-peptide linking' y LEUCINE                                            ?             'C6 H13 N O2'      131.173 
LYS 'L-peptide linking' y LYSINE                                             ?             'C6 H15 N2 O2 1'   147.195 
MET 'L-peptide linking' y METHIONINE                                         ?             'C5 H11 N O2 S'    149.211 
MG  non-polymer         . 'MAGNESIUM ION'                                    ?             'Mg 2'             24.305  
PHE 'L-peptide linking' y PHENYLALANINE                                      ?             'C9 H11 N O2'      165.189 
PRO 'L-peptide linking' y PROLINE                                            ?             'C5 H9 N O2'       115.130 
SER 'L-peptide linking' y SERINE                                             ?             'C3 H7 N O3'       105.093 
THR 'L-peptide linking' y THREONINE                                          ?             'C4 H9 N O3'       119.119 
TRP 'L-peptide linking' y TRYPTOPHAN                                         ?             'C11 H12 N2 O2'    204.225 
TRS non-polymer         . 2-AMINO-2-HYDROXYMETHYL-PROPANE-1,3-DIOL           'TRIS BUFFER' 'C4 H12 N O3 1'    122.143 
TYR 'L-peptide linking' y TYROSINE                                           ?             'C9 H11 N O3'      181.189 
VAL 'L-peptide linking' y VALINE                                             ?             'C5 H11 N O2'      117.146 
# 
_exptl.entry_id          2D4N 
_exptl.method            'X-RAY DIFFRACTION' 
_exptl.crystals_number   1 
# 
_exptl_crystal.id                    1 
_exptl_crystal.density_meas          ? 
_exptl_crystal.density_Matthews      2.14 
_exptl_crystal.density_percent_sol   42.60 
_exptl_crystal.description           ? 
_exptl_crystal.F_000                 ? 
_exptl_crystal.preparation           ? 
# 
_exptl_crystal_grow.crystal_id      1 
_exptl_crystal_grow.method          'VAPOR DIFFUSION, HANGING DROP' 
_exptl_crystal_grow.temp            293.0 
_exptl_crystal_grow.temp_details    ? 
_exptl_crystal_grow.pH              8.5 
_exptl_crystal_grow.pdbx_details    'PEG 8000, AMMONIUM CHLORIDE, TRIS, pH 8.5, VAPOR DIFFUSION, HANGING DROP, temperature 293.0K' 
_exptl_crystal_grow.pdbx_pH_range   . 
# 
_diffrn.id                     1 
_diffrn.ambient_temp           100 
_diffrn.ambient_temp_details   ? 
_diffrn.crystal_id             1 
# 
_diffrn_detector.diffrn_id              1 
_diffrn_detector.detector               CCD 
_diffrn_detector.type                   MARRESEARCH 
_diffrn_detector.pdbx_collection_date   2004-11-26 
_diffrn_detector.details                ? 
# 
_diffrn_radiation.diffrn_id                        1 
_diffrn_radiation.wavelength_id                    1 
_diffrn_radiation.pdbx_monochromatic_or_laue_m_l   M 
_diffrn_radiation.monochromator                    'Si 111' 
_diffrn_radiation.pdbx_diffrn_protocol             'SINGLE WAVELENGTH' 
_diffrn_radiation.pdbx_scattering_type             x-ray 
# 
_diffrn_radiation_wavelength.id           1 
_diffrn_radiation_wavelength.wavelength   0.8128 
_diffrn_radiation_wavelength.wt           1.0 
# 
_diffrn_source.diffrn_id                   1 
_diffrn_source.source                      SYNCHROTRON 
_diffrn_source.type                        'EMBL/DESY, HAMBURG BEAMLINE X11' 
_diffrn_source.pdbx_synchrotron_site       'EMBL/DESY, HAMBURG' 
_diffrn_source.pdbx_synchrotron_beamline   X11 
_diffrn_source.pdbx_wavelength             ? 
_diffrn_source.pdbx_wavelength_list        0.8128 
# 
_reflns.entry_id                     2D4N 
_reflns.observed_criterion_sigma_I   -3 
_reflns.observed_criterion_sigma_F   ? 
_reflns.d_resolution_low             52.93 
_reflns.d_resolution_high            1.52 
_reflns.number_obs                   20787 
_reflns.number_all                   20787 
_reflns.percent_possible_obs         98.72 
_reflns.pdbx_Rmerge_I_obs            0.076 
_reflns.pdbx_Rsym_value              0.057 
_reflns.pdbx_netI_over_sigmaI        12.34 
_reflns.B_iso_Wilson_estimate        25.00 
_reflns.pdbx_redundancy              2.66 
_reflns.R_free_details               ? 
_reflns.limit_h_max                  ? 
_reflns.limit_h_min                  ? 
_reflns.limit_k_max                  ? 
_reflns.limit_k_min                  ? 
_reflns.limit_l_max                  ? 
_reflns.limit_l_min                  ? 
_reflns.observed_criterion_F_max     ? 
_reflns.observed_criterion_F_min     ? 
_reflns.pdbx_chi_squared             ? 
_reflns.pdbx_scaling_rejects         ? 
_reflns.pdbx_ordinal                 1 
_reflns.pdbx_diffrn_id               1 
# 
_reflns_shell.d_res_high             1.52 
_reflns_shell.d_res_low              1.61 
_reflns_shell.percent_possible_all   98.23 
_reflns_shell.Rmerge_I_obs           0.442 
_reflns_shell.pdbx_Rsym_value        0.334 
_reflns_shell.meanI_over_sigI_obs    2.86 
_reflns_shell.pdbx_redundancy        2.13 
_reflns_shell.percent_possible_obs   ? 
_reflns_shell.number_unique_all      3282 
_reflns_shell.number_measured_all    ? 
_reflns_shell.number_measured_obs    ? 
_reflns_shell.number_unique_obs      ? 
_reflns_shell.pdbx_chi_squared       ? 
_reflns_shell.pdbx_ordinal           1 
_reflns_shell.pdbx_diffrn_id         1 
# 
_refine.entry_id                                 2D4N 
_refine.ls_number_reflns_obs                     19296 
_refine.ls_number_reflns_all                     19296 
_refine.pdbx_ls_sigma_I                          ? 
_refine.pdbx_ls_sigma_F                          ? 
_refine.pdbx_data_cutoff_high_absF               ? 
_refine.pdbx_data_cutoff_low_absF                ? 
_refine.pdbx_data_cutoff_high_rms_absF           ? 
_refine.ls_d_res_low                             20.0 
_refine.ls_d_res_high                            1.53 
_refine.ls_percent_reflns_obs                    98.97 
_refine.ls_R_factor_obs                          0.16566 
_refine.ls_R_factor_all                          0.16566 
_refine.ls_R_factor_R_work                       0.16443 
_refine.ls_R_factor_R_free                       0.18717 
_refine.ls_R_factor_R_free_error                 ? 
_refine.ls_R_factor_R_free_error_details         ? 
_refine.ls_percent_reflns_R_free                 5.4 
_refine.ls_number_reflns_R_free                  1097 
_refine.ls_number_parameters                     ? 
_refine.ls_number_restraints                     ? 
_refine.occupancy_min                            ? 
_refine.occupancy_max                            ? 
_refine.correlation_coeff_Fo_to_Fc               0.971 
_refine.correlation_coeff_Fo_to_Fc_free          0.964 
_refine.B_iso_mean                               22.778 
_refine.aniso_B[1][1]                            0.61 
_refine.aniso_B[2][2]                            0.61 
_refine.aniso_B[3][3]                            -0.91 
_refine.aniso_B[1][2]                            0.30 
_refine.aniso_B[1][3]                            0.00 
_refine.aniso_B[2][3]                            0.00 
_refine.solvent_model_details                    'BABINET MODEL WITH MASK' 
_refine.solvent_model_param_ksol                 ? 
_refine.solvent_model_param_bsol                 ? 
_refine.pdbx_solvent_vdw_probe_radii             1.20 
_refine.pdbx_solvent_ion_probe_radii             0.80 
_refine.pdbx_solvent_shrinkage_radii             0.80 
_refine.pdbx_ls_cross_valid_method               THROUGHOUT 
_refine.details                                  'HYDROGENS HAVE BEEN ADDED IN THE RIDING POSITIONS, rigid body refinement' 
_refine.pdbx_starting_model                      2D4L 
_refine.pdbx_method_to_determine_struct          'rigid body refinement' 
_refine.pdbx_isotropic_thermal_model             'TLS and isotropic individual' 
_refine.pdbx_stereochemistry_target_values       'MAXIMUM LIKELIHOOD' 
_refine.pdbx_stereochem_target_val_spec_case     ? 
_refine.pdbx_R_Free_selection_details            'from starting model' 
_refine.pdbx_overall_ESU_R                       0.067 
_refine.pdbx_overall_ESU_R_Free                  0.068 
_refine.overall_SU_ML                            0.050 
_refine.overall_SU_B                             2.454 
_refine.ls_redundancy_reflns_obs                 ? 
_refine.B_iso_min                                ? 
_refine.B_iso_max                                ? 
_refine.overall_SU_R_Cruickshank_DPI             ? 
_refine.overall_SU_R_free                        ? 
_refine.ls_wR_factor_R_free                      ? 
_refine.ls_wR_factor_R_work                      ? 
_refine.overall_FOM_free_R_set                   ? 
_refine.overall_FOM_work_R_set                   ? 
_refine.pdbx_refine_id                           'X-RAY DIFFRACTION' 
_refine.pdbx_TLS_residual_ADP_flag               'LIKELY RESIDUAL' 
_refine.pdbx_diffrn_id                           1 
_refine.pdbx_overall_phase_error                 ? 
_refine.pdbx_overall_SU_R_free_Cruickshank_DPI   ? 
_refine.pdbx_overall_SU_R_Blow_DPI               ? 
_refine.pdbx_overall_SU_R_free_Blow_DPI          ? 
# 
_refine_hist.pdbx_refine_id                   'X-RAY DIFFRACTION' 
_refine_hist.cycle_id                         LAST 
_refine_hist.pdbx_number_atoms_protein        826 
_refine_hist.pdbx_number_atoms_nucleic_acid   0 
_refine_hist.pdbx_number_atoms_ligand         37 
_refine_hist.number_atoms_solvent             137 
_refine_hist.number_atoms_total               1000 
_refine_hist.d_res_high                       1.53 
_refine_hist.d_res_low                        20.0 
# 
loop_
_refine_ls_restr.type 
_refine_ls_restr.dev_ideal 
_refine_ls_restr.dev_ideal_target 
_refine_ls_restr.weight 
_refine_ls_restr.number 
_refine_ls_restr.pdbx_refine_id 
_refine_ls_restr.pdbx_restraint_function 
r_bond_refined_d         0.019  0.022  ? 910  'X-RAY DIFFRACTION' ? 
r_angle_refined_deg      1.911  2.050  ? 1255 'X-RAY DIFFRACTION' ? 
r_dihedral_angle_1_deg   5.752  5.000  ? 124  'X-RAY DIFFRACTION' ? 
r_dihedral_angle_2_deg   36.353 25.769 ? 26   'X-RAY DIFFRACTION' ? 
r_dihedral_angle_3_deg   11.110 15.000 ? 153  'X-RAY DIFFRACTION' ? 
r_dihedral_angle_4_deg   30.573 15.000 ? 3    'X-RAY DIFFRACTION' ? 
r_chiral_restr           0.141  0.200  ? 154  'X-RAY DIFFRACTION' ? 
r_gen_planes_refined     0.011  0.020  ? 645  'X-RAY DIFFRACTION' ? 
r_nbd_refined            0.235  0.200  ? 395  'X-RAY DIFFRACTION' ? 
r_nbtor_refined          0.315  0.200  ? 637  'X-RAY DIFFRACTION' ? 
r_xyhbond_nbd_refined    0.218  0.200  ? 100  'X-RAY DIFFRACTION' ? 
r_metal_ion_refined      0.002  0.200  ? 1    'X-RAY DIFFRACTION' ? 
r_symmetry_vdw_refined   0.208  0.200  ? 76   'X-RAY DIFFRACTION' ? 
r_symmetry_hbond_refined 0.172  0.200  ? 22   'X-RAY DIFFRACTION' ? 
r_mcbond_it              2.624  3.000  ? 596  'X-RAY DIFFRACTION' ? 
r_mcangle_it             3.883  10.000 ? 964  'X-RAY DIFFRACTION' ? 
r_scbond_it              8.097  50.000 ? 341  'X-RAY DIFFRACTION' ? 
r_scangle_it             10.457 50.000 ? 286  'X-RAY DIFFRACTION' ? 
# 
_refine_ls_shell.pdbx_total_number_of_bins_used   20 
_refine_ls_shell.d_res_high                       1.530 
_refine_ls_shell.d_res_low                        1.570 
_refine_ls_shell.number_reflns_R_work             1409 
_refine_ls_shell.R_factor_R_work                  0.245 
_refine_ls_shell.percent_reflns_obs               99.87 
_refine_ls_shell.R_factor_R_free                  0.299 
_refine_ls_shell.R_factor_R_free_error            ? 
_refine_ls_shell.percent_reflns_R_free            ? 
_refine_ls_shell.number_reflns_R_free             79 
_refine_ls_shell.number_reflns_obs                1488 
_refine_ls_shell.redundancy_reflns_obs            ? 
_refine_ls_shell.number_reflns_all                ? 
_refine_ls_shell.R_factor_all                     ? 
_refine_ls_shell.pdbx_refine_id                   'X-RAY DIFFRACTION' 
# 
_struct.entry_id                  2D4N 
_struct.title                     'Crystal Structure of M-PMV dUTPase complexed with dUPNPP, substrate analogue' 
_struct.pdbx_model_details        ? 
_struct.pdbx_CASP_flag            ? 
_struct.pdbx_model_type_details   ? 
# 
_struct_keywords.entry_id        2D4N 
_struct_keywords.pdbx_keywords   HYDROLASE 
_struct_keywords.text            'jelly roll, HYDROLASE' 
# 
loop_
_struct_asym.id 
_struct_asym.pdbx_blank_PDB_chainid_flag 
_struct_asym.pdbx_modified 
_struct_asym.entity_id 
_struct_asym.details 
A N N 1 ? 
B N N 2 ? 
C N N 3 ? 
D N N 4 ? 
E N N 5 ? 
# 
_struct_biol.id                    1 
_struct_biol.details               
;The biological assembly is a trimer generated from the monomer 
in the asymmetric unit by the operations: 2-y,2+x-y,z and -x+y,2-x,z
;
_struct_biol.pdbx_parent_biol_id   ? 
# 
loop_
_struct_conf.conf_type_id 
_struct_conf.id 
_struct_conf.pdbx_PDB_helix_id 
_struct_conf.beg_label_comp_id 
_struct_conf.beg_label_asym_id 
_struct_conf.beg_label_seq_id 
_struct_conf.pdbx_beg_PDB_ins_code 
_struct_conf.end_label_comp_id 
_struct_conf.end_label_asym_id 
_struct_conf.end_label_seq_id 
_struct_conf.pdbx_end_PDB_ins_code 
_struct_conf.beg_auth_comp_id 
_struct_conf.beg_auth_asym_id 
_struct_conf.beg_auth_seq_id 
_struct_conf.end_auth_comp_id 
_struct_conf.end_auth_asym_id 
_struct_conf.end_auth_seq_id 
_struct_conf.pdbx_PDB_helix_class 
_struct_conf.details 
_struct_conf.pdbx_PDB_helix_length 
HELX_P HELX_P1 1 SER A 29 ? LEU A 31 ? SER A 111 LEU A 113 5 ? 3 
HELX_P HELX_P2 2 THR A 52 ? GLY A 56 ? THR A 134 GLY A 138 5 ? 5 
HELX_P HELX_P3 3 ARG A 79 ? LYS A 85 ? ARG A 161 LYS A 167 1 ? 7 
# 
_struct_conf_type.id          HELX_P 
_struct_conf_type.criteria    ? 
_struct_conf_type.reference   ? 
# 
loop_
_struct_conn.id 
_struct_conn.conn_type_id 
_struct_conn.pdbx_leaving_atom_flag 
_struct_conn.pdbx_PDB_id 
_struct_conn.ptnr1_label_asym_id 
_struct_conn.ptnr1_label_comp_id 
_struct_conn.ptnr1_label_seq_id 
_struct_conn.ptnr1_label_atom_id 
_struct_conn.pdbx_ptnr1_label_alt_id 
_struct_conn.pdbx_ptnr1_PDB_ins_code 
_struct_conn.pdbx_ptnr1_standard_comp_id 
_struct_conn.ptnr1_symmetry 
_struct_conn.ptnr2_label_asym_id 
_struct_conn.ptnr2_label_comp_id 
_struct_conn.ptnr2_label_seq_id 
_struct_conn.ptnr2_label_atom_id 
_struct_conn.pdbx_ptnr2_label_alt_id 
_struct_conn.pdbx_ptnr2_PDB_ins_code 
_struct_conn.ptnr1_auth_asym_id 
_struct_conn.ptnr1_auth_comp_id 
_struct_conn.ptnr1_auth_seq_id 
_struct_conn.ptnr2_auth_asym_id 
_struct_conn.ptnr2_auth_comp_id 
_struct_conn.ptnr2_auth_seq_id 
_struct_conn.ptnr2_symmetry 
_struct_conn.pdbx_ptnr3_label_atom_id 
_struct_conn.pdbx_ptnr3_label_seq_id 
_struct_conn.pdbx_ptnr3_label_comp_id 
_struct_conn.pdbx_ptnr3_label_asym_id 
_struct_conn.pdbx_ptnr3_label_alt_id 
_struct_conn.pdbx_ptnr3_PDB_ins_code 
_struct_conn.details 
_struct_conn.pdbx_dist_value 
_struct_conn.pdbx_value_order 
_struct_conn.pdbx_role 
metalc1 metalc ? ? C DUP . O2G ? ? ? 1_555 B MG  . MG ? ? A DUP 777 A MG  999  1_555 ? ? ? ? ? ? ? 1.988 ? ? 
metalc2 metalc ? ? C DUP . O1B ? ? ? 1_555 B MG  . MG ? ? A DUP 777 A MG  999  1_555 ? ? ? ? ? ? ? 2.050 ? ? 
metalc3 metalc ? ? C DUP . O1A ? ? ? 1_555 B MG  . MG ? ? A DUP 777 A MG  999  1_555 ? ? ? ? ? ? ? 2.094 ? ? 
metalc4 metalc ? ? B MG  . MG  ? ? ? 1_555 E HOH . O  ? ? A MG  999 A HOH 1127 1_555 ? ? ? ? ? ? ? 2.036 ? ? 
metalc5 metalc ? ? B MG  . MG  ? ? ? 1_555 E HOH . O  ? ? A MG  999 A HOH 1128 1_555 ? ? ? ? ? ? ? 2.124 ? ? 
metalc6 metalc ? ? B MG  . MG  ? ? ? 1_555 E HOH . O  ? ? A MG  999 A HOH 1130 1_555 ? ? ? ? ? ? ? 2.121 ? ? 
# 
_struct_conn_type.id          metalc 
_struct_conn_type.criteria    ? 
_struct_conn_type.reference   ? 
# 
_struct_mon_prot_cis.pdbx_id                1 
_struct_mon_prot_cis.label_comp_id          GLY 
_struct_mon_prot_cis.label_seq_id           66 
_struct_mon_prot_cis.label_asym_id          A 
_struct_mon_prot_cis.label_alt_id           . 
_struct_mon_prot_cis.pdbx_PDB_ins_code      ? 
_struct_mon_prot_cis.auth_comp_id           GLY 
_struct_mon_prot_cis.auth_seq_id            148 
_struct_mon_prot_cis.auth_asym_id           A 
_struct_mon_prot_cis.pdbx_label_comp_id_2   PRO 
_struct_mon_prot_cis.pdbx_label_seq_id_2    67 
_struct_mon_prot_cis.pdbx_label_asym_id_2   A 
_struct_mon_prot_cis.pdbx_PDB_ins_code_2    ? 
_struct_mon_prot_cis.pdbx_auth_comp_id_2    PRO 
_struct_mon_prot_cis.pdbx_auth_seq_id_2     149 
_struct_mon_prot_cis.pdbx_auth_asym_id_2    A 
_struct_mon_prot_cis.pdbx_PDB_model_num     1 
_struct_mon_prot_cis.pdbx_omega_angle       10.87 
# 
loop_
_struct_sheet.id 
_struct_sheet.type 
_struct_sheet.number_strands 
_struct_sheet.details 
A ? 4 ? 
B ? 4 ? 
C ? 2 ? 
# 
loop_
_struct_sheet_order.sheet_id 
_struct_sheet_order.range_id_1 
_struct_sheet_order.range_id_2 
_struct_sheet_order.offset 
_struct_sheet_order.sense 
A 1 2 ? parallel      
A 2 3 ? anti-parallel 
A 3 4 ? anti-parallel 
B 1 2 ? anti-parallel 
B 2 3 ? anti-parallel 
B 3 4 ? anti-parallel 
C 1 2 ? anti-parallel 
# 
loop_
_struct_sheet_range.sheet_id 
_struct_sheet_range.id 
_struct_sheet_range.beg_label_comp_id 
_struct_sheet_range.beg_label_asym_id 
_struct_sheet_range.beg_label_seq_id 
_struct_sheet_range.pdbx_beg_PDB_ins_code 
_struct_sheet_range.end_label_comp_id 
_struct_sheet_range.end_label_asym_id 
_struct_sheet_range.end_label_seq_id 
_struct_sheet_range.pdbx_end_PDB_ins_code 
_struct_sheet_range.beg_auth_comp_id 
_struct_sheet_range.beg_auth_asym_id 
_struct_sheet_range.beg_auth_seq_id 
_struct_sheet_range.end_auth_comp_id 
_struct_sheet_range.end_auth_asym_id 
_struct_sheet_range.end_auth_seq_id 
A 1 GLN A 26  ? PRO A 27  ? GLN A 108 PRO A 109 
A 2 GLN A 58  ? TYR A 65  ? GLN A 140 TYR A 147 
A 3 GLU A 101 ? ALA A 108 ? GLU A 183 ALA A 190 
A 4 LEU A 87  ? VAL A 89  ? LEU A 169 VAL A 171 
B 1 LEU A 41  ? CYS A 44  ? LEU A 123 CYS A 126 
B 2 ARG A 120 ? PRO A 128 ? ARG A 202 PRO A 210 
B 3 THR A 72  ? LEU A 77  ? THR A 154 LEU A 159 
B 4 GLY A 92  ? ILE A 94  ? GLY A 174 ILE A 176 
C 1 THR A 49  ? LEU A 51  ? THR A 131 LEU A 133 
C 2 VAL A 113 ? VAL A 115 ? VAL A 195 VAL A 197 
# 
loop_
_pdbx_struct_sheet_hbond.sheet_id 
_pdbx_struct_sheet_hbond.range_id_1 
_pdbx_struct_sheet_hbond.range_id_2 
_pdbx_struct_sheet_hbond.range_1_label_atom_id 
_pdbx_struct_sheet_hbond.range_1_label_comp_id 
_pdbx_struct_sheet_hbond.range_1_label_asym_id 
_pdbx_struct_sheet_hbond.range_1_label_seq_id 
_pdbx_struct_sheet_hbond.range_1_PDB_ins_code 
_pdbx_struct_sheet_hbond.range_1_auth_atom_id 
_pdbx_struct_sheet_hbond.range_1_auth_comp_id 
_pdbx_struct_sheet_hbond.range_1_auth_asym_id 
_pdbx_struct_sheet_hbond.range_1_auth_seq_id 
_pdbx_struct_sheet_hbond.range_2_label_atom_id 
_pdbx_struct_sheet_hbond.range_2_label_comp_id 
_pdbx_struct_sheet_hbond.range_2_label_asym_id 
_pdbx_struct_sheet_hbond.range_2_label_seq_id 
_pdbx_struct_sheet_hbond.range_2_PDB_ins_code 
_pdbx_struct_sheet_hbond.range_2_auth_atom_id 
_pdbx_struct_sheet_hbond.range_2_auth_comp_id 
_pdbx_struct_sheet_hbond.range_2_auth_asym_id 
_pdbx_struct_sheet_hbond.range_2_auth_seq_id 
A 1 2 N GLN A 26  ? N GLN A 108 O TYR A 65  ? O TYR A 147 
A 2 3 N ILE A 64  ? N ILE A 146 O ILE A 102 ? O ILE A 184 
A 3 4 O LYS A 107 ? O LYS A 189 N GLN A 88  ? N GLN A 170 
B 1 2 N LEU A 43  ? N LEU A 125 O ALA A 122 ? O ALA A 204 
B 2 3 O ILE A 125 ? O ILE A 207 N LEU A 75  ? N LEU A 157 
B 3 4 N ILE A 76  ? N ILE A 158 O GLY A 92  ? O GLY A 174 
C 1 2 N THR A 49  ? N THR A 131 O VAL A 115 ? O VAL A 197 
# 
loop_
_struct_site.id 
_struct_site.pdbx_evidence_code 
_struct_site.pdbx_auth_asym_id 
_struct_site.pdbx_auth_comp_id 
_struct_site.pdbx_auth_seq_id 
_struct_site.pdbx_auth_ins_code 
_struct_site.pdbx_num_residues 
_struct_site.details 
AC1 Software A MG  999  ? 4  'BINDING SITE FOR RESIDUE MG A 999'   
AC2 Software A DUP 777  ? 23 'BINDING SITE FOR RESIDUE DUP A 777'  
AC3 Software A TRS 1001 ? 11 'BINDING SITE FOR RESIDUE TRS A 1001' 
# 
loop_
_struct_site_gen.id 
_struct_site_gen.site_id 
_struct_site_gen.pdbx_num_res 
_struct_site_gen.label_comp_id 
_struct_site_gen.label_asym_id 
_struct_site_gen.label_seq_id 
_struct_site_gen.pdbx_auth_ins_code 
_struct_site_gen.auth_comp_id 
_struct_site_gen.auth_asym_id 
_struct_site_gen.auth_seq_id 
_struct_site_gen.label_atom_id 
_struct_site_gen.label_alt_id 
_struct_site_gen.symmetry 
_struct_site_gen.details 
1  AC1 4  DUP C .   ? DUP A 777  . ? 1_555 ? 
2  AC1 4  HOH E .   ? HOH A 1127 . ? 1_555 ? 
3  AC1 4  HOH E .   ? HOH A 1128 . ? 1_555 ? 
4  AC1 4  HOH E .   ? HOH A 1130 . ? 1_555 ? 
5  AC2 23 ARG A 79  ? ARG A 161  . ? 3_575 ? 
6  AC2 23 SER A 80  ? SER A 162  . ? 3_575 ? 
7  AC2 23 SER A 81  ? SER A 163  . ? 3_575 ? 
8  AC2 23 GLY A 92  ? GLY A 174  . ? 1_555 ? 
9  AC2 23 VAL A 93  ? VAL A 175  . ? 1_555 ? 
10 AC2 23 ILE A 94  ? ILE A 176  . ? 1_555 ? 
11 AC2 23 ASP A 95  ? ASP A 177  . ? 1_555 ? 
12 AC2 23 TYR A 98  ? TYR A 180  . ? 1_555 ? 
13 AC2 23 GLU A 101 ? GLU A 183  . ? 1_555 ? 
14 AC2 23 ILE A 102 ? ILE A 184  . ? 1_555 ? 
15 AC2 23 LYS A 103 ? LYS A 185  . ? 1_555 ? 
16 AC2 23 MET A 105 ? MET A 187  . ? 1_555 ? 
17 AC2 23 GLN A 123 ? GLN A 205  . ? 3_575 ? 
18 AC2 23 MG  B .   ? MG  A 999  . ? 1_555 ? 
19 AC2 23 HOH E .   ? HOH A 1002 . ? 1_555 ? 
20 AC2 23 HOH E .   ? HOH A 1010 . ? 1_555 ? 
21 AC2 23 HOH E .   ? HOH A 1013 . ? 1_555 ? 
22 AC2 23 HOH E .   ? HOH A 1077 . ? 1_555 ? 
23 AC2 23 HOH E .   ? HOH A 1103 . ? 1_555 ? 
24 AC2 23 HOH E .   ? HOH A 1127 . ? 1_555 ? 
25 AC2 23 HOH E .   ? HOH A 1128 . ? 1_555 ? 
26 AC2 23 HOH E .   ? HOH A 1130 . ? 1_555 ? 
27 AC2 23 HOH E .   ? HOH A 1131 . ? 1_555 ? 
28 AC3 11 GLN A 88  ? GLN A 170  . ? 1_555 ? 
29 AC3 11 GLN A 88  ? GLN A 170  . ? 3_575 ? 
30 AC3 11 GLN A 88  ? GLN A 170  . ? 2_775 ? 
31 AC3 11 VAL A 89  ? VAL A 171  . ? 3_575 ? 
32 AC3 11 VAL A 89  ? VAL A 171  . ? 1_555 ? 
33 AC3 11 VAL A 89  ? VAL A 171  . ? 2_775 ? 
34 AC3 11 TYR A 90  ? TYR A 172  . ? 1_555 ? 
35 AC3 11 TYR A 90  ? TYR A 172  . ? 3_575 ? 
36 AC3 11 PRO A 91  ? PRO A 173  . ? 2_775 ? 
37 AC3 11 PRO A 91  ? PRO A 173  . ? 3_575 ? 
38 AC3 11 PRO A 91  ? PRO A 173  . ? 1_555 ? 
# 
_atom_sites.entry_id                    2D4N 
_atom_sites.fract_transf_matrix[1][1]   -0.00776808 
_atom_sites.fract_transf_matrix[1][2]   -0.01686195 
_atom_sites.fract_transf_matrix[1][3]   -0.00358015 
_atom_sites.fract_transf_matrix[2][1]   -0.01879030 
_atom_sites.fract_transf_matrix[2][2]   -0.00204870 
_atom_sites.fract_transf_matrix[2][3]   0.00048974 
_atom_sites.fract_transf_matrix[3][1]   -0.00078255 
_atom_sites.fract_transf_matrix[3][2]   0.00356714 
_atom_sites.fract_transf_matrix[3][3]   -0.01510273 
_atom_sites.fract_transf_vector[1]      0.605512 
_atom_sites.fract_transf_vector[2]      1.119379 
_atom_sites.fract_transf_vector[3]      0.471477 
# 
loop_
_atom_type.symbol 
C  
MG 
N  
O  
P  
S  
# 
loop_
_atom_site.group_PDB 
_atom_site.id 
_atom_site.type_symbol 
_atom_site.label_atom_id 
_atom_site.label_alt_id 
_atom_site.label_comp_id 
_atom_site.label_asym_id 
_atom_site.label_entity_id 
_atom_site.label_seq_id 
_atom_site.pdbx_PDB_ins_code 
_atom_site.Cartn_x 
_atom_site.Cartn_y 
_atom_site.Cartn_z 
_atom_site.occupancy 
_atom_site.B_iso_or_equiv 
_atom_site.pdbx_formal_charge 
_atom_site.auth_seq_id 
_atom_site.auth_comp_id 
_atom_site.auth_asym_id 
_atom_site.auth_atom_id 
_atom_site.pdbx_PDB_model_num 
ATOM   1    N  N     . LYS A 1 25  ? 16.113  4.174   -4.599  1.00 20.79  ? 107  LYS A N     1 
ATOM   2    C  CA    . LYS A 1 25  ? 14.613  4.275   -4.758  1.00 19.78  ? 107  LYS A CA    1 
ATOM   3    C  C     . LYS A 1 25  ? 14.159  3.381   -5.932  1.00 17.74  ? 107  LYS A C     1 
ATOM   4    O  O     . LYS A 1 25  ? 14.855  3.301   -6.946  1.00 22.01  ? 107  LYS A O     1 
ATOM   5    C  CB    . LYS A 1 25  ? 14.259  5.727   -5.069  1.00 20.89  ? 107  LYS A CB    1 
ATOM   6    C  CG    . LYS A 1 25  ? 14.687  6.726   -3.982  1.00 23.45  ? 107  LYS A CG    1 
ATOM   7    C  CD    . LYS A 1 25  ? 14.263  8.135   -4.374  1.00 26.71  ? 107  LYS A CD    1 
ATOM   8    C  CE    . LYS A 1 25  ? 14.824  9.174   -3.449  1.00 31.90  ? 107  LYS A CE    1 
ATOM   9    N  NZ    . LYS A 1 25  ? 14.352  10.492  -3.925  1.00 53.64  ? 107  LYS A NZ    1 
ATOM   10   N  N     . GLN A 1 26  ? 12.999  2.733   -5.796  1.00 16.89  ? 108  GLN A N     1 
ATOM   11   C  CA    . GLN A 1 26  ? 12.421  1.967   -6.888  1.00 17.71  ? 108  GLN A CA    1 
ATOM   12   C  C     . GLN A 1 26  ? 11.065  2.535   -7.337  1.00 16.49  ? 108  GLN A C     1 
ATOM   13   O  O     . GLN A 1 26  ? 10.258  2.935   -6.503  1.00 16.74  ? 108  GLN A O     1 
ATOM   14   C  CB    . GLN A 1 26  ? 12.275  0.475   -6.521  1.00 23.67  ? 108  GLN A CB    1 
ATOM   15   C  CG    . GLN A 1 26  ? 13.609  -0.242  -6.194  1.00 26.58  ? 108  GLN A CG    1 
ATOM   16   C  CD    . GLN A 1 26  ? 14.613  -0.237  -7.363  1.00 41.73  ? 108  GLN A CD    1 
ATOM   17   O  OE1   . GLN A 1 26  ? 14.282  0.074   -8.510  1.00 38.60  ? 108  GLN A OE1   1 
ATOM   18   N  NE2   . GLN A 1 26  ? 15.858  -0.580  -7.056  1.00 67.51  ? 108  GLN A NE2   1 
ATOM   19   N  N     . PRO A 1 27  ? 10.828  2.617   -8.655  1.00 14.35  ? 109  PRO A N     1 
ATOM   20   C  CA    . PRO A 1 27  ? 9.566   3.187   -9.142  1.00 15.24  ? 109  PRO A CA    1 
ATOM   21   C  C     . PRO A 1 27  ? 8.453   2.142   -9.219  1.00 15.63  ? 109  PRO A C     1 
ATOM   22   O  O     . PRO A 1 27  ? 8.722   0.899   -9.111  1.00 16.11  ? 109  PRO A O     1 
ATOM   23   C  CB    . PRO A 1 27  ? 9.956   3.658   -10.559 1.00 14.25  ? 109  PRO A CB    1 
ATOM   24   C  CG    . PRO A 1 27  ? 10.974  2.517   -11.016 1.00 12.98  ? 109  PRO A CG    1 
ATOM   25   C  CD    . PRO A 1 27  ? 11.769  2.268   -9.750  1.00 14.86  ? 109  PRO A CD    1 
ATOM   26   N  N     . ILE A 1 28  ? 7.238   2.597   -9.448  1.00 14.53  ? 110  ILE A N     1 
ATOM   27   C  CA    . ILE A 1 28  ? 6.119   1.638   -9.485  1.00 15.84  ? 110  ILE A CA    1 
ATOM   28   C  C     . ILE A 1 28  ? 6.189   0.630   -10.612 1.00 17.76  ? 110  ILE A C     1 
ATOM   29   O  O     . ILE A 1 28  ? 5.587   -0.429  -10.478 1.00 18.96  ? 110  ILE A O     1 
ATOM   30   C  CB    . ILE A 1 28  ? 4.688   2.243   -9.365  1.00 19.69  ? 110  ILE A CB    1 
ATOM   31   C  CG1   . ILE A 1 28  ? 4.326   2.991   -10.600 1.00 23.07  ? 110  ILE A CG1   1 
ATOM   32   C  CG2   . ILE A 1 28  ? 4.495   3.081   -8.039  1.00 20.71  ? 110  ILE A CG2   1 
ATOM   33   C  CD1   . ILE A 1 28  ? 2.875   2.826   -10.864 1.00 28.15  ? 110  ILE A CD1   1 
ATOM   34   N  N     . SER A 1 29  ? 6.967   0.924   -11.672 1.00 17.74  ? 111  SER A N     1 
ATOM   35   C  CA    . SER A 1 29  ? 7.144   -0.026  -12.783 1.00 17.83  ? 111  SER A CA    1 
ATOM   36   C  C     . SER A 1 29  ? 7.764   -1.349  -12.297 1.00 16.12  ? 111  SER A C     1 
ATOM   37   O  O     . SER A 1 29  ? 7.761   -2.339  -13.044 1.00 20.30  ? 111  SER A O     1 
ATOM   38   C  CB    . SER A 1 29  ? 7.979   0.617   -13.916 1.00 17.22  ? 111  SER A CB    1 
ATOM   39   O  OG    . SER A 1 29  ? 9.281   0.965   -13.476 1.00 20.45  ? 111  SER A OG    1 
ATOM   40   N  N     . LYS A 1 30  ? 8.390   -1.343  -11.126 1.00 16.98  ? 112  LYS A N     1 
ATOM   41   C  CA    . LYS A 1 30  ? 9.055   -2.554  -10.580 1.00 17.92  ? 112  LYS A CA    1 
ATOM   42   C  C     . LYS A 1 30  ? 8.109   -3.496  -9.885  1.00 19.02  ? 112  LYS A C     1 
ATOM   43   O  O     . LYS A 1 30  ? 8.474   -4.633  -9.597  1.00 22.72  ? 112  LYS A O     1 
ATOM   44   C  CB    . LYS A 1 30  ? 10.202  -2.184  -9.611  1.00 19.38  ? 112  LYS A CB    1 
ATOM   45   C  CG    . LYS A 1 30  ? 11.378  -1.474  -10.300 1.00 27.83  ? 112  LYS A CG    1 
ATOM   46   C  CD    . LYS A 1 30  ? 12.099  -2.346  -11.339 1.00 39.61  ? 112  LYS A CD    1 
ATOM   47   C  CE    . LYS A 1 30  ? 13.023  -1.524  -12.228 1.00 52.78  ? 112  LYS A CE    1 
ATOM   48   N  NZ    . LYS A 1 30  ? 14.045  -0.774  -11.438 1.00 58.30  ? 112  LYS A NZ    1 
ATOM   49   N  N     . LEU A 1 31  ? 6.892   -3.028  -9.601  1.00 17.28  ? 113  LEU A N     1 
ATOM   50   C  CA    . LEU A 1 31  ? 5.906   -3.889  -8.907  1.00 14.30  ? 113  LEU A CA    1 
ATOM   51   C  C     . LEU A 1 31  ? 5.407   -4.953  -9.856  1.00 18.84  ? 113  LEU A C     1 
ATOM   52   O  O     . LEU A 1 31  ? 5.441   -4.773  -11.077 1.00 20.26  ? 113  LEU A O     1 
ATOM   53   C  CB    . LEU A 1 31  ? 4.692   -3.062  -8.434  1.00 16.31  ? 113  LEU A CB    1 
ATOM   54   C  CG    . LEU A 1 31  ? 5.079   -1.906  -7.492  1.00 18.18  ? 113  LEU A CG    1 
ATOM   55   C  CD1   . LEU A 1 31  ? 3.825   -1.124  -7.100  1.00 17.28  ? 113  LEU A CD1   1 
ATOM   56   C  CD2   . LEU A 1 31  ? 5.710   -2.515  -6.241  1.00 17.73  ? 113  LEU A CD2   1 
ATOM   57   N  N     . THR A 1 32  ? 4.935   -6.060  -9.283  1.00 22.26  ? 114  THR A N     1 
ATOM   58   C  CA    . THR A 1 32  ? 4.389   -7.170  -10.090 1.00 21.05  ? 114  THR A CA    1 
ATOM   59   C  C     . THR A 1 32  ? 2.937   -7.448  -9.739  1.00 19.68  ? 114  THR A C     1 
ATOM   60   O  O     . THR A 1 32  ? 2.477   -7.044  -8.681  1.00 19.11  ? 114  THR A O     1 
ATOM   61   C  CB    . THR A 1 32  ? 5.192   -8.483  -9.908  1.00 21.24  ? 114  THR A CB    1 
ATOM   62   O  OG1   . THR A 1 32  ? 5.146   -8.863  -8.539  1.00 25.83  ? 114  THR A OG1   1 
ATOM   63   C  CG2   . THR A 1 32  ? 6.632   -8.284  -10.334 1.00 26.21  ? 114  THR A CG2   1 
ATOM   64   N  N     . ARG A 1 33  ? 2.238   -8.106  -10.668 1.00 21.69  ? 115  ARG A N     1 
ATOM   65   C  CA    . ARG A 1 33  ? 0.868   -8.587  -10.481 1.00 21.19  ? 115  ARG A CA    1 
ATOM   66   C  C     . ARG A 1 33  ? 0.942   -10.066 -10.144 1.00 21.67  ? 115  ARG A C     1 
ATOM   67   O  O     . ARG A 1 33  ? 1.873   -10.772 -10.570 1.00 22.58  ? 115  ARG A O     1 
ATOM   68   C  CB    . ARG A 1 33  ? 0.068   -8.475  -11.797 1.00 21.37  ? 115  ARG A CB    1 
ATOM   69   C  CG    . ARG A 1 33  ? -0.283  -7.054  -12.174 1.00 21.17  ? 115  ARG A CG    1 
ATOM   70   C  CD    . ARG A 1 33  ? -1.248  -6.971  -13.359 1.00 17.23  ? 115  ARG A CD    1 
ATOM   71   N  NE    . ARG A 1 33  ? -1.157  -5.597  -13.835 1.00 17.60  ? 115  ARG A NE    1 
ATOM   72   C  CZ    . ARG A 1 33  ? -1.795  -4.552  -13.304 1.00 19.08  ? 115  ARG A CZ    1 
ATOM   73   N  NH1   . ARG A 1 33  ? -2.705  -4.715  -12.350 1.00 19.96  ? 115  ARG A NH1   1 
ATOM   74   N  NH2   . ARG A 1 33  ? -1.507  -3.327  -13.767 1.00 16.91  ? 115  ARG A NH2   1 
ATOM   75   N  N     . ALA A 1 34  ? -0.050  -10.576 -9.423  1.00 20.54  ? 116  ALA A N     1 
ATOM   76   C  CA    . ALA A 1 34  ? -0.043  -12.016 -9.079  1.00 23.78  ? 116  ALA A CA    1 
ATOM   77   C  C     . ALA A 1 34  ? -0.290  -12.866 -10.352 1.00 25.86  ? 116  ALA A C     1 
ATOM   78   O  O     . ALA A 1 34  ? 0.316   -13.942 -10.564 1.00 26.78  ? 116  ALA A O     1 
ATOM   79   C  CB    . ALA A 1 34  ? -1.091  -12.294 -8.007  1.00 21.23  ? 116  ALA A CB    1 
ATOM   80   N  N     . THR A 1 35  ? -1.152  -12.331 -11.209 1.00 23.05  ? 117  THR A N     1 
ATOM   81   C  CA    . THR A 1 35  ? -1.611  -12.991 -12.424 1.00 19.92  ? 117  THR A CA    1 
ATOM   82   C  C     . THR A 1 35  ? -1.893  -11.894 -13.404 1.00 21.87  ? 117  THR A C     1 
ATOM   83   O  O     . THR A 1 35  ? -2.137  -10.764 -13.003 1.00 20.66  ? 117  THR A O     1 
ATOM   84   C  CB    . THR A 1 35  ? -2.952  -13.773 -12.189 1.00 19.52  ? 117  THR A CB    1 
ATOM   85   O  OG1   . THR A 1 35  ? -4.032  -12.848 -11.979 1.00 22.18  ? 117  THR A OG1   1 
ATOM   86   C  CG2   . THR A 1 35  ? -2.847  -14.742 -11.020 1.00 24.50  ? 117  THR A CG2   1 
ATOM   87   N  N     . PRO A 1 36  ? -1.951  -12.205 -14.704 1.00 22.21  ? 118  PRO A N     1 
ATOM   88   C  CA    . PRO A 1 36  ? -2.237  -11.164 -15.708 1.00 21.50  ? 118  PRO A CA    1 
ATOM   89   C  C     . PRO A 1 36  ? -3.552  -10.400 -15.453 1.00 22.07  ? 118  PRO A C     1 
ATOM   90   O  O     . PRO A 1 36  ? -3.630  -9.184  -15.709 1.00 22.36  ? 118  PRO A O     1 
ATOM   91   C  CB    . PRO A 1 36  ? -2.268  -11.934 -17.054 1.00 18.38  ? 118  PRO A CB    1 
ATOM   92   C  CG    . PRO A 1 36  ? -1.597  -13.251 -16.782 1.00 26.59  ? 118  PRO A CG    1 
ATOM   93   C  CD    . PRO A 1 36  ? -1.713  -13.540 -15.304 1.00 19.17  ? 118  PRO A CD    1 
ATOM   94   N  N     . GLY A 1 37  ? -4.548  -11.085 -14.891 1.00 20.22  ? 119  GLY A N     1 
ATOM   95   C  CA    . GLY A 1 37  ? -5.828  -10.446 -14.599 1.00 17.76  ? 119  GLY A CA    1 
ATOM   96   C  C     . GLY A 1 37  ? -5.970  -9.817  -13.208 1.00 18.30  ? 119  GLY A C     1 
ATOM   97   O  O     . GLY A 1 37  ? -7.049  -9.299  -12.895 1.00 20.14  ? 119  GLY A O     1 
ATOM   98   N  N     . SER A 1 38  ? -4.883  -9.836  -12.413 1.00 16.51  ? 120  SER A N     1 
ATOM   99   C  CA    . SER A 1 38  ? -4.927  -9.205  -11.055 1.00 14.44  ? 120  SER A CA    1 
ATOM   100  C  C     . SER A 1 38  ? -5.087  -7.689  -11.159 1.00 17.62  ? 120  SER A C     1 
ATOM   101  O  O     . SER A 1 38  ? -4.381  -7.053  -11.913 1.00 17.55  ? 120  SER A O     1 
ATOM   102  C  CB    . SER A 1 38  ? -3.681  -9.602  -10.239 1.00 16.93  ? 120  SER A CB    1 
ATOM   103  O  OG    . SER A 1 38  ? -3.687  -11.011 -9.966  1.00 20.94  ? 120  SER A OG    1 
ATOM   104  N  N     . ALA A 1 39  ? -6.034  -7.091  -10.445 1.00 15.42  ? 121  ALA A N     1 
ATOM   105  C  CA    . ALA A 1 39  ? -6.219  -5.627  -10.492 1.00 15.67  ? 121  ALA A CA    1 
ATOM   106  C  C     . ALA A 1 39  ? -5.043  -4.909  -9.776  1.00 17.05  ? 121  ALA A C     1 
ATOM   107  O  O     . ALA A 1 39  ? -4.667  -3.795  -10.162 1.00 16.28  ? 121  ALA A O     1 
ATOM   108  C  CB    . ALA A 1 39  ? -7.541  -5.207  -9.862  1.00 17.38  ? 121  ALA A CB    1 
ATOM   109  N  N     . GLY A 1 40  ? -4.510  -5.516  -8.704  1.00 16.24  ? 122  GLY A N     1 
ATOM   110  C  CA    . GLY A 1 40  ? -3.536  -4.791  -7.870  1.00 14.68  ? 122  GLY A CA    1 
ATOM   111  C  C     . GLY A 1 40  ? -2.095  -5.163  -8.178  1.00 13.32  ? 122  GLY A C     1 
ATOM   112  O  O     . GLY A 1 40  ? -1.779  -6.248  -8.705  1.00 15.30  ? 122  GLY A O     1 
ATOM   113  N  N     . LEU A 1 41  ? -1.249  -4.172  -7.871  1.00 13.46  ? 123  LEU A N     1 
ATOM   114  C  CA    . LEU A 1 41  ? 0.222   -4.350  -7.973  1.00 14.32  ? 123  LEU A CA    1 
ATOM   115  C  C     . LEU A 1 41  ? 0.678   -4.585  -6.538  1.00 15.11  ? 123  LEU A C     1 
ATOM   116  O  O     . LEU A 1 41  ? 0.470   -3.737  -5.691  1.00 15.93  ? 123  LEU A O     1 
ATOM   117  C  CB    . LEU A 1 41  ? 0.812   -3.055  -8.516  1.00 15.79  ? 123  LEU A CB    1 
ATOM   118  C  CG    . LEU A 1 41  ? 0.402   -2.808  -9.972  1.00 18.27  ? 123  LEU A CG    1 
ATOM   119  C  CD1   . LEU A 1 41  ? 0.939   -1.406  -10.396 1.00 20.41  ? 123  LEU A CD1   1 
ATOM   120  C  CD2   . LEU A 1 41  ? 0.949   -3.885  -10.883 1.00 20.80  ? 123  LEU A CD2   1 
ATOM   121  N  N     . ASP A 1 42  ? 1.330   -5.696  -6.273  1.00 16.09  ? 124  ASP A N     1 
ATOM   122  C  CA    . ASP A 1 42  ? 1.568   -6.034  -4.865  1.00 13.86  ? 124  ASP A CA    1 
ATOM   123  C  C     . ASP A 1 42  ? 2.713   -5.215  -4.277  1.00 16.66  ? 124  ASP A C     1 
ATOM   124  O  O     . ASP A 1 42  ? 3.718   -4.927  -4.952  1.00 16.73  ? 124  ASP A O     1 
ATOM   125  C  CB    . ASP A 1 42  ? 1.798   -7.531  -4.723  1.00 15.49  ? 124  ASP A CB    1 
ATOM   126  C  CG    . ASP A 1 42  ? 0.512   -8.294  -4.978  1.00 21.05  ? 124  ASP A CG    1 
ATOM   127  O  OD1   . ASP A 1 42  ? -0.566  -7.818  -4.558  1.00 23.88  ? 124  ASP A OD1   1 
ATOM   128  O  OD2   . ASP A 1 42  ? 0.598   -9.373  -5.569  1.00 26.08  ? 124  ASP A OD2   1 
ATOM   129  N  N     . LEU A 1 43  ? 2.563   -4.924  -2.989  1.00 17.19  ? 125  LEU A N     1 
ATOM   130  C  CA    . LEU A 1 43  ? 3.553   -4.147  -2.259  1.00 18.10  ? 125  LEU A CA    1 
ATOM   131  C  C     . LEU A 1 43  ? 4.058   -4.978  -1.094  1.00 17.88  ? 125  LEU A C     1 
ATOM   132  O  O     . LEU A 1 43  ? 3.276   -5.585  -0.352  1.00 18.66  ? 125  LEU A O     1 
ATOM   133  C  CB    . LEU A 1 43  ? 2.862   -2.884  -1.716  1.00 18.01  ? 125  LEU A CB    1 
ATOM   134  C  CG    . LEU A 1 43  ? 2.413   -1.843  -2.763  1.00 20.98  ? 125  LEU A CG    1 
ATOM   135  C  CD1   . LEU A 1 43  ? 1.427   -0.900  -2.080  1.00 21.04  ? 125  LEU A CD1   1 
ATOM   136  C  CD2   . LEU A 1 43  ? 3.634   -1.055  -3.234  1.00 20.74  ? 125  LEU A CD2   1 
ATOM   137  N  N     . CYS A 1 44  ? 5.380   -4.969  -0.926  1.00 21.37  ? 126  CYS A N     1 
ATOM   138  C  CA    . CYS A 1 44  ? 6.054   -5.779  0.099   1.00 25.97  ? 126  CYS A CA    1 
ATOM   139  C  C     . CYS A 1 44  ? 6.672   -4.851  1.143   1.00 26.67  ? 126  CYS A C     1 
ATOM   140  O  O     . CYS A 1 44  ? 6.967   -3.691  0.878   1.00 29.36  ? 126  CYS A O     1 
ATOM   141  C  CB    . CYS A 1 44  ? 7.160   -6.678  -0.513  1.00 26.54  ? 126  CYS A CB    1 
ATOM   142  S  SG    . CYS A 1 44  ? 6.654   -7.690  -2.004  1.00 42.77  ? 126  CYS A SG    1 
ATOM   143  N  N     A SER A 1 45  ? 6.817   -5.421  2.329   0.80 23.84  ? 127  SER A N     1 
ATOM   144  N  N     B SER A 1 45  ? 6.843   -5.367  2.357   0.20 21.46  ? 127  SER A N     1 
ATOM   145  C  CA    A SER A 1 45  ? 7.512   -4.884  3.452   0.80 25.22  ? 127  SER A CA    1 
ATOM   146  C  CA    B SER A 1 45  ? 7.436   -4.599  3.440   0.20 17.36  ? 127  SER A CA    1 
ATOM   147  C  C     A SER A 1 45  ? 9.037   -4.887  3.245   0.80 22.96  ? 127  SER A C     1 
ATOM   148  C  C     B SER A 1 45  ? 8.952   -4.835  3.485   0.20 16.92  ? 127  SER A C     1 
ATOM   149  O  O     A SER A 1 45  ? 9.574   -5.919  2.893   0.80 23.97  ? 127  SER A O     1 
ATOM   150  O  O     B SER A 1 45  ? 9.395   -5.971  3.582   0.20 13.29  ? 127  SER A O     1 
ATOM   151  C  CB    A SER A 1 45  ? 7.217   -5.904  4.573   0.80 27.47  ? 127  SER A CB    1 
ATOM   152  C  CB    B SER A 1 45  ? 6.785   -5.010  4.775   0.20 17.65  ? 127  SER A CB    1 
ATOM   153  O  OG    A SER A 1 45  ? 7.224   -7.253  4.031   0.80 26.69  ? 127  SER A OG    1 
ATOM   154  O  OG    B SER A 1 45  ? 7.562   -4.609  5.890   0.20 12.73  ? 127  SER A OG    1 
ATOM   155  N  N     . THR A 1 46  ? 9.731   -3.756  3.421   1.00 20.04  ? 128  THR A N     1 
ATOM   156  C  CA    . THR A 1 46  ? 11.215  -3.838  3.394   1.00 21.10  ? 128  THR A CA    1 
ATOM   157  C  C     . THR A 1 46  ? 11.843  -4.217  4.722   1.00 20.03  ? 128  THR A C     1 
ATOM   158  O  O     . THR A 1 46  ? 13.054  -4.475  4.805   1.00 18.91  ? 128  THR A O     1 
ATOM   159  C  CB    . THR A 1 46  ? 11.873  -2.589  2.866   1.00 21.81  ? 128  THR A CB    1 
ATOM   160  O  OG1   . THR A 1 46  ? 11.523  -1.471  3.645   1.00 25.51  ? 128  THR A OG1   1 
ATOM   161  C  CG2   . THR A 1 46  ? 11.545  -2.351  1.392   1.00 28.92  ? 128  THR A CG2   1 
ATOM   162  N  N     . SER A 1 47  ? 11.044  -4.254  5.774   1.00 17.59  ? 129  SER A N     1 
ATOM   163  C  CA    A SER A 1 47  ? 11.518  -4.636  7.113   0.50 19.06  ? 129  SER A CA    1 
ATOM   164  C  CA    B SER A 1 47  ? 11.576  -4.745  7.041   0.50 19.03  ? 129  SER A CA    1 
ATOM   165  C  C     . SER A 1 47  ? 10.644  -5.732  7.720   1.00 19.32  ? 129  SER A C     1 
ATOM   166  O  O     . SER A 1 47  ? 9.477   -5.878  7.350   1.00 21.11  ? 129  SER A O     1 
ATOM   167  C  CB    A SER A 1 47  ? 11.514  -3.426  8.065   0.50 19.85  ? 129  SER A CB    1 
ATOM   168  C  CB    B SER A 1 47  ? 11.908  -3.593  7.984   0.50 20.01  ? 129  SER A CB    1 
ATOM   169  O  OG    A SER A 1 47  ? 12.443  -2.430  7.666   0.50 21.94  ? 129  SER A OG    1 
ATOM   170  O  OG    B SER A 1 47  ? 10.722  -2.891  8.271   0.50 20.37  ? 129  SER A OG    1 
ATOM   171  N  N     . HIS A 1 48  ? 11.198  -6.463  8.674   1.00 16.18  ? 130  HIS A N     1 
ATOM   172  C  CA    . HIS A 1 48  ? 10.419  -7.346  9.478   1.00 19.96  ? 130  HIS A CA    1 
ATOM   173  C  C     . HIS A 1 48  ? 9.706   -6.433  10.452  1.00 27.60  ? 130  HIS A C     1 
ATOM   174  O  O     . HIS A 1 48  ? 10.367  -5.605  11.129  1.00 32.29  ? 130  HIS A O     1 
ATOM   175  C  CB    . HIS A 1 48  ? 11.388  -8.209  10.281  1.00 20.45  ? 130  HIS A CB    1 
ATOM   176  C  CG    . HIS A 1 48  ? 10.713  -9.246  11.106  1.00 24.69  ? 130  HIS A CG    1 
ATOM   177  N  ND1   . HIS A 1 48  ? 10.387  -10.494 10.608  1.00 25.17  ? 130  HIS A ND1   1 
ATOM   178  C  CD2   . HIS A 1 48  ? 10.333  -9.247  12.406  1.00 30.46  ? 130  HIS A CD2   1 
ATOM   179  C  CE1   . HIS A 1 48  ? 9.809   -11.207 11.563  1.00 29.00  ? 130  HIS A CE1   1 
ATOM   180  N  NE2   . HIS A 1 48  ? 9.773   -10.479 12.664  1.00 24.71  ? 130  HIS A NE2   1 
ATOM   181  N  N     . THR A 1 49  ? 8.401   -6.590  10.525  1.00 28.51  ? 131  THR A N     1 
ATOM   182  C  CA    . THR A 1 49  ? 7.615   -5.805  11.493  1.00 32.05  ? 131  THR A CA    1 
ATOM   183  C  C     . THR A 1 49  ? 6.602   -6.695  12.327  1.00 26.79  ? 131  THR A C     1 
ATOM   184  O  O     . THR A 1 49  ? 5.981   -7.644  11.845  1.00 21.91  ? 131  THR A O     1 
ATOM   185  C  CB    . THR A 1 49  ? 6.975   -4.491  10.831  1.00 31.48  ? 131  THR A CB    1 
ATOM   186  O  OG1   . THR A 1 49  ? 7.924   -3.831  9.947   1.00 40.74  ? 131  THR A OG1   1 
ATOM   187  C  CG2   . THR A 1 49  ? 6.544   -3.460  11.873  1.00 34.45  ? 131  THR A CG2   1 
ATOM   188  N  N     . VAL A 1 50  ? 6.596   -6.447  13.629  1.00 23.66  ? 132  VAL A N     1 
ATOM   189  C  CA    . VAL A 1 50  ? 5.673   -7.129  14.549  1.00 17.13  ? 132  VAL A CA    1 
ATOM   190  C  C     . VAL A 1 50  ? 4.728   -6.014  14.991  1.00 16.34  ? 132  VAL A C     1 
ATOM   191  O  O     . VAL A 1 50  ? 5.198   -4.921  15.337  1.00 15.90  ? 132  VAL A O     1 
ATOM   192  C  CB    . VAL A 1 50  ? 6.436   -7.702  15.757  1.00 19.70  ? 132  VAL A CB    1 
ATOM   193  C  CG1   . VAL A 1 50  ? 5.528   -8.424  16.726  1.00 19.37  ? 132  VAL A CG1   1 
ATOM   194  C  CG2   . VAL A 1 50  ? 7.565   -8.604  15.276  1.00 22.17  ? 132  VAL A CG2   1 
ATOM   195  N  N     . LEU A 1 51  ? 3.438   -6.302  14.950  1.00 14.18  ? 133  LEU A N     1 
ATOM   196  C  CA    . LEU A 1 51  ? 2.394   -5.336  15.347  1.00 14.83  ? 133  LEU A CA    1 
ATOM   197  C  C     . LEU A 1 51  ? 1.465   -5.925  16.345  1.00 16.85  ? 133  LEU A C     1 
ATOM   198  O  O     . LEU A 1 51  ? 1.066   -7.100  16.256  1.00 15.99  ? 133  LEU A O     1 
ATOM   199  C  CB    . LEU A 1 51  ? 1.568   -4.907  14.144  1.00 15.98  ? 133  LEU A CB    1 
ATOM   200  C  CG    . LEU A 1 51  ? 2.359   -4.276  12.981  1.00 17.45  ? 133  LEU A CG    1 
ATOM   201  C  CD1   . LEU A 1 51  ? 1.445   -3.900  11.881  1.00 22.77  ? 133  LEU A CD1   1 
ATOM   202  C  CD2   . LEU A 1 51  ? 3.083   -3.041  13.401  1.00 26.06  ? 133  LEU A CD2   1 
ATOM   203  N  N     . THR A 1 52  ? 1.122   -5.125  17.339  1.00 13.69  ? 134  THR A N     1 
ATOM   204  C  CA    . THR A 1 52  ? 0.169   -5.548  18.366  1.00 15.27  ? 134  THR A CA    1 
ATOM   205  C  C     . THR A 1 52  ? -1.004  -4.598  18.327  1.00 14.14  ? 134  THR A C     1 
ATOM   206  O  O     . THR A 1 52  ? -0.880  -3.486  17.834  1.00 14.92  ? 134  THR A O     1 
ATOM   207  C  CB    . THR A 1 52  ? 0.742   -5.476  19.765  1.00 15.33  ? 134  THR A CB    1 
ATOM   208  O  OG1   . THR A 1 52  ? 1.163   -4.127  20.007  1.00 16.52  ? 134  THR A OG1   1 
ATOM   209  C  CG2   . THR A 1 52  ? 1.919   -6.465  19.872  1.00 17.52  ? 134  THR A CG2   1 
ATOM   210  N  N     . PRO A 1 53  ? -2.176  -5.065  18.789  1.00 16.81  ? 135  PRO A N     1 
ATOM   211  C  CA    . PRO A 1 53  ? -3.326  -4.122  18.690  1.00 21.75  ? 135  PRO A CA    1 
ATOM   212  C  C     . PRO A 1 53  ? -3.102  -2.777  19.410  1.00 20.21  ? 135  PRO A C     1 
ATOM   213  O  O     . PRO A 1 53  ? -3.484  -1.699  18.858  1.00 20.51  ? 135  PRO A O     1 
ATOM   214  C  CB    . PRO A 1 53  ? -4.487  -4.903  19.290  1.00 23.41  ? 135  PRO A CB    1 
ATOM   215  C  CG    . PRO A 1 53  ? -4.116  -6.322  19.168  1.00 26.17  ? 135  PRO A CG    1 
ATOM   216  C  CD    . PRO A 1 53  ? -2.573  -6.412  19.201  1.00 16.95  ? 135  PRO A CD    1 
ATOM   217  N  N     . GLU A 1 54  ? -2.421  -2.815  20.563  1.00 15.69  ? 136  GLU A N     1 
ATOM   218  C  CA    . GLU A 1 54  ? -2.302  -1.566  21.338  1.00 16.81  ? 136  GLU A CA    1 
ATOM   219  C  C     . GLU A 1 54  ? -1.370  -0.550  20.670  1.00 18.23  ? 136  GLU A C     1 
ATOM   220  O  O     . GLU A 1 54  ? -1.354  0.624   21.041  1.00 19.51  ? 136  GLU A O     1 
ATOM   221  C  CB    . GLU A 1 54  ? -1.892  -1.832  22.790  1.00 16.81  ? 136  GLU A CB    1 
ATOM   222  C  CG    . GLU A 1 54  ? -0.468  -2.464  22.951  1.00 18.19  ? 136  GLU A CG    1 
ATOM   223  C  CD    . GLU A 1 54  ? -0.422  -3.984  22.904  1.00 27.78  ? 136  GLU A CD    1 
ATOM   224  O  OE1   . GLU A 1 54  ? -1.447  -4.669  22.504  1.00 19.91  ? 136  GLU A OE1   1 
ATOM   225  O  OE2   . GLU A 1 54  ? 0.676   -4.479  23.312  1.00 22.69  ? 136  GLU A OE2   1 
ATOM   226  N  N     . MET A 1 55  ? -0.603  -0.990  19.666  1.00 16.73  ? 137  MET A N     1 
ATOM   227  C  CA    . MET A 1 55  ? 0.229   -0.071  18.895  1.00 15.65  ? 137  MET A CA    1 
ATOM   228  C  C     . MET A 1 55  ? -0.535  0.900   18.039  1.00 22.10  ? 137  MET A C     1 
ATOM   229  O  O     . MET A 1 55  ? 0.004   1.980   17.664  1.00 21.48  ? 137  MET A O     1 
ATOM   230  C  CB    . MET A 1 55  ? 1.177   -0.840  17.992  1.00 17.75  ? 137  MET A CB    1 
ATOM   231  C  CG    . MET A 1 55  ? 2.297   -1.398  18.802  1.00 16.45  ? 137  MET A CG    1 
ATOM   232  S  SD    . MET A 1 55  ? 3.405   -2.523  17.890  1.00 17.76  ? 137  MET A SD    1 
ATOM   233  C  CE    . MET A 1 55  ? 4.086   -1.383  16.700  1.00 23.46  ? 137  MET A CE    1 
ATOM   234  N  N     . GLY A 1 56  ? -1.740  0.508   17.652  1.00 17.35  ? 138  GLY A N     1 
ATOM   235  C  CA    . GLY A 1 56  ? -2.454  1.366   16.653  1.00 20.61  ? 138  GLY A CA    1 
ATOM   236  C  C     . GLY A 1 56  ? -1.748  1.464   15.273  1.00 26.43  ? 138  GLY A C     1 
ATOM   237  O  O     . GLY A 1 56  ? -0.875  0.639   14.933  1.00 25.28  ? 138  GLY A O     1 
ATOM   238  N  N     . PRO A 1 57  ? -2.175  2.421   14.442  1.00 22.05  ? 139  PRO A N     1 
ATOM   239  C  CA    . PRO A 1 57  ? -1.684  2.502   13.070  1.00 18.25  ? 139  PRO A CA    1 
ATOM   240  C  C     . PRO A 1 57  ? -0.169  2.690   12.965  1.00 19.82  ? 139  PRO A C     1 
ATOM   241  O  O     . PRO A 1 57  ? 0.402   3.533   13.650  1.00 21.05  ? 139  PRO A O     1 
ATOM   242  C  CB    . PRO A 1 57  ? -2.370  3.763   12.541  1.00 18.58  ? 139  PRO A CB    1 
ATOM   243  C  CG    . PRO A 1 57  ? -3.707  3.736   13.316  1.00 22.16  ? 139  PRO A CG    1 
ATOM   244  C  CD    . PRO A 1 57  ? -3.252  3.392   14.712  1.00 21.39  ? 139  PRO A CD    1 
ATOM   245  N  N     . GLN A 1 58  ? 0.446   1.909   12.081  1.00 17.18  ? 140  GLN A N     1 
ATOM   246  C  CA    . GLN A 1 58  ? 1.855   2.008   11.809  1.00 16.06  ? 140  GLN A CA    1 
ATOM   247  C  C     . GLN A 1 58  ? 2.095   2.196   10.312  1.00 17.30  ? 140  GLN A C     1 
ATOM   248  O  O     . GLN A 1 58  ? 1.386   1.583   9.530   1.00 20.10  ? 140  GLN A O     1 
ATOM   249  C  CB    . GLN A 1 58  ? 2.550   0.716   12.211  1.00 18.76  ? 140  GLN A CB    1 
ATOM   250  C  CG    . GLN A 1 58  ? 2.448   0.406   13.684  1.00 22.68  ? 140  GLN A CG    1 
ATOM   251  C  CD    . GLN A 1 58  ? 3.267   1.345   14.514  1.00 41.96  ? 140  GLN A CD    1 
ATOM   252  O  OE1   . GLN A 1 58  ? 4.468   1.493   14.287  1.00 31.09  ? 140  GLN A OE1   1 
ATOM   253  N  NE2   . GLN A 1 58  ? 2.639   1.975   15.495  1.00 31.75  ? 140  GLN A NE2   1 
ATOM   254  N  N     . ALA A 1 59  ? 3.091   3.012   9.934   1.00 15.98  ? 141  ALA A N     1 
ATOM   255  C  CA    . ALA A 1 59  ? 3.349   3.248   8.517   1.00 18.07  ? 141  ALA A CA    1 
ATOM   256  C  C     . ALA A 1 59  ? 4.504   2.359   8.104   1.00 19.17  ? 141  ALA A C     1 
ATOM   257  O  O     . ALA A 1 59  ? 5.619   2.518   8.596   1.00 22.78  ? 141  ALA A O     1 
ATOM   258  C  CB    . ALA A 1 59  ? 3.639   4.751   8.234   1.00 19.25  ? 141  ALA A CB    1 
ATOM   259  N  N     . LEU A 1 60  ? 4.237   1.355   7.259   1.00 15.22  ? 142  LEU A N     1 
ATOM   260  C  CA    . LEU A 1 60  ? 5.290   0.438   6.848   1.00 17.22  ? 142  LEU A CA    1 
ATOM   261  C  C     . LEU A 1 60  ? 5.971   0.840   5.540   1.00 17.91  ? 142  LEU A C     1 
ATOM   262  O  O     . LEU A 1 60  ? 5.290   1.274   4.629   1.00 19.02  ? 142  LEU A O     1 
ATOM   263  C  CB    . LEU A 1 60  ? 4.726   -0.965  6.650   1.00 16.09  ? 142  LEU A CB    1 
ATOM   264  C  CG    . LEU A 1 60  ? 3.817   -1.505  7.772   1.00 24.96  ? 142  LEU A CG    1 
ATOM   265  C  CD1   . LEU A 1 60  ? 3.232   -2.868  7.411   1.00 23.18  ? 142  LEU A CD1   1 
ATOM   266  C  CD2   . LEU A 1 60  ? 4.544   -1.619  9.093   1.00 24.58  ? 142  LEU A CD2   1 
ATOM   267  N  N     . SER A 1 61  ? 7.302   0.723   5.509   1.00 18.67  ? 143  SER A N     1 
ATOM   268  C  CA    . SER A 1 61  ? 8.121   1.201   4.407   1.00 20.02  ? 143  SER A CA    1 
ATOM   269  C  C     . SER A 1 61  ? 8.084   0.138   3.343   1.00 18.80  ? 143  SER A C     1 
ATOM   270  O  O     . SER A 1 61  ? 8.075   -1.082  3.612   1.00 18.34  ? 143  SER A O     1 
ATOM   271  C  CB    . SER A 1 61  ? 9.569   1.317   4.892   1.00 21.76  ? 143  SER A CB    1 
ATOM   272  O  OG    . SER A 1 61  ? 9.679   2.248   5.969   1.00 28.30  ? 143  SER A OG    1 
ATOM   273  N  N     . THR A 1 62  ? 8.055   0.602   2.099   1.00 19.49  ? 144  THR A N     1 
ATOM   274  C  CA    . THR A 1 62  ? 8.033   -0.311  0.951   1.00 17.39  ? 144  THR A CA    1 
ATOM   275  C  C     . THR A 1 62  ? 9.243   -0.139  0.047   1.00 18.51  ? 144  THR A C     1 
ATOM   276  O  O     . THR A 1 62  ? 9.511   -1.028  -0.758  1.00 24.08  ? 144  THR A O     1 
ATOM   277  C  CB    . THR A 1 62  ? 6.804   -0.057  0.019   1.00 20.95  ? 144  THR A CB    1 
ATOM   278  O  OG1   . THR A 1 62  ? 6.901   1.267   -0.522  1.00 20.61  ? 144  THR A OG1   1 
ATOM   279  C  CG2   . THR A 1 62  ? 5.439   -0.218  0.771   1.00 19.30  ? 144  THR A CG2   1 
ATOM   280  N  N     . GLY A 1 63  ? 9.910   1.002   0.122   1.00 17.33  ? 145  GLY A N     1 
ATOM   281  C  CA    . GLY A 1 63  ? 11.036  1.268   -0.785  1.00 16.47  ? 145  GLY A CA    1 
ATOM   282  C  C     . GLY A 1 63  ? 10.579  1.568   -2.227  1.00 20.63  ? 145  GLY A C     1 
ATOM   283  O  O     . GLY A 1 63  ? 11.428  1.657   -3.130  1.00 20.51  ? 145  GLY A O     1 
ATOM   284  N  N     . ILE A 1 64  ? 9.260   1.703   -2.441  1.00 16.79  ? 146  ILE A N     1 
ATOM   285  C  CA    . ILE A 1 64  ? 8.676   2.018   -3.789  1.00 13.40  ? 146  ILE A CA    1 
ATOM   286  C  C     . ILE A 1 64  ? 8.209   3.467   -3.738  1.00 16.42  ? 146  ILE A C     1 
ATOM   287  O  O     . ILE A 1 64  ? 7.627   3.910   -2.710  1.00 16.19  ? 146  ILE A O     1 
ATOM   288  C  CB    . ILE A 1 64  ? 7.459   1.093   -4.054  1.00 17.55  ? 146  ILE A CB    1 
ATOM   289  C  CG1   . ILE A 1 64  ? 7.973   -0.357  -3.993  1.00 19.09  ? 146  ILE A CG1   1 
ATOM   290  C  CG2   . ILE A 1 64  ? 6.805   1.362   -5.406  1.00 16.80  ? 146  ILE A CG2   1 
ATOM   291  C  CD1   . ILE A 1 64  ? 8.954   -0.736  -5.049  1.00 20.23  ? 146  ILE A CD1   1 
ATOM   292  N  N     . TYR A 1 65  ? 8.480   4.183   -4.829  1.00 15.60  ? 147  TYR A N     1 
ATOM   293  C  CA    . TYR A 1 65  ? 8.237   5.633   -4.861  1.00 16.47  ? 147  TYR A CA    1 
ATOM   294  C  C     . TYR A 1 65  ? 7.279   5.981   -5.967  1.00 15.47  ? 147  TYR A C     1 
ATOM   295  O  O     . TYR A 1 65  ? 7.300   5.377   -7.032  1.00 15.45  ? 147  TYR A O     1 
ATOM   296  C  CB    . TYR A 1 65  ? 9.576   6.374   -5.077  1.00 15.99  ? 147  TYR A CB    1 
ATOM   297  C  CG    . TYR A 1 65  ? 10.435  6.374   -3.810  1.00 16.21  ? 147  TYR A CG    1 
ATOM   298  C  CD1   . TYR A 1 65  ? 11.042  5.193   -3.368  1.00 17.58  ? 147  TYR A CD1   1 
ATOM   299  C  CD2   . TYR A 1 65  ? 10.592  7.547   -3.019  1.00 20.18  ? 147  TYR A CD2   1 
ATOM   300  C  CE1   . TYR A 1 65  ? 11.800  5.162   -2.181  1.00 16.99  ? 147  TYR A CE1   1 
ATOM   301  C  CE2   . TYR A 1 65  ? 11.329  7.504   -1.822  1.00 20.36  ? 147  TYR A CE2   1 
ATOM   302  C  CZ    . TYR A 1 65  ? 11.960  6.309   -1.445  1.00 20.44  ? 147  TYR A CZ    1 
ATOM   303  O  OH    . TYR A 1 65  ? 12.668  6.257   -0.248  1.00 24.48  ? 147  TYR A OH    1 
ATOM   304  N  N     . GLY A 1 66  ? 6.444   6.996   -5.724  1.00 16.27  ? 148  GLY A N     1 
ATOM   305  C  CA    . GLY A 1 66  ? 5.702   7.643   -6.834  1.00 17.36  ? 148  GLY A CA    1 
ATOM   306  C  C     . GLY A 1 66  ? 6.740   8.299   -7.785  1.00 15.23  ? 148  GLY A C     1 
ATOM   307  O  O     . GLY A 1 66  ? 7.949   8.339   -7.482  1.00 15.99  ? 148  GLY A O     1 
ATOM   308  N  N     . PRO A 1 67  ? 6.273   8.877   -8.896  1.00 16.83  ? 149  PRO A N     1 
ATOM   309  C  CA    . PRO A 1 67  ? 4.883   9.184   -9.273  1.00 17.14  ? 149  PRO A CA    1 
ATOM   310  C  C     . PRO A 1 67  ? 4.194   8.113   -10.115 1.00 18.34  ? 149  PRO A C     1 
ATOM   311  O  O     . PRO A 1 67  ? 4.795   7.065   -10.461 1.00 19.24  ? 149  PRO A O     1 
ATOM   312  C  CB    . PRO A 1 67  ? 5.047   10.483  -10.100 1.00 16.42  ? 149  PRO A CB    1 
ATOM   313  C  CG    . PRO A 1 67  ? 6.366   10.131  -10.925 1.00 16.68  ? 149  PRO A CG    1 
ATOM   314  C  CD    . PRO A 1 67  ? 7.240   9.423   -9.869  1.00 15.86  ? 149  PRO A CD    1 
ATOM   315  N  N     . LEU A 1 68  ? 2.922   8.381   -10.413 1.00 17.26  ? 150  LEU A N     1 
ATOM   316  C  CA    . LEU A 1 68  ? 2.074   7.437   -11.101 1.00 16.99  ? 150  LEU A CA    1 
ATOM   317  C  C     . LEU A 1 68  ? 1.938   7.829   -12.566 1.00 18.24  ? 150  LEU A C     1 
ATOM   318  O  O     . LEU A 1 68  ? 2.395   8.921   -12.975 1.00 19.71  ? 150  LEU A O     1 
ATOM   319  C  CB    . LEU A 1 68  ? 0.712   7.445   -10.445 1.00 16.91  ? 150  LEU A CB    1 
ATOM   320  C  CG    . LEU A 1 68  ? 0.609   6.409   -9.315  1.00 24.95  ? 150  LEU A CG    1 
ATOM   321  C  CD1   . LEU A 1 68  ? 1.678   6.474   -8.349  1.00 22.91  ? 150  LEU A CD1   1 
ATOM   322  C  CD2   . LEU A 1 68  ? -0.718  6.627   -8.620  1.00 25.39  ? 150  LEU A CD2   1 
ATOM   323  N  N     . PRO A 1 69  ? 1.454   6.899   -13.389 1.00 18.75  ? 151  PRO A N     1 
ATOM   324  C  CA    . PRO A 1 69  ? 1.294   7.187   -14.811 1.00 18.81  ? 151  PRO A CA    1 
ATOM   325  C  C     . PRO A 1 69  ? 0.406   8.407   -15.047 1.00 18.09  ? 151  PRO A C     1 
ATOM   326  O  O     . PRO A 1 69  ? -0.507  8.717   -14.250 1.00 19.75  ? 151  PRO A O     1 
ATOM   327  C  CB    . PRO A 1 69  ? 0.605   5.919   -15.353 1.00 18.47  ? 151  PRO A CB    1 
ATOM   328  C  CG    . PRO A 1 69  ? 0.975   4.816   -14.403 1.00 20.66  ? 151  PRO A CG    1 
ATOM   329  C  CD    . PRO A 1 69  ? 1.080   5.508   -13.037 1.00 22.21  ? 151  PRO A CD    1 
ATOM   330  N  N     . PRO A 1 70  ? 0.611   9.089   -16.182 1.00 18.46  ? 152  PRO A N     1 
ATOM   331  C  CA    . PRO A 1 70  ? -0.191  10.263  -16.464 1.00 15.35  ? 152  PRO A CA    1 
ATOM   332  C  C     . PRO A 1 70  ? -1.705  9.989   -16.338 1.00 17.80  ? 152  PRO A C     1 
ATOM   333  O  O     . PRO A 1 70  ? -2.188  8.935   -16.763 1.00 18.38  ? 152  PRO A O     1 
ATOM   334  C  CB    . PRO A 1 70  ? 0.213   10.624  -17.909 1.00 16.18  ? 152  PRO A CB    1 
ATOM   335  C  CG    . PRO A 1 70  ? 1.540   9.995   -18.101 1.00 22.87  ? 152  PRO A CG    1 
ATOM   336  C  CD    . PRO A 1 70  ? 1.644   8.852   -17.210 1.00 18.86  ? 152  PRO A CD    1 
ATOM   337  N  N     . ASN A 1 71  ? -2.432  10.939  -15.741 1.00 19.65  ? 153  ASN A N     1 
ATOM   338  C  CA    . ASN A 1 71  ? -3.904  10.874  -15.681 1.00 18.40  ? 153  ASN A CA    1 
ATOM   339  C  C     . ASN A 1 71  ? -4.457  9.744   -14.805 1.00 18.52  ? 153  ASN A C     1 
ATOM   340  O  O     . ASN A 1 71  ? -5.597  9.309   -14.955 1.00 17.78  ? 153  ASN A O     1 
ATOM   341  C  CB    . ASN A 1 71  ? -4.517  10.772  -17.062 1.00 19.22  ? 153  ASN A CB    1 
ATOM   342  C  CG    . ASN A 1 71  ? -4.003  11.875  -17.990 1.00 34.78  ? 153  ASN A CG    1 
ATOM   343  O  OD1   . ASN A 1 71  ? -4.008  13.049  -17.625 1.00 31.26  ? 153  ASN A OD1   1 
ATOM   344  N  ND2   . ASN A 1 71  ? -3.518  11.491  -19.133 1.00 32.68  ? 153  ASN A ND2   1 
ATOM   345  N  N     . THR A 1 72  ? -3.601  9.275   -13.898 1.00 18.67  ? 154  THR A N     1 
ATOM   346  C  CA    A THR A 1 72  ? -4.031  8.246   -12.925 0.80 17.94  ? 154  THR A CA    1 
ATOM   347  C  CA    B THR A 1 72  ? -3.952  8.213   -12.967 0.20 16.50  ? 154  THR A CA    1 
ATOM   348  C  C     . THR A 1 72  ? -3.671  8.626   -11.507 1.00 16.03  ? 154  THR A C     1 
ATOM   349  O  O     . THR A 1 72  ? -2.776  9.438   -11.265 1.00 18.89  ? 154  THR A O     1 
ATOM   350  C  CB    A THR A 1 72  ? -3.372  6.821   -13.153 0.80 19.39  ? 154  THR A CB    1 
ATOM   351  C  CB    B THR A 1 72  ? -3.104  6.983   -13.341 0.20 14.09  ? 154  THR A CB    1 
ATOM   352  O  OG1   A THR A 1 72  ? -1.996  6.819   -12.740 0.80 18.82  ? 154  THR A OG1   1 
ATOM   353  O  OG1   B THR A 1 72  ? -3.006  6.912   -14.774 0.20 10.52  ? 154  THR A OG1   1 
ATOM   354  C  CG2   A THR A 1 72  ? -3.542  6.333   -14.581 0.80 18.29  ? 154  THR A CG2   1 
ATOM   355  C  CG2   B THR A 1 72  ? -3.696  5.701   -12.774 0.20 22.53  ? 154  THR A CG2   1 
ATOM   356  N  N     . PHE A 1 73  ? -4.387  8.033   -10.536 1.00 13.80  ? 155  PHE A N     1 
ATOM   357  C  CA    . PHE A 1 73  ? -3.970  8.142   -9.130  1.00 14.11  ? 155  PHE A CA    1 
ATOM   358  C  C     . PHE A 1 73  ? -4.068  6.732   -8.574  1.00 15.73  ? 155  PHE A C     1 
ATOM   359  O  O     . PHE A 1 73  ? -4.436  5.795   -9.271  1.00 16.51  ? 155  PHE A O     1 
ATOM   360  C  CB    . PHE A 1 73  ? -4.846  9.149   -8.346  1.00 16.25  ? 155  PHE A CB    1 
ATOM   361  C  CG    . PHE A 1 73  ? -6.216  8.646   -8.022  1.00 16.23  ? 155  PHE A CG    1 
ATOM   362  C  CD1   . PHE A 1 73  ? -6.487  8.170   -6.745  1.00 17.48  ? 155  PHE A CD1   1 
ATOM   363  C  CD2   . PHE A 1 73  ? -7.248  8.677   -8.983  1.00 17.95  ? 155  PHE A CD2   1 
ATOM   364  C  CE1   . PHE A 1 73  ? -7.779  7.692   -6.407  1.00 19.93  ? 155  PHE A CE1   1 
ATOM   365  C  CE2   . PHE A 1 73  ? -8.572  8.192   -8.650  1.00 16.79  ? 155  PHE A CE2   1 
ATOM   366  C  CZ    . PHE A 1 73  ? -8.793  7.694   -7.370  1.00 19.41  ? 155  PHE A CZ    1 
ATOM   367  N  N     . GLY A 1 74  ? -3.695  6.543   -7.329  1.00 15.56  ? 156  GLY A N     1 
ATOM   368  C  CA    . GLY A 1 74  ? -3.639  5.173   -6.780  1.00 15.14  ? 156  GLY A CA    1 
ATOM   369  C  C     . GLY A 1 74  ? -4.480  5.035   -5.518  1.00 17.49  ? 156  GLY A C     1 
ATOM   370  O  O     . GLY A 1 74  ? -4.690  6.025   -4.779  1.00 17.22  ? 156  GLY A O     1 
ATOM   371  N  N     . LEU A 1 75  ? -4.872  3.799   -5.252  1.00 15.97  ? 157  LEU A N     1 
ATOM   372  C  CA    . LEU A 1 75  ? -5.406  3.453   -3.931  1.00 16.67  ? 157  LEU A CA    1 
ATOM   373  C  C     . LEU A 1 75  ? -4.574  2.276   -3.411  1.00 18.06  ? 157  LEU A C     1 
ATOM   374  O  O     . LEU A 1 75  ? -4.312  1.314   -4.131  1.00 18.73  ? 157  LEU A O     1 
ATOM   375  C  CB    . LEU A 1 75  ? -6.867  2.992   -4.014  1.00 19.34  ? 157  LEU A CB    1 
ATOM   376  C  CG    . LEU A 1 75  ? -7.943  4.012   -4.331  1.00 23.71  ? 157  LEU A CG    1 
ATOM   377  C  CD1   . LEU A 1 75  ? -9.327  3.336   -4.295  1.00 25.22  ? 157  LEU A CD1   1 
ATOM   378  C  CD2   . LEU A 1 75  ? -7.929  5.218   -3.328  1.00 27.90  ? 157  LEU A CD2   1 
ATOM   379  N  N     . ILE A 1 76  ? -4.201  2.378   -2.138  1.00 16.54  ? 158  ILE A N     1 
ATOM   380  C  CA    . ILE A 1 76  ? -3.546  1.285   -1.427  1.00 16.36  ? 158  ILE A CA    1 
ATOM   381  C  C     . ILE A 1 76  ? -4.629  0.564   -0.636  1.00 18.69  ? 158  ILE A C     1 
ATOM   382  O  O     . ILE A 1 76  ? -5.376  1.179   0.125   1.00 16.15  ? 158  ILE A O     1 
ATOM   383  C  CB    . ILE A 1 76  ? -2.485  1.820   -0.416  1.00 15.56  ? 158  ILE A CB    1 
ATOM   384  C  CG1   . ILE A 1 76  ? -1.466  2.706   -1.097  1.00 20.11  ? 158  ILE A CG1   1 
ATOM   385  C  CG2   . ILE A 1 76  ? -1.818  0.647   0.377   1.00 20.70  ? 158  ILE A CG2   1 
ATOM   386  C  CD1   . ILE A 1 76  ? -0.734  1.914   -2.180  1.00 22.44  ? 158  ILE A CD1   1 
ATOM   387  N  N     . LEU A 1 77  ? -4.695  -0.751  -0.819  1.00 15.63  ? 159  LEU A N     1 
ATOM   388  C  CA    . LEU A 1 77  ? -5.672  -1.630  -0.153  1.00 17.91  ? 159  LEU A CA    1 
ATOM   389  C  C     . LEU A 1 77  ? -4.987  -2.889  0.328   1.00 14.74  ? 159  LEU A C     1 
ATOM   390  O  O     . LEU A 1 77  ? -3.931  -3.286  -0.178  1.00 16.90  ? 159  LEU A O     1 
ATOM   391  C  CB    . LEU A 1 77  ? -6.817  -2.036  -1.092  1.00 19.49  ? 159  LEU A CB    1 
ATOM   392  C  CG    . LEU A 1 77  ? -7.634  -0.842  -1.615  1.00 22.67  ? 159  LEU A CG    1 
ATOM   393  C  CD1   . LEU A 1 77  ? -8.616  -1.291  -2.691  1.00 31.18  ? 159  LEU A CD1   1 
ATOM   394  C  CD2   . LEU A 1 77  ? -8.392  -0.142  -0.475  1.00 25.77  ? 159  LEU A CD2   1 
ATOM   395  N  N     . GLY A 1 78  ? -5.592  -3.502  1.335   1.00 15.70  ? 160  GLY A N     1 
ATOM   396  C  CA    . GLY A 1 78  ? -5.097  -4.783  1.849   1.00 16.54  ? 160  GLY A CA    1 
ATOM   397  C  C     . GLY A 1 78  ? -5.262  -5.922  0.826   1.00 17.02  ? 160  GLY A C     1 
ATOM   398  O  O     . GLY A 1 78  ? -6.094  -5.860  -0.059  1.00 16.79  ? 160  GLY A O     1 
ATOM   399  N  N     . ARG A 1 79  ? -4.379  -6.926  0.917   1.00 15.66  ? 161  ARG A N     1 
ATOM   400  C  CA    . ARG A 1 79  ? -4.621  -8.212  0.225   1.00 14.27  ? 161  ARG A CA    1 
ATOM   401  C  C     . ARG A 1 79  ? -5.589  -8.977  1.068   1.00 15.22  ? 161  ARG A C     1 
ATOM   402  O  O     . ARG A 1 79  ? -5.516  -8.964  2.318   1.00 15.02  ? 161  ARG A O     1 
ATOM   403  C  CB    . ARG A 1 79  ? -3.313  -8.999  0.087   1.00 14.87  ? 161  ARG A CB    1 
ATOM   404  C  CG    . ARG A 1 79  ? -2.299  -8.277  -0.800  1.00 14.52  ? 161  ARG A CG    1 
ATOM   405  C  CD    . ARG A 1 79  ? -1.004  -9.140  -0.862  1.00 15.34  ? 161  ARG A CD    1 
ATOM   406  N  NE    . ARG A 1 79  ? -1.269  -10.462 -1.444  1.00 17.62  ? 161  ARG A NE    1 
ATOM   407  C  CZ    . ARG A 1 79  ? -0.790  -11.624 -1.008  1.00 19.04  ? 161  ARG A CZ    1 
ATOM   408  N  NH1   . ARG A 1 79  ? 0.034   -11.694 0.069   1.00 23.56  ? 161  ARG A NH1   1 
ATOM   409  N  NH2   . ARG A 1 79  ? -1.084  -12.744 -1.652  1.00 18.78  ? 161  ARG A NH2   1 
ATOM   410  N  N     . SER A 1 80  ? -6.523  -9.676  0.424   1.00 13.20  ? 162  SER A N     1 
ATOM   411  C  CA    . SER A 1 80  ? -7.539  -10.369 1.233   1.00 14.16  ? 162  SER A CA    1 
ATOM   412  C  C     . SER A 1 80  ? -6.974  -11.413 2.188   1.00 14.81  ? 162  SER A C     1 
ATOM   413  O  O     . SER A 1 80  ? -7.458  -11.568 3.311   1.00 13.85  ? 162  SER A O     1 
ATOM   414  C  CB    . SER A 1 80  ? -8.634  -10.960 0.365   1.00 18.11  ? 162  SER A CB    1 
ATOM   415  O  OG    . SER A 1 80  ? -8.124  -12.045 -0.384  1.00 16.08  ? 162  SER A OG    1 
ATOM   416  N  N     . SER A 1 81  ? -5.892  -12.106 1.770   1.00 14.33  ? 163  SER A N     1 
ATOM   417  C  CA    . SER A 1 81  ? -5.351  -13.158 2.635   1.00 18.74  ? 163  SER A CA    1 
ATOM   418  C  C     . SER A 1 81  ? -4.754  -12.547 3.895   1.00 19.48  ? 163  SER A C     1 
ATOM   419  O  O     . SER A 1 81  ? -4.835  -13.151 5.003   1.00 19.57  ? 163  SER A O     1 
ATOM   420  C  CB    . SER A 1 81  ? -4.326  -14.067 1.894   1.00 15.73  ? 163  SER A CB    1 
ATOM   421  O  OG    . SER A 1 81  ? -3.310  -13.303 1.355   1.00 19.34  ? 163  SER A OG    1 
ATOM   422  N  N     . ILE A 1 82  ? -4.188  -11.351 3.747   1.00 16.17  ? 164  ILE A N     1 
ATOM   423  C  CA    . ILE A 1 82  ? -3.537  -10.637 4.855   1.00 18.25  ? 164  ILE A CA    1 
ATOM   424  C  C     . ILE A 1 82  ? -4.567  -10.077 5.806   1.00 16.30  ? 164  ILE A C     1 
ATOM   425  O  O     . ILE A 1 82  ? -4.433  -10.199 7.040   1.00 17.53  ? 164  ILE A O     1 
ATOM   426  C  CB    . ILE A 1 82  ? -2.538  -9.590  4.297   1.00 19.46  ? 164  ILE A CB    1 
ATOM   427  C  CG1   . ILE A 1 82  ? -1.487  -10.296 3.407   1.00 21.14  ? 164  ILE A CG1   1 
ATOM   428  C  CG2   . ILE A 1 82  ? -1.884  -8.864  5.417   1.00 23.51  ? 164  ILE A CG2   1 
ATOM   429  C  CD1   . ILE A 1 82  ? -0.429  -11.160 4.163   1.00 22.41  ? 164  ILE A CD1   1 
ATOM   430  N  N     . THR A 1 83  ? -5.642  -9.490  5.249   1.00 15.13  ? 165  THR A N     1 
ATOM   431  C  CA    . THR A 1 83  ? -6.761  -9.017  6.058   1.00 16.85  ? 165  THR A CA    1 
ATOM   432  C  C     . THR A 1 83  ? -7.323  -10.161 6.927   1.00 14.62  ? 165  THR A C     1 
ATOM   433  O  O     . THR A 1 83  ? -7.516  -10.011 8.143   1.00 16.81  ? 165  THR A O     1 
ATOM   434  C  CB    . THR A 1 83  ? -7.856  -8.473  5.129   1.00 15.69  ? 165  THR A CB    1 
ATOM   435  O  OG1   . THR A 1 83  ? -7.336  -7.401  4.317   1.00 16.93  ? 165  THR A OG1   1 
ATOM   436  C  CG2   . THR A 1 83  ? -9.091  -8.011  5.949   1.00 15.82  ? 165  THR A CG2   1 
ATOM   437  N  N     . MET A 1 84  ? -7.481  -11.328 6.314   1.00 13.63  ? 166  MET A N     1 
ATOM   438  C  CA    . MET A 1 84  ? -8.079  -12.451 7.025   1.00 13.56  ? 166  MET A CA    1 
ATOM   439  C  C     . MET A 1 84  ? -7.184  -12.980 8.133   1.00 17.36  ? 166  MET A C     1 
ATOM   440  O  O     . MET A 1 84  ? -7.698  -13.557 9.109   1.00 22.04  ? 166  MET A O     1 
ATOM   441  C  CB    . MET A 1 84  ? -8.504  -13.582 6.117   1.00 16.46  ? 166  MET A CB    1 
ATOM   442  C  CG    . MET A 1 84  ? -9.615  -13.175 5.166   1.00 14.69  ? 166  MET A CG    1 
ATOM   443  S  SD    . MET A 1 84  ? -11.145 -12.683 6.017   1.00 18.57  ? 166  MET A SD    1 
ATOM   444  C  CE    . MET A 1 84  ? -11.463 -14.193 6.908   1.00 24.31  ? 166  MET A CE    1 
ATOM   445  N  N     . LYS A 1 85  ? -5.871  -12.765 8.017   1.00 16.37  ? 167  LYS A N     1 
ATOM   446  C  CA    . LYS A 1 85  ? -4.938  -13.149 9.072   1.00 19.00  ? 167  LYS A CA    1 
ATOM   447  C  C     . LYS A 1 85  ? -4.786  -12.054 10.162  1.00 21.84  ? 167  LYS A C     1 
ATOM   448  O  O     . LYS A 1 85  ? -3.949  -12.206 11.086  1.00 23.90  ? 167  LYS A O     1 
ATOM   449  C  CB    . LYS A 1 85  ? -3.578  -13.450 8.434   1.00 19.16  ? 167  LYS A CB    1 
ATOM   450  C  CG    . LYS A 1 85  ? -3.510  -14.781 7.649   1.00 30.42  ? 167  LYS A CG    1 
ATOM   451  N  N     . GLY A 1 86  ? -5.597  -11.007 10.091  1.00 18.54  ? 168  GLY A N     1 
ATOM   452  C  CA    . GLY A 1 86  ? -5.733  -10.026 11.177  1.00 19.36  ? 168  GLY A CA    1 
ATOM   453  C  C     . GLY A 1 86  ? -4.881  -8.773  11.047  1.00 22.29  ? 168  GLY A C     1 
ATOM   454  O  O     . GLY A 1 86  ? -4.755  -8.018  12.018  1.00 21.47  ? 168  GLY A O     1 
ATOM   455  N  N     . LEU A 1 87  ? -4.317  -8.516  9.863   1.00 19.30  ? 169  LEU A N     1 
ATOM   456  C  CA    . LEU A 1 87  ? -3.609  -7.266  9.643   1.00 18.83  ? 169  LEU A CA    1 
ATOM   457  C  C     . LEU A 1 87  ? -4.475  -6.403  8.734   1.00 17.44  ? 169  LEU A C     1 
ATOM   458  O  O     . LEU A 1 87  ? -4.695  -6.748  7.552   1.00 19.99  ? 169  LEU A O     1 
ATOM   459  C  CB    . LEU A 1 87  ? -2.268  -7.515  8.953   1.00 21.50  ? 169  LEU A CB    1 
ATOM   460  C  CG    . LEU A 1 87  ? -1.416  -6.252  8.712   1.00 21.70  ? 169  LEU A CG    1 
ATOM   461  C  CD1   . LEU A 1 87  ? -0.957  -5.716  10.051  1.00 23.34  ? 169  LEU A CD1   1 
ATOM   462  C  CD2   . LEU A 1 87  ? -0.233  -6.710  7.907   1.00 32.14  ? 169  LEU A CD2   1 
ATOM   463  N  N     . GLN A 1 88  ? -4.976  -5.342  9.300   1.00 17.46  ? 170  GLN A N     1 
ATOM   464  C  CA    . GLN A 1 88  ? -5.813  -4.389  8.585   1.00 18.07  ? 170  GLN A CA    1 
ATOM   465  C  C     . GLN A 1 88  ? -4.936  -3.356  7.893   1.00 15.35  ? 170  GLN A C     1 
ATOM   466  O  O     . GLN A 1 88  ? -4.075  -2.694  8.525   1.00 16.82  ? 170  GLN A O     1 
ATOM   467  C  CB    . GLN A 1 88  ? -6.748  -3.661  9.569   1.00 17.91  ? 170  GLN A CB    1 
ATOM   468  C  CG    . GLN A 1 88  ? -7.491  -2.494  8.891   1.00 20.42  ? 170  GLN A CG    1 
ATOM   469  C  CD    . GLN A 1 88  ? -8.609  -1.909  9.731   1.00 24.25  ? 170  GLN A CD    1 
ATOM   470  O  OE1   . GLN A 1 88  ? -9.508  -1.256  9.194   1.00 24.76  ? 170  GLN A OE1   1 
ATOM   471  N  NE2   . GLN A 1 88  ? -8.534  -2.081  11.049  1.00 22.45  ? 170  GLN A NE2   1 
ATOM   472  N  N     . VAL A 1 89  ? -5.170  -3.183  6.594   1.00 15.13  ? 171  VAL A N     1 
ATOM   473  C  CA    . VAL A 1 89  ? -4.562  -2.056  5.876   1.00 16.47  ? 171  VAL A CA    1 
ATOM   474  C  C     . VAL A 1 89  ? -5.600  -0.951  5.682   1.00 16.47  ? 171  VAL A C     1 
ATOM   475  O  O     . VAL A 1 89  ? -6.717  -1.171  5.167   1.00 16.51  ? 171  VAL A O     1 
ATOM   476  C  CB    . VAL A 1 89  ? -3.955  -2.565  4.508   1.00 15.90  ? 171  VAL A CB    1 
ATOM   477  C  CG1   . VAL A 1 89  ? -3.589  -1.320  3.605   1.00 19.40  ? 171  VAL A CG1   1 
ATOM   478  C  CG2   . VAL A 1 89  ? -2.748  -3.396  4.782   1.00 15.38  ? 171  VAL A CG2   1 
ATOM   479  N  N     . TYR A 1 90  ? -5.280  0.270   6.123   1.00 14.97  ? 172  TYR A N     1 
ATOM   480  C  CA    . TYR A 1 90  ? -6.254  1.310   5.996   1.00 15.18  ? 172  TYR A CA    1 
ATOM   481  C  C     . TYR A 1 90  ? -6.119  1.842   4.579   1.00 15.31  ? 172  TYR A C     1 
ATOM   482  O  O     . TYR A 1 90  ? -4.994  2.160   4.102   1.00 16.43  ? 172  TYR A O     1 
ATOM   483  C  CB    . TYR A 1 90  ? -5.907  2.476   6.910   1.00 16.81  ? 172  TYR A CB    1 
ATOM   484  C  CG    . TYR A 1 90  ? -6.042  2.118   8.356   1.00 14.51  ? 172  TYR A CG    1 
ATOM   485  C  CD1   . TYR A 1 90  ? -7.302  1.875   8.901   1.00 18.54  ? 172  TYR A CD1   1 
ATOM   486  C  CD2   . TYR A 1 90  ? -4.883  1.937   9.158   1.00 17.27  ? 172  TYR A CD2   1 
ATOM   487  C  CE1   . TYR A 1 90  ? -7.432  1.509   10.280  1.00 21.24  ? 172  TYR A CE1   1 
ATOM   488  C  CE2   . TYR A 1 90  ? -4.991  1.623   10.557  1.00 17.12  ? 172  TYR A CE2   1 
ATOM   489  C  CZ    . TYR A 1 90  ? -6.286  1.394   11.091  1.00 18.38  ? 172  TYR A CZ    1 
ATOM   490  O  OH    . TYR A 1 90  ? -6.433  1.072   12.458  1.00 20.13  ? 172  TYR A OH    1 
ATOM   491  N  N     . PRO A 1 91  ? -7.225  2.015   3.890   1.00 16.07  ? 173  PRO A N     1 
ATOM   492  C  CA    . PRO A 1 91  ? -7.148  2.490   2.511   1.00 16.88  ? 173  PRO A CA    1 
ATOM   493  C  C     . PRO A 1 91  ? -6.397  3.810   2.424   1.00 18.83  ? 173  PRO A C     1 
ATOM   494  O  O     . PRO A 1 91  ? -6.631  4.741   3.243   1.00 19.25  ? 173  PRO A O     1 
ATOM   495  C  CB    . PRO A 1 91  ? -8.643  2.628   2.097   1.00 22.90  ? 173  PRO A CB    1 
ATOM   496  C  CG    . PRO A 1 91  ? -9.260  1.550   2.879   1.00 25.68  ? 173  PRO A CG    1 
ATOM   497  C  CD    . PRO A 1 91  ? -8.612  1.728   4.262   1.00 19.56  ? 173  PRO A CD    1 
ATOM   498  N  N     . GLY A 1 92  ? -5.497  3.887   1.451   1.00 18.02  ? 174  GLY A N     1 
ATOM   499  C  CA    . GLY A 1 92  ? -4.726  5.100   1.287   1.00 17.13  ? 174  GLY A CA    1 
ATOM   500  C  C     . GLY A 1 92  ? -4.810  5.615   -0.146  1.00 18.59  ? 174  GLY A C     1 
ATOM   501  O  O     . GLY A 1 92  ? -4.930  4.825   -1.083  1.00 19.79  ? 174  GLY A O     1 
ATOM   502  N  N     . VAL A 1 93  ? -4.806  6.935   -0.292  1.00 15.20  ? 175  VAL A N     1 
ATOM   503  C  CA    . VAL A 1 93  ? -4.807  7.557   -1.631  1.00 17.65  ? 175  VAL A CA    1 
ATOM   504  C  C     . VAL A 1 93  ? -3.390  7.938   -2.025  1.00 18.96  ? 175  VAL A C     1 
ATOM   505  O  O     . VAL A 1 93  ? -2.678  8.556   -1.205  1.00 18.78  ? 175  VAL A O     1 
ATOM   506  C  CB    . VAL A 1 93  ? -5.641  8.871   -1.556  1.00 17.70  ? 175  VAL A CB    1 
ATOM   507  C  CG1   . VAL A 1 93  ? -5.636  9.642   -2.879  1.00 20.69  ? 175  VAL A CG1   1 
ATOM   508  C  CG2   . VAL A 1 93  ? -7.114  8.529   -1.170  1.00 20.23  ? 175  VAL A CG2   1 
ATOM   509  N  N     . ILE A 1 94  ? -2.974  7.665   -3.278  1.00 15.57  ? 176  ILE A N     1 
ATOM   510  C  CA    . ILE A 1 94  ? -1.639  8.072   -3.714  1.00 15.52  ? 176  ILE A CA    1 
ATOM   511  C  C     . ILE A 1 94  ? -1.850  9.102   -4.834  1.00 14.86  ? 176  ILE A C     1 
ATOM   512  O  O     . ILE A 1 94  ? -2.521  8.777   -5.866  1.00 15.96  ? 176  ILE A O     1 
ATOM   513  C  CB    . ILE A 1 94  ? -0.861  6.876   -4.304  1.00 16.94  ? 176  ILE A CB    1 
ATOM   514  C  CG1   . ILE A 1 94  ? -0.871  5.677   -3.316  1.00 20.13  ? 176  ILE A CG1   1 
ATOM   515  C  CG2   . ILE A 1 94  ? 0.543   7.375   -4.675  1.00 17.68  ? 176  ILE A CG2   1 
ATOM   516  C  CD1   . ILE A 1 94  ? -0.331  6.022   -1.894  1.00 21.90  ? 176  ILE A CD1   1 
ATOM   517  N  N     . ASP A 1 95  ? -1.435  10.365  -4.613  1.00 15.12  ? 177  ASP A N     1 
ATOM   518  C  CA    . ASP A 1 95  ? -1.674  11.375  -5.617  1.00 15.94  ? 177  ASP A CA    1 
ATOM   519  C  C     . ASP A 1 95  ? -0.865  11.094  -6.876  1.00 15.59  ? 177  ASP A C     1 
ATOM   520  O  O     . ASP A 1 95  ? 0.237   10.476  -6.813  1.00 14.81  ? 177  ASP A O     1 
ATOM   521  C  CB    . ASP A 1 95  ? -1.292  12.717  -5.032  1.00 15.36  ? 177  ASP A CB    1 
ATOM   522  C  CG    . ASP A 1 95  ? -2.164  13.076  -3.814  1.00 20.52  ? 177  ASP A CG    1 
ATOM   523  O  OD1   . ASP A 1 95  ? -3.364  12.807  -3.863  1.00 19.20  ? 177  ASP A OD1   1 
ATOM   524  O  OD2   . ASP A 1 95  ? -1.626  13.605  -2.807  1.00 25.74  ? 177  ASP A OD2   1 
ATOM   525  N  N     . ASN A 1 96  ? -1.364  11.621  -8.005  1.00 15.36  ? 178  ASN A N     1 
ATOM   526  C  CA    . ASN A 1 96  ? -0.649  11.409  -9.282  1.00 16.44  ? 178  ASN A CA    1 
ATOM   527  C  C     . ASN A 1 96  ? 0.806   11.835  -9.262  1.00 18.48  ? 178  ASN A C     1 
ATOM   528  O  O     . ASN A 1 96  ? 1.719   11.122  -9.802  1.00 20.42  ? 178  ASN A O     1 
ATOM   529  C  CB    . ASN A 1 96  ? -1.340  12.174  -10.422 1.00 16.75  ? 178  ASN A CB    1 
ATOM   530  C  CG    . ASN A 1 96  ? -0.548  12.019  -11.740 1.00 17.47  ? 178  ASN A CG    1 
ATOM   531  O  OD1   . ASN A 1 96  ? 0.227   12.916  -12.112 1.00 19.95  ? 178  ASN A OD1   1 
ATOM   532  N  ND2   . ASN A 1 96  ? -0.675  10.859  -12.380 1.00 19.03  ? 178  ASN A ND2   1 
ATOM   533  N  N     . ASP A 1 97  ? 1.036   12.986  -8.644  1.00 16.17  ? 179  ASP A N     1 
ATOM   534  C  CA    . ASP A 1 97  ? 2.394   13.546  -8.666  1.00 15.85  ? 179  ASP A CA    1 
ATOM   535  C  C     . ASP A 1 97  ? 3.157   13.389  -7.359  1.00 17.73  ? 179  ASP A C     1 
ATOM   536  O  O     . ASP A 1 97  ? 4.148   14.100  -7.143  1.00 19.12  ? 179  ASP A O     1 
ATOM   537  C  CB    . ASP A 1 97  ? 2.350   14.997  -9.156  1.00 16.62  ? 179  ASP A CB    1 
ATOM   538  C  CG    . ASP A 1 97  ? 1.515   15.885  -8.262  1.00 22.60  ? 179  ASP A CG    1 
ATOM   539  O  OD1   . ASP A 1 97  ? 0.881   15.410  -7.284  1.00 25.64  ? 179  ASP A OD1   1 
ATOM   540  O  OD2   . ASP A 1 97  ? 1.530   17.101  -8.547  1.00 27.31  ? 179  ASP A OD2   1 
ATOM   541  N  N     . TYR A 1 98  ? 2.733   12.443  -6.508  1.00 15.37  ? 180  TYR A N     1 
ATOM   542  C  CA    . TYR A 1 98  ? 3.485   12.154  -5.296  1.00 16.09  ? 180  TYR A CA    1 
ATOM   543  C  C     . TYR A 1 98  ? 4.819   11.501  -5.724  1.00 14.98  ? 180  TYR A C     1 
ATOM   544  O  O     . TYR A 1 98  ? 4.835   10.550  -6.514  1.00 19.51  ? 180  TYR A O     1 
ATOM   545  C  CB    . TYR A 1 98  ? 2.702   11.189  -4.476  1.00 18.56  ? 180  TYR A CB    1 
ATOM   546  C  CG    . TYR A 1 98  ? 3.404   10.744  -3.222  1.00 19.08  ? 180  TYR A CG    1 
ATOM   547  C  CD1   . TYR A 1 98  ? 3.571   11.626  -2.170  1.00 17.31  ? 180  TYR A CD1   1 
ATOM   548  C  CD2   . TYR A 1 98  ? 3.783   9.407   -3.037  1.00 14.17  ? 180  TYR A CD2   1 
ATOM   549  C  CE1   . TYR A 1 98  ? 4.114   11.193  -0.952  1.00 18.03  ? 180  TYR A CE1   1 
ATOM   550  C  CE2   . TYR A 1 98  ? 4.343   8.968   -1.844  1.00 13.15  ? 180  TYR A CE2   1 
ATOM   551  C  CZ    . TYR A 1 98  ? 4.535   9.900   -0.800  1.00 15.56  ? 180  TYR A CZ    1 
ATOM   552  O  OH    . TYR A 1 98  ? 5.075   9.508   0.414   1.00 16.34  ? 180  TYR A OH    1 
ATOM   553  N  N     . THR A 1 99  ? 5.935   12.022  -5.205  1.00 15.11  ? 181  THR A N     1 
ATOM   554  C  CA    . THR A 1 99  ? 7.235   11.446  -5.551  1.00 15.41  ? 181  THR A CA    1 
ATOM   555  C  C     . THR A 1 99  ? 7.954   10.845  -4.312  1.00 16.85  ? 181  THR A C     1 
ATOM   556  O  O     . THR A 1 99  ? 9.114   10.377  -4.453  1.00 17.65  ? 181  THR A O     1 
ATOM   557  C  CB    . THR A 1 99  ? 8.183   12.486  -6.236  1.00 17.38  ? 181  THR A CB    1 
ATOM   558  O  OG1   . THR A 1 99  ? 8.403   13.595  -5.357  1.00 19.08  ? 181  THR A OG1   1 
ATOM   559  C  CG2   . THR A 1 99  ? 7.631   12.973  -7.522  1.00 17.46  ? 181  THR A CG2   1 
ATOM   560  N  N     . GLY A 1 100 ? 7.281   10.815  -3.154  1.00 15.78  ? 182  GLY A N     1 
ATOM   561  C  CA    . GLY A 1 100 ? 7.830   10.207  -1.961  1.00 16.74  ? 182  GLY A CA    1 
ATOM   562  C  C     . GLY A 1 100 ? 7.678   8.693   -1.968  1.00 15.80  ? 182  GLY A C     1 
ATOM   563  O  O     . GLY A 1 100 ? 7.225   8.081   -2.964  1.00 15.29  ? 182  GLY A O     1 
ATOM   564  N  N     . GLU A 1 101 ? 7.955   8.103   -0.802  1.00 17.45  ? 183  GLU A N     1 
ATOM   565  C  CA    . GLU A 1 101 ? 7.882   6.664   -0.649  1.00 17.68  ? 183  GLU A CA    1 
ATOM   566  C  C     . GLU A 1 101 ? 6.428   6.303   -0.350  1.00 18.23  ? 183  GLU A C     1 
ATOM   567  O  O     . GLU A 1 101 ? 5.753   6.989   0.424   1.00 18.10  ? 183  GLU A O     1 
ATOM   568  C  CB    . GLU A 1 101 ? 8.809   6.220   0.514   1.00 17.76  ? 183  GLU A CB    1 
ATOM   569  C  CG    . GLU A 1 101 ? 8.842   4.716   0.622   1.00 21.20  ? 183  GLU A CG    1 
ATOM   570  C  CD    . GLU A 1 101 ? 9.596   4.224   1.843   1.00 26.55  ? 183  GLU A CD    1 
ATOM   571  O  OE1   . GLU A 1 101 ? 10.012  5.076   2.673   1.00 24.45  ? 183  GLU A OE1   1 
ATOM   572  O  OE2   . GLU A 1 101 ? 9.777   2.987   1.939   1.00 20.91  ? 183  GLU A OE2   1 
ATOM   573  N  N     . ILE A 1 102 ? 5.943   5.271   -1.030  1.00 14.46  ? 184  ILE A N     1 
ATOM   574  C  CA    . ILE A 1 102 ? 4.594   4.697   -0.772  1.00 15.30  ? 184  ILE A CA    1 
ATOM   575  C  C     . ILE A 1 102 ? 4.686   3.915   0.542   1.00 18.79  ? 184  ILE A C     1 
ATOM   576  O  O     . ILE A 1 102 ? 5.531   3.008   0.713   1.00 21.63  ? 184  ILE A O     1 
ATOM   577  C  CB    . ILE A 1 102 ? 4.148   3.889   -1.980  1.00 18.28  ? 184  ILE A CB    1 
ATOM   578  C  CG1   . ILE A 1 102 ? 3.939   4.864   -3.159  1.00 17.47  ? 184  ILE A CG1   1 
ATOM   579  C  CG2   . ILE A 1 102 ? 2.848   3.144   -1.604  1.00 20.99  ? 184  ILE A CG2   1 
ATOM   580  C  CD1   . ILE A 1 102 ? 3.647   4.240   -4.515  1.00 28.04  ? 184  ILE A CD1   1 
ATOM   581  N  N     . LYS A 1 103 ? 3.923   4.349   1.544   1.00 16.98  ? 185  LYS A N     1 
ATOM   582  C  CA    . LYS A 1 103 ? 3.916   3.589   2.796   1.00 17.17  ? 185  LYS A CA    1 
ATOM   583  C  C     . LYS A 1 103 ? 2.561   2.911   2.975   1.00 17.16  ? 185  LYS A C     1 
ATOM   584  O  O     . LYS A 1 103 ? 1.539   3.332   2.410   1.00 19.22  ? 185  LYS A O     1 
ATOM   585  C  CB    . LYS A 1 103 ? 4.269   4.473   3.983   1.00 20.47  ? 185  LYS A CB    1 
ATOM   586  C  CG    . LYS A 1 103 ? 5.784   4.909   3.882   1.00 22.22  ? 185  LYS A CG    1 
ATOM   587  C  CD    . LYS A 1 103 ? 6.151   5.570   5.163   1.00 49.63  ? 185  LYS A CD    1 
ATOM   588  C  CE    . LYS A 1 103 ? 7.538   6.078   5.133   1.00 36.26  ? 185  LYS A CE    1 
ATOM   589  N  NZ    . LYS A 1 103 ? 7.863   6.383   6.557   1.00 52.44  ? 185  LYS A NZ    1 
ATOM   590  N  N     . ILE A 1 104 ? 2.591   1.808   3.699   1.00 14.53  ? 186  ILE A N     1 
ATOM   591  C  CA    . ILE A 1 104 ? 1.352   1.038   3.937   1.00 12.50  ? 186  ILE A CA    1 
ATOM   592  C  C     . ILE A 1 104 ? 0.927   1.358   5.369   1.00 16.20  ? 186  ILE A C     1 
ATOM   593  O  O     . ILE A 1 104 ? 1.704   1.171   6.320   1.00 16.95  ? 186  ILE A O     1 
ATOM   594  C  CB    . ILE A 1 104 ? 1.588   -0.481  3.811   1.00 15.14  ? 186  ILE A CB    1 
ATOM   595  C  CG1   . ILE A 1 104 ? 2.029   -0.803  2.392   1.00 18.28  ? 186  ILE A CG1   1 
ATOM   596  C  CG2   . ILE A 1 104 ? 0.328   -1.282  4.173   1.00 19.26  ? 186  ILE A CG2   1 
ATOM   597  C  CD1   . ILE A 1 104 ? 2.657   -2.206  2.287   1.00 23.08  ? 186  ILE A CD1   1 
ATOM   598  N  N     . MET A 1 105 ? -0.280  1.884   5.530   1.00 14.09  ? 187  MET A N     1 
ATOM   599  C  CA    . MET A 1 105 ? -0.764  2.188   6.884   1.00 16.44  ? 187  MET A CA    1 
ATOM   600  C  C     . MET A 1 105 ? -1.436  0.914   7.406   1.00 15.58  ? 187  MET A C     1 
ATOM   601  O  O     . MET A 1 105 ? -2.409  0.441   6.827   1.00 16.99  ? 187  MET A O     1 
ATOM   602  C  CB    . MET A 1 105 ? -1.780  3.324   6.839   1.00 16.42  ? 187  MET A CB    1 
ATOM   603  C  CG    . MET A 1 105 ? -1.165  4.605   6.263   1.00 17.82  ? 187  MET A CG    1 
ATOM   604  S  SD    . MET A 1 105 ? -2.280  6.007   6.412   1.00 20.10  ? 187  MET A SD    1 
ATOM   605  C  CE    . MET A 1 105 ? -3.536  5.524   5.161   1.00 17.44  ? 187  MET A CE    1 
ATOM   606  N  N     . ALA A 1 106 ? -0.966  0.375   8.526   1.00 17.93  ? 188  ALA A N     1 
ATOM   607  C  CA    . ALA A 1 106 ? -1.471  -0.955  8.941   1.00 18.77  ? 188  ALA A CA    1 
ATOM   608  C  C     . ALA A 1 106 ? -1.731  -1.028  10.452  1.00 18.91  ? 188  ALA A C     1 
ATOM   609  O  O     . ALA A 1 106 ? -1.062  -0.376  11.219  1.00 17.00  ? 188  ALA A O     1 
ATOM   610  C  CB    . ALA A 1 106 ? -0.435  -1.988  8.602   1.00 20.28  ? 188  ALA A CB    1 
ATOM   611  N  N     . LYS A 1 107 ? -2.627  -1.929  10.847  1.00 16.26  ? 189  LYS A N     1 
ATOM   612  C  CA    A LYS A 1 107 ? -2.839  -2.174  12.284  0.60 14.13  ? 189  LYS A CA    1 
ATOM   613  C  CA    B LYS A 1 107 ? -2.995  -2.150  12.240  0.40 15.43  ? 189  LYS A CA    1 
ATOM   614  C  C     . LYS A 1 107 ? -3.194  -3.652  12.504  1.00 16.43  ? 189  LYS A C     1 
ATOM   615  O  O     . LYS A 1 107 ? -3.943  -4.287  11.763  1.00 17.48  ? 189  LYS A O     1 
ATOM   616  C  CB    A LYS A 1 107 ? -3.914  -1.229  12.901  0.60 15.46  ? 189  LYS A CB    1 
ATOM   617  C  CB    B LYS A 1 107 ? -4.358  -1.465  12.429  0.40 15.95  ? 189  LYS A CB    1 
ATOM   618  C  CG    A LYS A 1 107 ? -4.233  -1.579  14.376  0.60 18.28  ? 189  LYS A CG    1 
ATOM   619  C  CG    B LYS A 1 107 ? -4.925  -1.501  13.823  0.40 19.47  ? 189  LYS A CG    1 
ATOM   620  C  CD    A LYS A 1 107 ? -5.523  -0.951  14.878  0.60 18.28  ? 189  LYS A CD    1 
ATOM   621  C  CD    B LYS A 1 107 ? -4.372  -0.348  14.611  0.40 19.89  ? 189  LYS A CD    1 
ATOM   622  C  CE    A LYS A 1 107 ? -5.762  -1.306  16.337  0.60 17.00  ? 189  LYS A CE    1 
ATOM   623  C  CE    B LYS A 1 107 ? -4.676  -0.494  16.069  0.40 20.30  ? 189  LYS A CE    1 
ATOM   624  N  NZ    A LYS A 1 107 ? -6.428  -2.613  16.544  0.60 16.85  ? 189  LYS A NZ    1 
ATOM   625  N  NZ    B LYS A 1 107 ? -4.021  -1.710  16.606  0.40 18.59  ? 189  LYS A NZ    1 
ATOM   626  N  N     . ALA A 1 108 ? -2.618  -4.215  13.581  1.00 14.62  ? 190  ALA A N     1 
ATOM   627  C  CA    . ALA A 1 108 ? -3.013  -5.528  14.045  1.00 15.32  ? 190  ALA A CA    1 
ATOM   628  C  C     . ALA A 1 108 ? -4.412  -5.430  14.680  1.00 18.22  ? 190  ALA A C     1 
ATOM   629  O  O     . ALA A 1 108 ? -4.658  -4.634  15.572  1.00 17.12  ? 190  ALA A O     1 
ATOM   630  C  CB    . ALA A 1 108 ? -1.982  -6.145  15.057  1.00 16.65  ? 190  ALA A CB    1 
ATOM   631  N  N     . VAL A 1 109 ? -5.331  -6.267  14.190  1.00 19.85  ? 191  VAL A N     1 
ATOM   632  C  CA    . VAL A 1 109 ? -6.752  -6.067  14.551  1.00 23.57  ? 191  VAL A CA    1 
ATOM   633  C  C     . VAL A 1 109 ? -7.069  -6.457  16.003  1.00 27.09  ? 191  VAL A C     1 
ATOM   634  O  O     . VAL A 1 109 ? -7.550  -5.633  16.822  1.00 33.27  ? 191  VAL A O     1 
ATOM   635  C  CB    . VAL A 1 109 ? -7.659  -6.808  13.562  1.00 23.31  ? 191  VAL A CB    1 
ATOM   636  C  CG1   . VAL A 1 109 ? -9.027  -6.987  14.112  1.00 29.41  ? 191  VAL A CG1   1 
ATOM   637  C  CG2   . VAL A 1 109 ? -7.695  -6.007  12.247  1.00 27.58  ? 191  VAL A CG2   1 
ATOM   638  N  N     . ASN A 1 110 ? -6.799  -7.697  16.338  1.00 20.81  ? 192  ASN A N     1 
ATOM   639  C  CA    . ASN A 1 110 ? -6.997  -8.044  17.729  1.00 26.41  ? 192  ASN A CA    1 
ATOM   640  C  C     . ASN A 1 110 ? -6.027  -9.118  18.259  1.00 25.73  ? 192  ASN A C     1 
ATOM   641  O  O     . ASN A 1 110 ? -6.093  -9.467  19.450  1.00 29.00  ? 192  ASN A O     1 
ATOM   642  C  CB    . ASN A 1 110 ? -8.500  -8.268  18.084  1.00 31.85  ? 192  ASN A CB    1 
ATOM   643  C  CG    . ASN A 1 110 ? -9.096  -9.411  17.345  1.00 29.52  ? 192  ASN A CG    1 
ATOM   644  O  OD1   . ASN A 1 110 ? -10.307 -9.570  17.300  1.00 25.18  ? 192  ASN A OD1   1 
ATOM   645  N  ND2   . ASN A 1 110 ? -8.245  -10.212 16.732  1.00 30.81  ? 192  ASN A ND2   1 
ATOM   646  N  N     . ASN A 1 111 ? -5.118  -9.605  17.405  1.00 22.40  ? 193  ASN A N     1 
ATOM   647  C  CA    . ASN A 1 111 ? -4.014  -10.464 17.825  1.00 22.17  ? 193  ASN A CA    1 
ATOM   648  C  C     . ASN A 1 111 ? -2.680  -9.873  17.409  1.00 23.46  ? 193  ASN A C     1 
ATOM   649  O  O     . ASN A 1 111 ? -2.661  -8.923  16.634  1.00 22.02  ? 193  ASN A O     1 
ATOM   650  C  CB    . ASN A 1 111 ? -4.101  -11.856 17.192  1.00 28.14  ? 193  ASN A CB    1 
ATOM   651  C  CG    . ASN A 1 111 ? -5.386  -12.578 17.543  1.00 42.06  ? 193  ASN A CG    1 
ATOM   652  O  OD1   . ASN A 1 111 ? -5.726  -12.732 18.715  1.00 47.22  ? 193  ASN A OD1   1 
ATOM   653  N  ND2   . ASN A 1 111 ? -6.100  -13.041 16.523  1.00 77.07  ? 193  ASN A ND2   1 
ATOM   654  N  N     . ILE A 1 112 ? -1.573  -10.433 17.909  1.00 21.30  ? 194  ILE A N     1 
ATOM   655  C  CA    A ILE A 1 112 ? -0.233  -10.056 17.466  0.70 21.47  ? 194  ILE A CA    1 
ATOM   656  C  CA    B ILE A 1 112 ? -0.261  -10.004 17.443  0.30 21.56  ? 194  ILE A CA    1 
ATOM   657  C  C     . ILE A 1 112 ? -0.002  -10.572 16.051  1.00 21.47  ? 194  ILE A C     1 
ATOM   658  O  O     . ILE A 1 112 ? -0.243  -11.769 15.790  1.00 24.74  ? 194  ILE A O     1 
ATOM   659  C  CB    A ILE A 1 112 ? 0.829   -10.639 18.418  0.70 24.44  ? 194  ILE A CB    1 
ATOM   660  C  CB    B ILE A 1 112 ? 0.894   -10.359 18.418  0.30 23.11  ? 194  ILE A CB    1 
ATOM   661  C  CG1   A ILE A 1 112 ? 0.608   -10.084 19.831  0.70 17.21  ? 194  ILE A CG1   1 
ATOM   662  C  CG1   B ILE A 1 112 ? 2.250   -10.074 17.743  0.30 20.08  ? 194  ILE A CG1   1 
ATOM   663  C  CG2   A ILE A 1 112 ? 2.246   -10.382 17.889  0.70 23.39  ? 194  ILE A CG2   1 
ATOM   664  C  CG2   B ILE A 1 112 ? 0.747   -11.780 18.958  0.30 17.09  ? 194  ILE A CG2   1 
ATOM   665  C  CD1   A ILE A 1 112 ? 1.138   -10.980 20.891  0.70 22.30  ? 194  ILE A CD1   1 
ATOM   666  C  CD1   B ILE A 1 112 ? 3.304   -11.156 17.900  0.30 14.37  ? 194  ILE A CD1   1 
ATOM   667  N  N     . VAL A 1 113 ? 0.439   -9.688  15.151  1.00 19.09  ? 195  VAL A N     1 
ATOM   668  C  CA    . VAL A 1 113 ? 0.777   -10.021 13.753  1.00 21.39  ? 195  VAL A CA    1 
ATOM   669  C  C     . VAL A 1 113 ? 2.248   -9.829  13.460  1.00 22.71  ? 195  VAL A C     1 
ATOM   670  O  O     . VAL A 1 113 ? 2.838   -8.824  13.872  1.00 22.14  ? 195  VAL A O     1 
ATOM   671  C  CB    . VAL A 1 113 ? -0.017  -9.061  12.803  1.00 24.15  ? 195  VAL A CB    1 
ATOM   672  C  CG1   . VAL A 1 113 ? 0.464   -9.235  11.361  1.00 29.69  ? 195  VAL A CG1   1 
ATOM   673  C  CG2   . VAL A 1 113 ? -1.487  -9.337  12.930  1.00 28.03  ? 195  VAL A CG2   1 
ATOM   674  N  N     . THR A 1 114 ? 2.842   -10.796 12.755  1.00 18.83  ? 196  THR A N     1 
ATOM   675  C  CA    . THR A 1 114 ? 4.232   -10.731 12.368  1.00 18.85  ? 196  THR A CA    1 
ATOM   676  C  C     . THR A 1 114 ? 4.416   -10.682 10.832  1.00 24.40  ? 196  THR A C     1 
ATOM   677  O  O     . THR A 1 114 ? 3.944   -11.563 10.153  1.00 30.24  ? 196  THR A O     1 
ATOM   678  C  CB    . THR A 1 114 ? 4.979   -11.913 12.971  1.00 23.15  ? 196  THR A CB    1 
ATOM   679  O  OG1   . THR A 1 114 ? 4.849   -11.831 14.396  1.00 23.89  ? 196  THR A OG1   1 
ATOM   680  C  CG2   . THR A 1 114 ? 6.445   -11.831 12.627  1.00 20.53  ? 196  THR A CG2   1 
ATOM   681  N  N     . VAL A 1 115 ? 5.087   -9.632  10.348  1.00 25.74  ? 197  VAL A N     1 
ATOM   682  C  CA    . VAL A 1 115 ? 5.336   -9.394  8.918   1.00 26.01  ? 197  VAL A CA    1 
ATOM   683  C  C     . VAL A 1 115 ? 6.804   -9.645  8.592   1.00 17.39  ? 197  VAL A C     1 
ATOM   684  O  O     . VAL A 1 115 ? 7.689   -8.865  9.047   1.00 27.41  ? 197  VAL A O     1 
ATOM   685  N  N     . SER A 1 116 ? 7.082   -10.752 7.907   1.00 24.57  ? 198  SER A N     1 
ATOM   686  C  CA    . SER A 1 116 ? 8.470   -11.061 7.506   1.00 20.74  ? 198  SER A CA    1 
ATOM   687  C  C     . SER A 1 116 ? 8.822   -10.229 6.322   1.00 21.16  ? 198  SER A C     1 
ATOM   688  O  O     . SER A 1 116 ? 7.947   -9.887  5.520   1.00 23.92  ? 198  SER A O     1 
ATOM   689  C  CB    . SER A 1 116 ? 8.698   -12.549 7.220   1.00 24.18  ? 198  SER A CB    1 
ATOM   690  O  OG    . SER A 1 116 ? 8.520   -13.249 8.419   1.00 33.23  ? 198  SER A OG    1 
ATOM   691  N  N     . GLN A 1 117 ? 10.074  -9.812  6.298   1.00 22.54  ? 199  GLN A N     1 
ATOM   692  C  CA    . GLN A 1 117 ? 10.601  -8.945  5.296   1.00 24.88  ? 199  GLN A CA    1 
ATOM   693  C  C     . GLN A 1 117 ? 10.338  -9.584  3.926   1.00 25.01  ? 199  GLN A C     1 
ATOM   694  O  O     . GLN A 1 117 ? 10.523  -10.805 3.777   1.00 20.77  ? 199  GLN A O     1 
ATOM   695  C  CB    . GLN A 1 117 ? 12.083  -8.758  5.559   1.00 26.89  ? 199  GLN A CB    1 
ATOM   696  C  CG    . GLN A 1 117 ? 12.809  -7.912  4.569   1.00 38.78  ? 199  GLN A CG    1 
ATOM   697  C  CD    . GLN A 1 117 ? 14.254  -7.699  4.983   1.00 54.92  ? 199  GLN A CD    1 
ATOM   698  O  OE1   . GLN A 1 117 ? 15.177  -8.146  4.304   1.00 69.17  ? 199  GLN A OE1   1 
ATOM   699  N  NE2   . GLN A 1 117 ? 14.456  -7.031  6.115   1.00 84.85  ? 199  GLN A NE2   1 
ATOM   700  N  N     . GLY A 1 118 ? 9.871   -8.771  2.970   1.00 22.11  ? 200  GLY A N     1 
ATOM   701  C  CA    . GLY A 1 118 ? 9.588   -9.235  1.604   1.00 18.82  ? 200  GLY A CA    1 
ATOM   702  C  C     . GLY A 1 118 ? 8.195   -9.851  1.406   1.00 23.55  ? 200  GLY A C     1 
ATOM   703  O  O     . GLY A 1 118 ? 7.807   -10.149 0.274   1.00 28.33  ? 200  GLY A O     1 
ATOM   704  N  N     . ASN A 1 119 ? 7.426   -10.056 2.473   1.00 26.00  ? 201  ASN A N     1 
ATOM   705  C  CA    . ASN A 1 119 ? 6.058   -10.607 2.363   1.00 27.21  ? 201  ASN A CA    1 
ATOM   706  C  C     . ASN A 1 119 ? 5.155   -9.539  1.720   1.00 23.76  ? 201  ASN A C     1 
ATOM   707  O  O     . ASN A 1 119 ? 5.315   -8.364  2.010   1.00 20.56  ? 201  ASN A O     1 
ATOM   708  C  CB    . ASN A 1 119 ? 5.479   -10.871 3.756   1.00 29.47  ? 201  ASN A CB    1 
ATOM   709  C  CG    . ASN A 1 119 ? 6.026   -12.145 4.408   1.00 35.53  ? 201  ASN A CG    1 
ATOM   710  O  OD1   . ASN A 1 119 ? 6.679   -12.983 3.772   1.00 48.71  ? 201  ASN A OD1   1 
ATOM   711  N  ND2   . ASN A 1 119 ? 5.751   -12.286 5.696   1.00 54.87  ? 201  ASN A ND2   1 
ATOM   712  N  N     . ARG A 1 120 ? 4.250   -9.944  0.828   1.00 20.21  ? 202  ARG A N     1 
ATOM   713  C  CA    . ARG A 1 120 ? 3.340   -9.015  0.179   1.00 17.92  ? 202  ARG A CA    1 
ATOM   714  C  C     . ARG A 1 120 ? 2.215   -8.685  1.131   1.00 16.57  ? 202  ARG A C     1 
ATOM   715  O  O     . ARG A 1 120 ? 1.505   -9.569  1.574   1.00 20.67  ? 202  ARG A O     1 
ATOM   716  C  CB    . ARG A 1 120 ? 2.776   -9.614  -1.108  1.00 17.64  ? 202  ARG A CB    1 
ATOM   717  C  CG    . ARG A 1 120 ? 3.872   -9.796  -2.190  1.00 20.74  ? 202  ARG A CG    1 
ATOM   718  C  CD    . ARG A 1 120 ? 3.396   -10.731 -3.332  1.00 27.25  ? 202  ARG A CD    1 
ATOM   719  N  NE    . ARG A 1 120 ? 3.119   -12.080 -2.839  1.00 34.96  ? 202  ARG A NE    1 
ATOM   720  C  CZ    . ARG A 1 120 ? 2.205   -12.900 -3.353  1.00 40.38  ? 202  ARG A CZ    1 
ATOM   721  N  NH1   . ARG A 1 120 ? 1.471   -12.506 -4.381  1.00 37.85  ? 202  ARG A NH1   1 
ATOM   722  N  NH2   . ARG A 1 120 ? 2.035   -14.128 -2.846  1.00 32.19  ? 202  ARG A NH2   1 
ATOM   723  N  N     . ILE A 1 121 ? 2.060   -7.418  1.476   1.00 15.55  ? 203  ILE A N     1 
ATOM   724  C  CA    . ILE A 1 121 ? 1.130   -7.092  2.544   1.00 20.16  ? 203  ILE A CA    1 
ATOM   725  C  C     . ILE A 1 121 ? 0.056   -6.098  2.092   1.00 23.80  ? 203  ILE A C     1 
ATOM   726  O  O     . ILE A 1 121 ? -0.799  -5.720  2.888   1.00 30.36  ? 203  ILE A O     1 
ATOM   727  C  CB    . ILE A 1 121 ? 1.897   -6.537  3.814   1.00 26.21  ? 203  ILE A CB    1 
ATOM   728  C  CG1   . ILE A 1 121 ? 2.882   -5.415  3.475   1.00 34.32  ? 203  ILE A CG1   1 
ATOM   729  C  CG2   . ILE A 1 121 ? 2.631   -7.634  4.546   1.00 29.80  ? 203  ILE A CG2   1 
ATOM   730  N  N     . ALA A 1 122 ? 0.139   -5.596  0.871   1.00 15.65  ? 204  ALA A N     1 
ATOM   731  C  CA    . ALA A 1 122 ? -0.895  -4.690  0.381   1.00 16.26  ? 204  ALA A CA    1 
ATOM   732  C  C     . ALA A 1 122 ? -0.825  -4.708  -1.153  1.00 15.04  ? 204  ALA A C     1 
ATOM   733  O  O     . ALA A 1 122 ? 0.043   -5.363  -1.751  1.00 17.25  ? 204  ALA A O     1 
ATOM   734  C  CB    . ALA A 1 122 ? -0.650  -3.305  0.870   1.00 13.84  ? 204  ALA A CB    1 
ATOM   735  N  N     . GLN A 1 123 ? -1.741  -3.952  -1.774  1.00 15.01  ? 205  GLN A N     1 
ATOM   736  C  CA    . GLN A 1 123 ? -1.709  -3.824  -3.215  1.00 14.59  ? 205  GLN A CA    1 
ATOM   737  C  C     . GLN A 1 123 ? -2.068  -2.393  -3.626  1.00 14.79  ? 205  GLN A C     1 
ATOM   738  O  O     . GLN A 1 123 ? -2.903  -1.716  -2.981  1.00 15.11  ? 205  GLN A O     1 
ATOM   739  C  CB    . GLN A 1 123 ? -2.652  -4.837  -3.871  1.00 15.33  ? 205  GLN A CB    1 
ATOM   740  C  CG    . GLN A 1 123 ? -4.121  -4.698  -3.455  1.00 13.74  ? 205  GLN A CG    1 
ATOM   741  C  CD    . GLN A 1 123 ? -4.866  -5.966  -3.829  1.00 15.56  ? 205  GLN A CD    1 
ATOM   742  O  OE1   . GLN A 1 123 ? -4.726  -6.418  -4.951  1.00 16.73  ? 205  GLN A OE1   1 
ATOM   743  N  NE2   . GLN A 1 123 ? -5.634  -6.514  -2.914  1.00 13.82  ? 205  GLN A NE2   1 
ATOM   744  N  N     . LEU A 1 124 ? -1.485  -1.970  -4.741  1.00 14.71  ? 206  LEU A N     1 
ATOM   745  C  CA    . LEU A 1 124 ? -1.787  -0.659  -5.347  1.00 14.45  ? 206  LEU A CA    1 
ATOM   746  C  C     . LEU A 1 124 ? -2.698  -0.876  -6.538  1.00 14.65  ? 206  LEU A C     1 
ATOM   747  O  O     . LEU A 1 124 ? -2.391  -1.646  -7.446  1.00 17.25  ? 206  LEU A O     1 
ATOM   748  C  CB    . LEU A 1 124 ? -0.491  0.001   -5.828  1.00 16.53  ? 206  LEU A CB    1 
ATOM   749  C  CG    . LEU A 1 124 ? -0.626  1.268   -6.650  1.00 18.46  ? 206  LEU A CG    1 
ATOM   750  C  CD1   . LEU A 1 124 ? -1.067  2.396   -5.768  1.00 19.04  ? 206  LEU A CD1   1 
ATOM   751  C  CD2   . LEU A 1 124 ? 0.789   1.652   -7.250  1.00 19.94  ? 206  LEU A CD2   1 
ATOM   752  N  N     . ILE A 1 125 ? -3.845  -0.173  -6.504  1.00 16.80  ? 207  ILE A N     1 
ATOM   753  C  CA    A ILE A 1 125 ? -4.730  -0.160  -7.647  0.40 17.34  ? 207  ILE A CA    1 
ATOM   754  C  CA    B ILE A 1 125 ? -4.707  -0.154  -7.645  0.60 13.43  ? 207  ILE A CA    1 
ATOM   755  C  C     . ILE A 1 125 ? -4.687  1.210   -8.298  1.00 15.76  ? 207  ILE A C     1 
ATOM   756  O  O     . ILE A 1 125 ? -4.611  2.244   -7.620  1.00 16.18  ? 207  ILE A O     1 
ATOM   757  C  CB    A ILE A 1 125 ? -6.198  -0.630  -7.309  0.40 20.41  ? 207  ILE A CB    1 
ATOM   758  C  CB    B ILE A 1 125 ? -6.144  -0.592  -7.266  0.60 18.85  ? 207  ILE A CB    1 
ATOM   759  C  CG1   A ILE A 1 125 ? -7.183  0.552   -7.316  0.40 26.28  ? 207  ILE A CG1   1 
ATOM   760  C  CG1   B ILE A 1 125 ? -6.643  0.268   -6.127  0.60 21.38  ? 207  ILE A CG1   1 
ATOM   761  C  CG2   A ILE A 1 125 ? -6.245  -1.542  -6.054  0.40 18.12  ? 207  ILE A CG2   1 
ATOM   762  C  CG2   B ILE A 1 125 ? -6.240  -2.148  -6.952  0.60 18.64  ? 207  ILE A CG2   1 
ATOM   763  C  CD1   A ILE A 1 125 ? -8.520  0.335   -6.609  0.40 22.45  ? 207  ILE A CD1   1 
ATOM   764  C  CD1   B ILE A 1 125 ? -8.119  0.102   -5.813  0.60 36.36  ? 207  ILE A CD1   1 
ATOM   765  N  N     . LEU A 1 126 ? -4.676  1.237   -9.627  1.00 15.21  ? 208  LEU A N     1 
ATOM   766  C  CA    . LEU A 1 126 ? -4.593  2.514   -10.400 1.00 13.89  ? 208  LEU A CA    1 
ATOM   767  C  C     . LEU A 1 126 ? -5.978  2.836   -10.894 1.00 19.30  ? 208  LEU A C     1 
ATOM   768  O  O     . LEU A 1 126 ? -6.696  1.951   -11.365 1.00 19.45  ? 208  LEU A O     1 
ATOM   769  C  CB    . LEU A 1 126 ? -3.630  2.373   -11.576 1.00 15.02  ? 208  LEU A CB    1 
ATOM   770  C  CG    . LEU A 1 126 ? -2.202  2.023   -11.190 1.00 16.47  ? 208  LEU A CG    1 
ATOM   771  C  CD1   . LEU A 1 126 ? -1.436  1.807   -12.478 1.00 22.84  ? 208  LEU A CD1   1 
ATOM   772  C  CD2   . LEU A 1 126 ? -1.621  3.215   -10.398 1.00 21.65  ? 208  LEU A CD2   1 
ATOM   773  N  N     . LEU A 1 127 ? -6.321  4.121   -10.805 1.00 16.04  ? 209  LEU A N     1 
ATOM   774  C  CA    . LEU A 1 127 ? -7.647  4.625   -11.164 1.00 16.47  ? 209  LEU A CA    1 
ATOM   775  C  C     . LEU A 1 127 ? -7.497  5.916   -11.961 1.00 17.04  ? 209  LEU A C     1 
ATOM   776  O  O     . LEU A 1 127 ? -6.470  6.623   -11.819 1.00 17.20  ? 209  LEU A O     1 
ATOM   777  C  CB    . LEU A 1 127 ? -8.464  4.852   -9.903  1.00 17.94  ? 209  LEU A CB    1 
ATOM   778  C  CG    . LEU A 1 127 ? -8.839  3.504   -9.246  1.00 22.19  ? 209  LEU A CG    1 
ATOM   779  C  CD1   . LEU A 1 127 ? -9.519  3.801   -7.937  1.00 24.14  ? 209  LEU A CD1   1 
ATOM   780  C  CD2   . LEU A 1 127 ? -9.790  2.682   -10.124 1.00 22.82  ? 209  LEU A CD2   1 
ATOM   781  N  N     . PRO A 1 128 ? -8.469  6.193   -12.866 1.00 19.20  ? 210  PRO A N     1 
ATOM   782  C  CA    . PRO A 1 128 ? -8.428  7.427   -13.653 1.00 19.32  ? 210  PRO A CA    1 
ATOM   783  C  C     . PRO A 1 128 ? -8.608  8.648   -12.756 1.00 18.65  ? 210  PRO A C     1 
ATOM   784  O  O     . PRO A 1 128 ? -9.368  8.619   -11.765 1.00 19.87  ? 210  PRO A O     1 
ATOM   785  C  CB    . PRO A 1 128 ? -9.602  7.267   -14.609 1.00 21.72  ? 210  PRO A CB    1 
ATOM   786  C  CG    . PRO A 1 128 ? -10.534 6.317   -13.945 1.00 21.41  ? 210  PRO A CG    1 
ATOM   787  C  CD    . PRO A 1 128 ? -9.651  5.355   -13.192 1.00 23.15  ? 210  PRO A CD    1 
ATOM   788  N  N     . LEU A 1 129 ? -7.826  9.673   -13.039 1.00 18.43  ? 211  LEU A N     1 
ATOM   789  C  CA    . LEU A 1 129 ? -7.928  10.896  -12.276 1.00 21.08  ? 211  LEU A CA    1 
ATOM   790  C  C     . LEU A 1 129 ? -8.854  11.854  -13.006 1.00 20.13  ? 211  LEU A C     1 
ATOM   791  O  O     . LEU A 1 129 ? -8.542  12.296  -14.118 1.00 22.25  ? 211  LEU A O     1 
ATOM   792  C  CB    . LEU A 1 129 ? -6.527  11.479  -12.106 1.00 20.35  ? 211  LEU A CB    1 
ATOM   793  C  CG    . LEU A 1 129 ? -6.413  12.821  -11.349 1.00 21.22  ? 211  LEU A CG    1 
ATOM   794  C  CD1   . LEU A 1 129 ? -6.932  12.732  -9.900  1.00 18.12  ? 211  LEU A CD1   1 
ATOM   795  C  CD2   . LEU A 1 129 ? -4.918  13.277  -11.335 1.00 28.57  ? 211  LEU A CD2   1 
ATOM   796  N  N     . ILE A 1 130 ? -9.983  12.164  -12.376 1.00 16.86  ? 212  ILE A N     1 
ATOM   797  C  CA    . ILE A 1 130 ? -10.929 13.042  -12.993 1.00 17.95  ? 212  ILE A CA    1 
ATOM   798  C  C     . ILE A 1 130 ? -10.547 14.487  -12.667 1.00 20.08  ? 212  ILE A C     1 
ATOM   799  O  O     . ILE A 1 130 ? -10.208 14.825  -11.520 1.00 21.53  ? 212  ILE A O     1 
ATOM   800  C  CB    . ILE A 1 130 ? -12.322 12.693  -12.491 1.00 18.90  ? 212  ILE A CB    1 
ATOM   801  C  CG1   . ILE A 1 130 ? -12.721 11.332  -13.060 1.00 21.02  ? 212  ILE A CG1   1 
ATOM   802  C  CG2   . ILE A 1 130 ? -13.312 13.772  -12.864 1.00 24.60  ? 212  ILE A CG2   1 
ATOM   803  C  CD1   . ILE A 1 130 ? -14.012 10.821  -12.594 1.00 21.79  ? 212  ILE A CD1   1 
ATOM   804  N  N     . GLU A 1 131 ? -10.567 15.336  -13.701 1.00 20.70  ? 213  GLU A N     1 
ATOM   805  C  CA    . GLU A 1 131 ? -10.308 16.776  -13.536 1.00 21.39  ? 213  GLU A CA    1 
ATOM   806  C  C     . GLU A 1 131 ? -11.611 17.549  -13.182 1.00 20.78  ? 213  GLU A C     1 
ATOM   807  O  O     . GLU A 1 131 ? -12.708 17.244  -13.669 1.00 23.17  ? 213  GLU A O     1 
ATOM   808  C  CB    . GLU A 1 131 ? -9.670  17.324  -14.839 1.00 22.13  ? 213  GLU A CB    1 
ATOM   809  C  CG    . GLU A 1 131 ? -8.311  16.682  -15.204 1.00 34.39  ? 213  GLU A CG    1 
ATOM   810  C  CD    . GLU A 1 131 ? -7.684  17.288  -16.468 1.00 32.55  ? 213  GLU A CD    1 
ATOM   811  O  OE1   . GLU A 1 131 ? -8.142  18.370  -16.909 1.00 103.40 ? 213  GLU A OE1   1 
ATOM   812  O  OE2   . GLU A 1 131 ? -6.754  16.665  -17.027 1.00 85.14  ? 213  GLU A OE2   1 
ATOM   813  N  N     . THR A 1 132 ? -11.488 18.533  -12.293 1.00 18.56  ? 214  THR A N     1 
ATOM   814  C  CA    . THR A 1 132 ? -12.617 19.382  -11.942 1.00 19.42  ? 214  THR A CA    1 
ATOM   815  C  C     . THR A 1 132 ? -12.085 20.795  -11.850 1.00 17.61  ? 214  THR A C     1 
ATOM   816  O  O     . THR A 1 132 ? -10.834 20.999  -11.864 1.00 20.32  ? 214  THR A O     1 
ATOM   817  C  CB    . THR A 1 132 ? -13.185 19.013  -10.547 1.00 23.97  ? 214  THR A CB    1 
ATOM   818  O  OG1   . THR A 1 132 ? -12.247 19.389  -9.537  1.00 19.16  ? 214  THR A OG1   1 
ATOM   819  C  CG2   . THR A 1 132 ? -13.538 17.500  -10.432 1.00 25.12  ? 214  THR A CG2   1 
ATOM   820  N  N     . ASP A 1 133 ? -12.992 21.756  -11.677 1.00 20.33  ? 215  ASP A N     1 
ATOM   821  C  CA    . ASP A 1 133 ? -12.609 23.150  -11.472 1.00 22.23  ? 215  ASP A CA    1 
ATOM   822  C  C     . ASP A 1 133 ? -12.411 23.519  -9.994  1.00 22.24  ? 215  ASP A C     1 
ATOM   823  O  O     . ASP A 1 133 ? -12.268 24.711  -9.656  1.00 21.11  ? 215  ASP A O     1 
ATOM   824  C  CB    . ASP A 1 133 ? -13.665 24.074  -12.088 1.00 22.77  ? 215  ASP A CB    1 
ATOM   825  C  CG    . ASP A 1 133 ? -13.800 23.903  -13.604 1.00 43.08  ? 215  ASP A CG    1 
ATOM   826  O  OD1   . ASP A 1 133 ? -14.939 24.036  -14.111 1.00 53.55  ? 215  ASP A OD1   1 
ATOM   827  O  OD2   . ASP A 1 133 ? -12.778 23.653  -14.290 1.00 39.47  ? 215  ASP A OD2   1 
ATOM   828  N  N     . ASN A 1 134 ? -12.391 22.530  -9.076  1.00 19.81  ? 216  ASN A N     1 
ATOM   829  C  CA    . ASN A 1 134 ? -12.229 22.899  -7.677  1.00 20.32  ? 216  ASN A CA    1 
ATOM   830  C  C     . ASN A 1 134 ? -10.902 23.614  -7.467  1.00 21.28  ? 216  ASN A C     1 
ATOM   831  O  O     . ASN A 1 134 ? -9.882  23.258  -8.084  1.00 20.54  ? 216  ASN A O     1 
ATOM   832  C  CB    . ASN A 1 134 ? -12.237 21.687  -6.746  1.00 17.61  ? 216  ASN A CB    1 
ATOM   833  C  CG    . ASN A 1 134 ? -13.617 20.993  -6.665  1.00 17.88  ? 216  ASN A CG    1 
ATOM   834  O  OD1   . ASN A 1 134 ? -14.402 21.229  -5.726  1.00 23.20  ? 216  ASN A OD1   1 
ATOM   835  N  ND2   . ASN A 1 134 ? -13.910 20.200  -7.657  1.00 14.77  ? 216  ASN A ND2   1 
ATOM   836  N  N     . LYS A 1 135 ? -10.917 24.596  -6.585  1.00 21.60  ? 217  LYS A N     1 
ATOM   837  C  CA    . LYS A 1 135 ? -9.745  25.396  -6.339  1.00 26.48  ? 217  LYS A CA    1 
ATOM   838  C  C     . LYS A 1 135 ? -8.764  24.672  -5.429  1.00 26.09  ? 217  LYS A C     1 
ATOM   839  O  O     . LYS A 1 135 ? -9.096  23.657  -4.783  1.00 22.81  ? 217  LYS A O     1 
ATOM   840  C  CB    . LYS A 1 135 ? -10.184 26.735  -5.741  1.00 28.63  ? 217  LYS A CB    1 
ATOM   841  C  CG    . LYS A 1 135 ? -10.786 27.684  -6.800  1.00 36.29  ? 217  LYS A CG    1 
ATOM   842  C  CD    . LYS A 1 135 ? -11.552 28.840  -6.152  1.00 35.25  ? 217  LYS A CD    1 
ATOM   843  N  N     . VAL A 1 136 ? -7.537  25.183  -5.403  1.00 23.06  ? 218  VAL A N     1 
ATOM   844  C  CA    . VAL A 1 136 ? -6.483  24.695  -4.515  1.00 31.06  ? 218  VAL A CA    1 
ATOM   845  C  C     . VAL A 1 136 ? -6.478  25.477  -3.185  1.00 35.79  ? 218  VAL A C     1 
ATOM   846  O  O     . VAL A 1 136 ? -6.714  26.692  -3.176  1.00 35.07  ? 218  VAL A O     1 
ATOM   847  C  CB    . VAL A 1 136 ? -5.121  24.753  -5.221  1.00 34.35  ? 218  VAL A CB    1 
ATOM   848  C  CG1   . VAL A 1 136 ? -4.007  24.375  -4.277  1.00 36.79  ? 218  VAL A CG1   1 
ATOM   849  C  CG2   . VAL A 1 136 ? -5.120  23.841  -6.431  1.00 33.81  ? 218  VAL A CG2   1 
ATOM   850  N  N     . GLN A 1 137 ? -6.238  24.786  -2.068  1.00 39.02  ? 219  GLN A N     1 
ATOM   851  C  CA    . GLN A 1 137 ? -6.305  25.392  -0.718  1.00 42.31  ? 219  GLN A CA    1 
ATOM   852  C  C     . GLN A 1 137 ? -5.440  26.654  -0.572  1.00 46.38  ? 219  GLN A C     1 
ATOM   853  O  O     . GLN A 1 137 ? -4.326  26.728  -1.117  1.00 49.55  ? 219  GLN A O     1 
ATOM   854  C  CB    . GLN A 1 137 ? -5.934  24.363  0.359   1.00 40.16  ? 219  GLN A CB    1 
ATOM   855  C  CG    . GLN A 1 137 ? -4.416  24.119  0.523   1.00 47.70  ? 219  GLN A CG    1 
HETATM 856  MG MG    . MG  B 2 .   ? -4.322  15.270  1.418   1.00 16.95  ? 999  MG  A MG    1 
HETATM 857  O  O4    . DUP C 3 .   ? -1.526  4.790   2.439   1.00 16.36  ? 777  DUP A O4    1 
HETATM 858  C  C4    . DUP C 3 .   ? -1.026  5.833   2.023   1.00 14.79  ? 777  DUP A C4    1 
HETATM 859  C  C5    . DUP C 3 .   ? -1.683  7.050   1.919   1.00 14.11  ? 777  DUP A C5    1 
HETATM 860  C  C6    . DUP C 3 .   ? -0.980  8.157   1.465   1.00 14.61  ? 777  DUP A C6    1 
HETATM 861  N  N3    . DUP C 3 .   ? 0.318   5.758   1.779   1.00 14.70  ? 777  DUP A N3    1 
HETATM 862  C  C2    . DUP C 3 .   ? 0.998   6.880   1.354   1.00 14.83  ? 777  DUP A C2    1 
HETATM 863  O  O2    . DUP C 3 .   ? 2.214   6.754   1.056   1.00 15.26  ? 777  DUP A O2    1 
HETATM 864  N  N1    . DUP C 3 .   ? 0.350   8.054   1.148   1.00 14.72  ? 777  DUP A N1    1 
HETATM 865  C  "C1'" . DUP C 3 .   ? 1.104   9.240   0.628   1.00 14.10  ? 777  DUP A "C1'" 1 
HETATM 866  C  "C2'" . DUP C 3 .   ? 0.856   9.347   -0.887  1.00 16.40  ? 777  DUP A "C2'" 1 
HETATM 867  C  "C3'" . DUP C 3 .   ? -0.136  10.504  -1.022  1.00 15.70  ? 777  DUP A "C3'" 1 
HETATM 868  O  "O3'" . DUP C 3 .   ? -0.080  11.216  -2.243  1.00 16.59  ? 777  DUP A "O3'" 1 
HETATM 869  O  "O4'" . DUP C 3 .   ? 0.589   10.408  1.213   1.00 16.63  ? 777  DUP A "O4'" 1 
HETATM 870  C  "C4'" . DUP C 3 .   ? 0.241   11.327  0.195   1.00 15.53  ? 777  DUP A "C4'" 1 
HETATM 871  C  "C5'" . DUP C 3 .   ? -0.881  12.266  0.705   1.00 18.22  ? 777  DUP A "C5'" 1 
HETATM 872  O  "O5'" . DUP C 3 .   ? -2.036  11.455  1.017   1.00 15.69  ? 777  DUP A "O5'" 1 
HETATM 873  P  PA    . DUP C 3 .   ? -3.299  12.123  1.763   1.00 15.17  ? 777  DUP A PA    1 
HETATM 874  O  O1A   . DUP C 3 .   ? -3.850  13.271  1.008   1.00 15.03  ? 777  DUP A O1A   1 
HETATM 875  O  O2A   . DUP C 3 .   ? -4.240  10.975  2.088   1.00 15.84  ? 777  DUP A O2A   1 
HETATM 876  N  N3A   . DUP C 3 .   ? -2.642  12.636  3.173   1.00 14.45  ? 777  DUP A N3A   1 
HETATM 877  P  PB    . DUP C 3 .   ? -2.784  14.159  3.872   1.00 17.63  ? 777  DUP A PB    1 
HETATM 878  O  O1B   . DUP C 3 .   ? -4.022  14.884  3.410   1.00 17.02  ? 777  DUP A O1B   1 
HETATM 879  O  O2B   . DUP C 3 .   ? -2.687  13.962  5.351   1.00 21.55  ? 777  DUP A O2B   1 
HETATM 880  O  O3B   . DUP C 3 .   ? -1.471  14.988  3.411   1.00 23.55  ? 777  DUP A O3B   1 
HETATM 881  P  PG    . DUP C 3 .   ? -1.518  16.203  2.357   1.00 26.77  ? 777  DUP A PG    1 
HETATM 882  O  O2G   . DUP C 3 .   ? -2.474  15.968  1.197   1.00 22.39  ? 777  DUP A O2G   1 
HETATM 883  O  O1G   . DUP C 3 .   ? -2.071  17.368  3.109   1.00 35.93  ? 777  DUP A O1G   1 
HETATM 884  O  O3G   . DUP C 3 .   ? -0.121  16.406  1.874   1.00 32.35  ? 777  DUP A O3G   1 
HETATM 885  C  C     . TRS D 4 .   ? -11.219 0.287   6.362   0.33 19.46  ? 1001 TRS A C     1 
HETATM 886  C  C1    . TRS D 4 .   ? -12.625 0.316   6.948   0.33 28.06  ? 1001 TRS A C1    1 
HETATM 887  C  C2    . TRS D 4 .   ? -10.624 -1.105  6.434   0.33 28.02  ? 1001 TRS A C2    1 
HETATM 888  C  C3    . TRS D 4 .   ? -10.243 1.250   7.047   0.33 28.42  ? 1001 TRS A C3    1 
HETATM 889  N  N     . TRS D 4 .   ? -11.311 0.616   4.973   0.33 31.35  ? 1001 TRS A N     1 
HETATM 890  O  O1    . TRS D 4 .   ? -13.601 -0.345  6.144   0.33 23.68  ? 1001 TRS A O1    1 
HETATM 891  O  O2    . TRS D 4 .   ? -9.209  -1.066  6.372   0.33 40.70  ? 1001 TRS A O2    1 
HETATM 892  O  O3    . TRS D 4 .   ? -10.702 2.558   7.349   0.33 10.31  ? 1001 TRS A O3    1 
HETATM 893  O  O     . HOH E 5 .   ? -2.197  2.205   3.472   1.00 13.87  ? 1002 HOH A O     1 
HETATM 894  O  O     . HOH E 5 .   ? -5.508  -7.839  -7.223  1.00 15.63  ? 1003 HOH A O     1 
HETATM 895  O  O     . HOH E 5 .   ? -5.353  -1.279  -11.059 1.00 20.13  ? 1004 HOH A O     1 
HETATM 896  O  O     . HOH E 5 .   ? -4.901  -6.753  -14.566 1.00 21.80  ? 1005 HOH A O     1 
HETATM 897  O  O     . HOH E 5 .   ? -1.384  -8.722  -7.731  1.00 17.36  ? 1006 HOH A O     1 
HETATM 898  O  O     . HOH E 5 .   ? -1.010  -2.371  15.238  1.00 19.03  ? 1007 HOH A O     1 
HETATM 899  O  O     . HOH E 5 .   ? 9.790   7.027   -8.973  1.00 20.51  ? 1008 HOH A O     1 
HETATM 900  O  O     . HOH E 5 .   ? 5.394   -6.315  -6.468  1.00 23.63  ? 1009 HOH A O     1 
HETATM 901  O  O     . HOH E 5 .   ? -4.768  8.437   2.141   1.00 18.07  ? 1010 HOH A O     1 
HETATM 902  O  O     . HOH E 5 .   ? 7.136   5.555   -10.048 1.00 25.86  ? 1011 HOH A O     1 
HETATM 903  O  O     . HOH E 5 .   ? -7.628  -2.493  2.721   1.00 23.29  ? 1012 HOH A O     1 
HETATM 904  O  O     . HOH E 5 .   ? -2.033  15.834  -1.533  1.00 23.70  ? 1013 HOH A O     1 
HETATM 905  O  O     . HOH E 5 .   ? 1.560   -7.086  23.613  1.00 22.86  ? 1014 HOH A O     1 
HETATM 906  O  O     . HOH E 5 .   ? 7.296   3.954   -12.741 1.00 23.59  ? 1015 HOH A O     1 
HETATM 907  O  O     . HOH E 5 .   ? -7.382  -0.242  -12.667 1.00 18.44  ? 1016 HOH A O     1 
HETATM 908  O  O     . HOH E 5 .   ? 11.807  -10.940 8.198   1.00 28.85  ? 1017 HOH A O     1 
HETATM 909  O  O     . HOH E 5 .   ? -8.444  -7.173  -12.722 1.00 21.05  ? 1018 HOH A O     1 
HETATM 910  O  O     . HOH E 5 .   ? -9.216  20.876  -9.237  1.00 22.36  ? 1019 HOH A O     1 
HETATM 911  O  O     . HOH E 5 .   ? 4.481   4.573   11.959  1.00 24.91  ? 1020 HOH A O     1 
HETATM 912  O  O     . HOH E 5 .   ? -7.794  16.206  -10.995 1.00 24.13  ? 1021 HOH A O     1 
HETATM 913  O  O     . HOH E 5 .   ? 9.622   3.458   -14.582 1.00 30.05  ? 1022 HOH A O     1 
HETATM 914  O  O     . HOH E 5 .   ? -0.981  13.354  -14.867 1.00 25.04  ? 1023 HOH A O     1 
HETATM 915  O  O     . HOH E 5 .   ? -8.748  0.057   12.992  1.00 25.94  ? 1024 HOH A O     1 
HETATM 916  O  O     . HOH E 5 .   ? -11.234 14.615  -8.997  1.00 19.83  ? 1025 HOH A O     1 
HETATM 917  O  O     . HOH E 5 .   ? -5.219  -5.910  5.046   1.00 23.45  ? 1026 HOH A O     1 
HETATM 918  O  O     . HOH E 5 .   ? 5.684   14.350  -3.180  1.00 26.47  ? 1027 HOH A O     1 
HETATM 919  O  O     . HOH E 5 .   ? -3.893  -4.832  23.506  1.00 27.84  ? 1028 HOH A O     1 
HETATM 920  O  O     . HOH E 5 .   ? -8.672  18.885  -11.330 1.00 25.47  ? 1029 HOH A O     1 
HETATM 921  O  O     . HOH E 5 .   ? 5.522   16.429  -7.539  1.00 26.63  ? 1030 HOH A O     1 
HETATM 922  O  O     . HOH E 5 .   ? 2.650   11.641  -13.166 1.00 26.31  ? 1031 HOH A O     1 
HETATM 923  O  O     . HOH E 5 .   ? 4.057   -12.943 0.091   1.00 33.18  ? 1032 HOH A O     1 
HETATM 924  O  O     . HOH E 5 .   ? 9.047   9.564   1.318   1.00 36.22  ? 1033 HOH A O     1 
HETATM 925  O  O     . HOH E 5 .   ? 2.668   17.896  -10.778 1.00 24.99  ? 1034 HOH A O     1 
HETATM 926  O  O     . HOH E 5 .   ? 7.129   -2.902  15.297  1.00 31.02  ? 1035 HOH A O     1 
HETATM 927  O  O     . HOH E 5 .   ? -11.470 14.450  -16.454 1.00 31.91  ? 1036 HOH A O     1 
HETATM 928  O  O     . HOH E 5 .   ? 2.659   -10.140 -7.119  1.00 26.96  ? 1037 HOH A O     1 
HETATM 929  O  O     . HOH E 5 .   ? 6.997   -3.638  -2.841  1.00 29.91  ? 1038 HOH A O     1 
HETATM 930  O  O     . HOH E 5 .   ? -6.626  -13.330 -11.698 1.00 34.01  ? 1039 HOH A O     1 
HETATM 931  O  O     . HOH E 5 .   ? 10.452  7.678   3.044   1.00 34.61  ? 1040 HOH A O     1 
HETATM 932  O  O     . HOH E 5 .   ? -15.684 21.004  -12.189 1.00 29.29  ? 1041 HOH A O     1 
HETATM 933  O  O     . HOH E 5 .   ? -1.544  6.931   -18.411 1.00 29.99  ? 1042 HOH A O     1 
HETATM 934  O  O     . HOH E 5 .   ? 6.981   -12.408 16.099  1.00 27.30  ? 1043 HOH A O     1 
HETATM 935  O  O     . HOH E 5 .   ? 7.152   -5.345  -13.183 1.00 28.11  ? 1044 HOH A O     1 
HETATM 936  O  O     . HOH E 5 .   ? 1.770   2.512   -16.871 1.00 30.30  ? 1045 HOH A O     1 
HETATM 937  O  O     . HOH E 5 .   ? 7.927   16.157  -6.208  1.00 30.45  ? 1046 HOH A O     1 
HETATM 938  O  O     . HOH E 5 .   ? -7.601  5.309   5.826   1.00 27.39  ? 1047 HOH A O     1 
HETATM 939  O  O     . HOH E 5 .   ? 8.411   -0.493  8.390   1.00 35.72  ? 1048 HOH A O     1 
HETATM 940  O  O     . HOH E 5 .   ? 8.021   3.472   7.825   1.00 40.85  ? 1049 HOH A O     1 
HETATM 941  O  O     . HOH E 5 .   ? 6.214   -1.969  -15.809 1.00 30.97  ? 1050 HOH A O     1 
HETATM 942  O  O     . HOH E 5 .   ? -0.961  -7.362  22.412  1.00 27.42  ? 1051 HOH A O     1 
HETATM 943  O  O     . HOH E 5 .   ? -6.959  -2.017  19.554  1.00 31.15  ? 1052 HOH A O     1 
HETATM 944  O  O     . HOH E 5 .   ? 10.349  13.378  -3.603  1.00 31.88  ? 1053 HOH A O     1 
HETATM 945  O  O     . HOH E 5 .   ? 11.824  11.128  -3.059  1.00 32.49  ? 1054 HOH A O     1 
HETATM 946  O  O     . HOH E 5 .   ? -15.624 16.591  -13.170 1.00 40.09  ? 1055 HOH A O     1 
HETATM 947  O  O     . HOH E 5 .   ? -8.966  -1.623  15.326  1.00 31.52  ? 1056 HOH A O     1 
HETATM 948  O  O     . HOH E 5 .   ? 4.752   6.040   -12.899 1.00 35.18  ? 1057 HOH A O     1 
HETATM 949  O  O     . HOH E 5 .   ? 0.768   14.484  -2.937  1.00 42.85  ? 1058 HOH A O     1 
HETATM 950  O  O     . HOH E 5 .   ? -7.600  -11.185 14.024  1.00 36.30  ? 1059 HOH A O     1 
HETATM 951  O  O     . HOH E 5 .   ? -2.551  15.060  -18.319 1.00 35.73  ? 1060 HOH A O     1 
HETATM 952  O  O     . HOH E 5 .   ? 17.747  6.224   -5.913  1.00 32.14  ? 1061 HOH A O     1 
HETATM 953  O  O     . HOH E 5 .   ? 14.104  1.529   -2.386  1.00 38.06  ? 1062 HOH A O     1 
HETATM 954  O  O     . HOH E 5 .   ? -5.645  -15.806 5.077   1.00 36.15  ? 1063 HOH A O     1 
HETATM 955  O  O     . HOH E 5 .   ? -7.667  -4.549  5.473   1.00 35.40  ? 1064 HOH A O     1 
HETATM 956  O  O     . HOH E 5 .   ? 5.823   -0.475  13.018  1.00 34.54  ? 1065 HOH A O     1 
HETATM 957  O  O     . HOH E 5 .   ? -6.939  27.246  -7.423  1.00 38.58  ? 1066 HOH A O     1 
HETATM 958  O  O     . HOH E 5 .   ? 8.058   -4.341  13.750  1.00 43.60  ? 1067 HOH A O     1 
HETATM 959  O  O     . HOH E 5 .   ? -1.191  -7.948  -16.947 1.00 32.81  ? 1068 HOH A O     1 
HETATM 960  O  O     . HOH E 5 .   ? 10.933  4.436   5.092   1.00 37.13  ? 1069 HOH A O     1 
HETATM 961  O  O     . HOH E 5 .   ? 1.675   14.422  0.185   1.00 45.50  ? 1070 HOH A O     1 
HETATM 962  O  O     . HOH E 5 .   ? 12.360  2.899   2.791   1.00 40.09  ? 1071 HOH A O     1 
HETATM 963  O  O     . HOH E 5 .   ? -8.355  -6.536  1.087   1.00 35.86  ? 1072 HOH A O     1 
HETATM 964  O  O     . HOH E 5 .   ? 1.306   -13.281 12.154  1.00 40.83  ? 1073 HOH A O     1 
HETATM 965  O  O     . HOH E 5 .   ? -16.573 20.083  -8.252  1.00 35.31  ? 1074 HOH A O     1 
HETATM 966  O  O     . HOH E 5 .   ? -5.762  -2.510  21.711  1.00 37.69  ? 1075 HOH A O     1 
HETATM 967  O  O     . HOH E 5 .   ? 11.052  -6.644  0.417   1.00 44.36  ? 1076 HOH A O     1 
HETATM 968  O  O     . HOH E 5 .   ? -0.142  15.454  6.099   1.00 33.99  ? 1077 HOH A O     1 
HETATM 969  O  O     . HOH E 5 .   ? 7.094   0.513   10.664  1.00 39.76  ? 1078 HOH A O     1 
HETATM 970  O  O     . HOH E 5 .   ? 11.672  10.825  -0.387  1.00 40.55  ? 1079 HOH A O     1 
HETATM 971  O  O     . HOH E 5 .   ? -0.314  5.572   15.199  1.00 43.66  ? 1080 HOH A O     1 
HETATM 972  O  O     . HOH E 5 .   ? 2.669   5.132   13.961  1.00 38.24  ? 1081 HOH A O     1 
HETATM 973  O  O     . HOH E 5 .   ? 11.166  0.258   8.168   1.00 43.60  ? 1082 HOH A O     1 
HETATM 974  O  O     . HOH E 5 .   ? 15.254  -3.783  6.901   1.00 44.67  ? 1083 HOH A O     1 
HETATM 975  O  O     . HOH E 5 .   ? -2.046  -13.015 19.480  1.00 51.51  ? 1084 HOH A O     1 
HETATM 976  O  O     . HOH E 5 .   ? -12.421 20.722  -15.441 1.00 47.95  ? 1085 HOH A O     1 
HETATM 977  O  O     . HOH E 5 .   ? 2.791   -13.272 15.368  1.00 43.65  ? 1086 HOH A O     1 
HETATM 978  O  O     . HOH E 5 .   ? 4.695   7.074   11.075  1.00 40.87  ? 1087 HOH A O     1 
HETATM 979  O  O     . HOH E 5 .   ? 8.862   -3.362  -1.077  1.00 41.10  ? 1088 HOH A O     1 
HETATM 980  O  O     . HOH E 5 .   ? 5.569   7.632   7.585   1.00 42.90  ? 1089 HOH A O     1 
HETATM 981  O  O     . HOH E 5 .   ? -8.504  24.722  -10.100 1.00 39.70  ? 1090 HOH A O     1 
HETATM 982  O  O     . HOH E 5 .   ? 0.359   6.689   -20.156 1.00 42.12  ? 1091 HOH A O     1 
HETATM 983  O  O     . HOH E 5 .   ? 2.192   8.042   13.729  1.00 42.22  ? 1092 HOH A O     1 
HETATM 984  O  O     . HOH E 5 .   ? -2.140  -13.687 11.960  1.00 44.64  ? 1093 HOH A O     1 
HETATM 985  O  O     . HOH E 5 .   ? -5.045  0.398   23.069  1.00 52.52  ? 1094 HOH A O     1 
HETATM 986  O  O     . HOH E 5 .   ? 13.855  8.581   0.348   1.00 43.16  ? 1095 HOH A O     1 
HETATM 987  O  O     . HOH E 5 .   ? -2.958  2.000   22.696  1.00 38.02  ? 1096 HOH A O     1 
HETATM 988  O  O     . HOH E 5 .   ? 12.306  -13.202 6.767   1.00 52.96  ? 1097 HOH A O     1 
HETATM 989  O  O     . HOH E 5 .   ? 13.658  3.888   0.452   1.00 39.79  ? 1098 HOH A O     1 
HETATM 990  O  O     . HOH E 5 .   ? 2.920   -13.973 18.419  1.00 40.45  ? 1099 HOH A O     1 
HETATM 991  O  O     . HOH E 5 .   ? -4.835  -7.243  22.619  1.00 46.54  ? 1100 HOH A O     1 
HETATM 992  O  O     . HOH E 5 .   ? -1.600  15.794  -11.813 1.00 48.40  ? 1101 HOH A O     1 
HETATM 993  O  O     . HOH E 5 .   ? -16.435 14.699  -14.718 1.00 38.76  ? 1102 HOH A O     1 
HETATM 994  O  O     . HOH E 5 .   ? 0.334   17.284  -0.907  1.00 45.63  ? 1103 HOH A O     1 
HETATM 995  O  O     . HOH E 5 .   ? -1.747  3.409   20.775  1.00 46.66  ? 1104 HOH A O     1 
HETATM 996  O  O     . HOH E 5 .   ? -0.768  -14.195 2.339   1.00 40.37  ? 1105 HOH A O     1 
HETATM 997  O  O     . HOH E 5 .   ? 3.208   4.796   -17.669 1.00 39.80  ? 1106 HOH A O     1 
HETATM 998  O  O     . HOH E 5 .   ? -6.532  18.539  -19.672 1.00 51.52  ? 1107 HOH A O     1 
HETATM 999  O  O     . HOH E 5 .   ? 2.833   15.465  -3.631  1.00 58.77  ? 1108 HOH A O     1 
HETATM 1000 O  O     . HOH E 5 .   ? 2.369   -12.385 2.672   1.00 41.84  ? 1109 HOH A O     1 
HETATM 1001 O  O     . HOH E 5 .   ? -8.918  -5.260  19.121  1.00 43.80  ? 1110 HOH A O     1 
HETATM 1002 O  O     . HOH E 5 .   ? -12.765 12.435  -16.906 1.00 41.23  ? 1111 HOH A O     1 
HETATM 1003 O  O     . HOH E 5 .   ? 0.517   19.360  -7.455  1.00 32.22  ? 1112 HOH A O     1 
HETATM 1004 O  O     . HOH E 5 .   ? 10.224  -6.177  -10.790 1.00 45.75  ? 1113 HOH A O     1 
HETATM 1005 O  O     . HOH E 5 .   ? -2.988  -6.624  3.239   1.00 32.35  ? 1114 HOH A O     1 
HETATM 1006 O  O     . HOH E 5 .   ? 8.154   -2.957  5.825   1.00 24.57  ? 1115 HOH A O     1 
HETATM 1007 O  O     . HOH E 5 .   ? -5.542  -9.217  14.656  1.00 31.20  ? 1116 HOH A O     1 
HETATM 1008 O  O     . HOH E 5 .   ? -11.277 -14.089 0.916   1.00 42.75  ? 1117 HOH A O     1 
HETATM 1009 O  O     . HOH E 5 .   ? 5.149   0.005   -16.105 1.00 38.63  ? 1118 HOH A O     1 
HETATM 1010 O  O     . HOH E 5 .   ? 4.912   -13.818 7.368   1.00 45.81  ? 1119 HOH A O     1 
HETATM 1011 O  O     . HOH E 5 .   ? 3.933   -10.309 6.371   1.00 54.76  ? 1120 HOH A O     1 
HETATM 1012 O  O     . HOH E 5 .   ? 2.714   -12.520 -6.625  1.00 46.92  ? 1121 HOH A O     1 
HETATM 1013 O  O     . HOH E 5 .   ? -9.590  10.794  -16.410 1.00 47.84  ? 1122 HOH A O     1 
HETATM 1014 O  O     . HOH E 5 .   ? -15.617 12.484  -15.963 1.00 42.70  ? 1123 HOH A O     1 
HETATM 1015 O  O     . HOH E 5 .   ? 11.646  -2.495  -2.503  1.00 50.32  ? 1124 HOH A O     1 
HETATM 1016 O  O     . HOH E 5 .   ? 10.744  -14.756 9.104   1.00 50.28  ? 1125 HOH A O     1 
HETATM 1017 O  O     . HOH E 5 .   ? 2.676   6.600   -19.426 1.00 48.87  ? 1126 HOH A O     1 
HETATM 1018 O  O     . HOH E 5 .   ? -4.941  17.130  1.968   1.00 17.48  ? 1127 HOH A O     1 
HETATM 1019 O  O     . HOH E 5 .   ? -6.363  14.682  1.473   1.00 16.37  ? 1128 HOH A O     1 
HETATM 1020 O  O     . HOH E 5 .   ? 16.134  2.007   -4.155  1.00 29.44  ? 1129 HOH A O     1 
HETATM 1021 O  O     . HOH E 5 .   ? -4.594  15.618  -0.656  1.00 17.23  ? 1130 HOH A O     1 
HETATM 1022 O  O     . HOH E 5 .   ? -2.944  19.402  2.907   1.00 49.20  ? 1131 HOH A O     1 
HETATM 1023 O  O     . HOH E 5 .   ? -7.560  -13.206 12.164  1.00 52.64  ? 1132 HOH A O     1 
HETATM 1024 O  O     . HOH E 5 .   ? 9.728   8.662   5.140   1.00 61.16  ? 1133 HOH A O     1 
HETATM 1025 O  O     . HOH E 5 .   ? 12.381  0.647   2.572   1.00 52.43  ? 1134 HOH A O     1 
HETATM 1026 O  O     . HOH E 5 .   ? -6.588  13.559  -15.414 1.00 47.22  ? 1135 HOH A O     1 
HETATM 1027 O  O     . HOH E 5 .   ? 0.833   -12.452 8.973   1.00 55.93  ? 1136 HOH A O     1 
HETATM 1028 O  O     . HOH E 5 .   ? -1.670  -13.394 14.089  1.00 50.12  ? 1137 HOH A O     1 
HETATM 1029 O  O     . HOH E 5 .   ? 7.062   -7.338  6.979   1.00 33.98  ? 1138 HOH A O     1 
# 
loop_
_pdbx_poly_seq_scheme.asym_id 
_pdbx_poly_seq_scheme.entity_id 
_pdbx_poly_seq_scheme.seq_id 
_pdbx_poly_seq_scheme.mon_id 
_pdbx_poly_seq_scheme.ndb_seq_num 
_pdbx_poly_seq_scheme.pdb_seq_num 
_pdbx_poly_seq_scheme.auth_seq_num 
_pdbx_poly_seq_scheme.pdb_mon_id 
_pdbx_poly_seq_scheme.auth_mon_id 
_pdbx_poly_seq_scheme.pdb_strand_id 
_pdbx_poly_seq_scheme.pdb_ins_code 
_pdbx_poly_seq_scheme.hetero 
A 1 1   LYS 1   83  ?   ?   ?   A . n 
A 1 2   ARG 2   84  ?   ?   ?   A . n 
A 1 3   VAL 3   85  ?   ?   ?   A . n 
A 1 4   GLU 4   86  ?   ?   ?   A . n 
A 1 5   GLY 5   87  ?   ?   ?   A . n 
A 1 6   PRO 6   88  ?   ?   ?   A . n 
A 1 7   ALA 7   89  ?   ?   ?   A . n 
A 1 8   PRO 8   90  ?   ?   ?   A . n 
A 1 9   GLY 9   91  ?   ?   ?   A . n 
A 1 10  PRO 10  92  ?   ?   ?   A . n 
A 1 11  GLU 11  93  ?   ?   ?   A . n 
A 1 12  THR 12  94  ?   ?   ?   A . n 
A 1 13  SER 13  95  ?   ?   ?   A . n 
A 1 14  LEU 14  96  ?   ?   ?   A . n 
A 1 15  TRP 15  97  ?   ?   ?   A . n 
A 1 16  GLY 16  98  ?   ?   ?   A . n 
A 1 17  SER 17  99  ?   ?   ?   A . n 
A 1 18  GLN 18  100 ?   ?   ?   A . n 
A 1 19  LEU 19  101 ?   ?   ?   A . n 
A 1 20  CYS 20  102 ?   ?   ?   A . n 
A 1 21  SER 21  103 ?   ?   ?   A . n 
A 1 22  SER 22  104 ?   ?   ?   A . n 
A 1 23  GLN 23  105 ?   ?   ?   A . n 
A 1 24  GLN 24  106 ?   ?   ?   A . n 
A 1 25  LYS 25  107 106 LYS LYS A . n 
A 1 26  GLN 26  108 107 GLN GLN A . n 
A 1 27  PRO 27  109 108 PRO PRO A . n 
A 1 28  ILE 28  110 109 ILE ILE A . n 
A 1 29  SER 29  111 110 SER SER A . n 
A 1 30  LYS 30  112 111 LYS LYS A . n 
A 1 31  LEU 31  113 112 LEU LEU A . n 
A 1 32  THR 32  114 113 THR THR A . n 
A 1 33  ARG 33  115 114 ARG ARG A . n 
A 1 34  ALA 34  116 115 ALA ALA A . n 
A 1 35  THR 35  117 116 THR THR A . n 
A 1 36  PRO 36  118 117 PRO PRO A . n 
A 1 37  GLY 37  119 118 GLY GLY A . n 
A 1 38  SER 38  120 119 SER SER A . n 
A 1 39  ALA 39  121 120 ALA ALA A . n 
A 1 40  GLY 40  122 121 GLY GLY A . n 
A 1 41  LEU 41  123 122 LEU LEU A . n 
A 1 42  ASP 42  124 123 ASP ASP A . n 
A 1 43  LEU 43  125 124 LEU LEU A . n 
A 1 44  CYS 44  126 125 CYS CYS A . n 
A 1 45  SER 45  127 126 SER SER A . n 
A 1 46  THR 46  128 127 THR THR A . n 
A 1 47  SER 47  129 128 SER SER A . n 
A 1 48  HIS 48  130 129 HIS HIS A . n 
A 1 49  THR 49  131 130 THR THR A . n 
A 1 50  VAL 50  132 131 VAL VAL A . n 
A 1 51  LEU 51  133 132 LEU LEU A . n 
A 1 52  THR 52  134 133 THR THR A . n 
A 1 53  PRO 53  135 134 PRO PRO A . n 
A 1 54  GLU 54  136 135 GLU GLU A . n 
A 1 55  MET 55  137 136 MET MET A . n 
A 1 56  GLY 56  138 137 GLY GLY A . n 
A 1 57  PRO 57  139 138 PRO PRO A . n 
A 1 58  GLN 58  140 139 GLN GLN A . n 
A 1 59  ALA 59  141 140 ALA ALA A . n 
A 1 60  LEU 60  142 141 LEU LEU A . n 
A 1 61  SER 61  143 142 SER SER A . n 
A 1 62  THR 62  144 143 THR THR A . n 
A 1 63  GLY 63  145 144 GLY GLY A . n 
A 1 64  ILE 64  146 145 ILE ILE A . n 
A 1 65  TYR 65  147 146 TYR TYR A . n 
A 1 66  GLY 66  148 147 GLY GLY A . n 
A 1 67  PRO 67  149 148 PRO PRO A . n 
A 1 68  LEU 68  150 149 LEU LEU A . n 
A 1 69  PRO 69  151 150 PRO PRO A . n 
A 1 70  PRO 70  152 151 PRO PRO A . n 
A 1 71  ASN 71  153 152 ASN ASN A . n 
A 1 72  THR 72  154 153 THR THR A . n 
A 1 73  PHE 73  155 154 PHE PHE A . n 
A 1 74  GLY 74  156 155 GLY GLY A . n 
A 1 75  LEU 75  157 156 LEU LEU A . n 
A 1 76  ILE 76  158 157 ILE ILE A . n 
A 1 77  LEU 77  159 158 LEU LEU A . n 
A 1 78  GLY 78  160 159 GLY GLY A . n 
A 1 79  ARG 79  161 160 ARG ARG A . n 
A 1 80  SER 80  162 161 SER SER A . n 
A 1 81  SER 81  163 162 SER SER A . n 
A 1 82  ILE 82  164 163 ILE ILE A . n 
A 1 83  THR 83  165 164 THR THR A . n 
A 1 84  MET 84  166 165 MET MET A . n 
A 1 85  LYS 85  167 166 LYS LYS A . n 
A 1 86  GLY 86  168 167 GLY GLY A . n 
A 1 87  LEU 87  169 168 LEU LEU A . n 
A 1 88  GLN 88  170 169 GLN GLN A . n 
A 1 89  VAL 89  171 170 VAL VAL A . n 
A 1 90  TYR 90  172 171 TYR TYR A . n 
A 1 91  PRO 91  173 172 PRO PRO A . n 
A 1 92  GLY 92  174 173 GLY GLY A . n 
A 1 93  VAL 93  175 174 VAL VAL A . n 
A 1 94  ILE 94  176 175 ILE ILE A . n 
A 1 95  ASP 95  177 176 ASP ASP A . n 
A 1 96  ASN 96  178 177 ASN ASN A . n 
A 1 97  ASP 97  179 178 ASP ASP A . n 
A 1 98  TYR 98  180 179 TYR TYR A . n 
A 1 99  THR 99  181 180 THR THR A . n 
A 1 100 GLY 100 182 181 GLY GLY A . n 
A 1 101 GLU 101 183 182 GLU GLU A . n 
A 1 102 ILE 102 184 183 ILE ILE A . n 
A 1 103 LYS 103 185 184 LYS LYS A . n 
A 1 104 ILE 104 186 185 ILE ILE A . n 
A 1 105 MET 105 187 186 MET MET A . n 
A 1 106 ALA 106 188 187 ALA ALA A . n 
A 1 107 LYS 107 189 188 LYS LYS A . n 
A 1 108 ALA 108 190 189 ALA ALA A . n 
A 1 109 VAL 109 191 190 VAL VAL A . n 
A 1 110 ASN 110 192 191 ASN ASN A . n 
A 1 111 ASN 111 193 192 ASN ASN A . n 
A 1 112 ILE 112 194 193 ILE ILE A . n 
A 1 113 VAL 113 195 194 VAL VAL A . n 
A 1 114 THR 114 196 195 THR THR A . n 
A 1 115 VAL 115 197 196 VAL VAL A . n 
A 1 116 SER 116 198 197 SER SER A . n 
A 1 117 GLN 117 199 198 GLN GLN A . n 
A 1 118 GLY 118 200 199 GLY GLY A . n 
A 1 119 ASN 119 201 200 ASN ASN A . n 
A 1 120 ARG 120 202 201 ARG ARG A . n 
A 1 121 ILE 121 203 202 ILE ILE A . n 
A 1 122 ALA 122 204 203 ALA ALA A . n 
A 1 123 GLN 123 205 204 GLN GLN A . n 
A 1 124 LEU 124 206 205 LEU LEU A . n 
A 1 125 ILE 125 207 206 ILE ILE A . n 
A 1 126 LEU 126 208 207 LEU LEU A . n 
A 1 127 LEU 127 209 208 LEU LEU A . n 
A 1 128 PRO 128 210 209 PRO PRO A . n 
A 1 129 LEU 129 211 210 LEU LEU A . n 
A 1 130 ILE 130 212 211 ILE ILE A . n 
A 1 131 GLU 131 213 212 GLU GLU A . n 
A 1 132 THR 132 214 213 THR THR A . n 
A 1 133 ASP 133 215 214 ASP ASP A . n 
A 1 134 ASN 134 216 215 ASN ASN A . n 
A 1 135 LYS 135 217 216 LYS LYS A . n 
A 1 136 VAL 136 218 217 VAL VAL A . n 
A 1 137 GLN 137 219 218 GLN GLN A . n 
A 1 138 GLN 138 220 ?   ?   ?   A . n 
A 1 139 PRO 139 221 ?   ?   ?   A . n 
A 1 140 TYR 140 222 ?   ?   ?   A . n 
A 1 141 ARG 141 223 ?   ?   ?   A . n 
A 1 142 GLY 142 224 ?   ?   ?   A . n 
A 1 143 GLN 143 225 ?   ?   ?   A . n 
A 1 144 GLY 144 226 ?   ?   ?   A . n 
A 1 145 SER 145 227 ?   ?   ?   A . n 
A 1 146 PHE 146 228 ?   ?   ?   A . n 
A 1 147 GLY 147 229 ?   ?   ?   A . n 
A 1 148 SER 148 230 ?   ?   ?   A . n 
A 1 149 SER 149 231 ?   ?   ?   A . n 
A 1 150 ASP 150 232 ?   ?   ?   A . n 
A 1 151 ILE 151 233 ?   ?   ?   A . n 
A 1 152 TYR 152 234 ?   ?   ?   A . n 
# 
loop_
_pdbx_nonpoly_scheme.asym_id 
_pdbx_nonpoly_scheme.entity_id 
_pdbx_nonpoly_scheme.mon_id 
_pdbx_nonpoly_scheme.ndb_seq_num 
_pdbx_nonpoly_scheme.pdb_seq_num 
_pdbx_nonpoly_scheme.auth_seq_num 
_pdbx_nonpoly_scheme.pdb_mon_id 
_pdbx_nonpoly_scheme.auth_mon_id 
_pdbx_nonpoly_scheme.pdb_strand_id 
_pdbx_nonpoly_scheme.pdb_ins_code 
B 2 MG  1   999  999 MG  MG  A . 
C 3 DUP 1   777  777 DUP UNP A . 
D 4 TRS 1   1001 1   TRS TRS A . 
E 5 HOH 1   1002 1   HOH HOH A . 
E 5 HOH 2   1003 2   HOH HOH A . 
E 5 HOH 3   1004 3   HOH HOH A . 
E 5 HOH 4   1005 4   HOH HOH A . 
E 5 HOH 5   1006 5   HOH HOH A . 
E 5 HOH 6   1007 6   HOH HOH A . 
E 5 HOH 7   1008 8   HOH HOH A . 
E 5 HOH 8   1009 9   HOH HOH A . 
E 5 HOH 9   1010 10  HOH HOH A . 
E 5 HOH 10  1011 11  HOH HOH A . 
E 5 HOH 11  1012 12  HOH HOH A . 
E 5 HOH 12  1013 13  HOH HOH A . 
E 5 HOH 13  1014 15  HOH HOH A . 
E 5 HOH 14  1015 16  HOH HOH A . 
E 5 HOH 15  1016 17  HOH HOH A . 
E 5 HOH 16  1017 18  HOH HOH A . 
E 5 HOH 17  1018 19  HOH HOH A . 
E 5 HOH 18  1019 20  HOH HOH A . 
E 5 HOH 19  1020 21  HOH HOH A . 
E 5 HOH 20  1021 22  HOH HOH A . 
E 5 HOH 21  1022 23  HOH HOH A . 
E 5 HOH 22  1023 24  HOH HOH A . 
E 5 HOH 23  1024 25  HOH HOH A . 
E 5 HOH 24  1025 26  HOH HOH A . 
E 5 HOH 25  1026 27  HOH HOH A . 
E 5 HOH 26  1027 28  HOH HOH A . 
E 5 HOH 27  1028 29  HOH HOH A . 
E 5 HOH 28  1029 30  HOH HOH A . 
E 5 HOH 29  1030 31  HOH HOH A . 
E 5 HOH 30  1031 32  HOH HOH A . 
E 5 HOH 31  1032 33  HOH HOH A . 
E 5 HOH 32  1033 34  HOH HOH A . 
E 5 HOH 33  1034 35  HOH HOH A . 
E 5 HOH 34  1035 36  HOH HOH A . 
E 5 HOH 35  1036 37  HOH HOH A . 
E 5 HOH 36  1037 38  HOH HOH A . 
E 5 HOH 37  1038 39  HOH HOH A . 
E 5 HOH 38  1039 40  HOH HOH A . 
E 5 HOH 39  1040 42  HOH HOH A . 
E 5 HOH 40  1041 43  HOH HOH A . 
E 5 HOH 41  1042 44  HOH HOH A . 
E 5 HOH 42  1043 45  HOH HOH A . 
E 5 HOH 43  1044 46  HOH HOH A . 
E 5 HOH 44  1045 47  HOH HOH A . 
E 5 HOH 45  1046 48  HOH HOH A . 
E 5 HOH 46  1047 49  HOH HOH A . 
E 5 HOH 47  1048 50  HOH HOH A . 
E 5 HOH 48  1049 51  HOH HOH A . 
E 5 HOH 49  1050 52  HOH HOH A . 
E 5 HOH 50  1051 53  HOH HOH A . 
E 5 HOH 51  1052 54  HOH HOH A . 
E 5 HOH 52  1053 55  HOH HOH A . 
E 5 HOH 53  1054 56  HOH HOH A . 
E 5 HOH 54  1055 57  HOH HOH A . 
E 5 HOH 55  1056 58  HOH HOH A . 
E 5 HOH 56  1057 59  HOH HOH A . 
E 5 HOH 57  1058 60  HOH HOH A . 
E 5 HOH 58  1059 61  HOH HOH A . 
E 5 HOH 59  1060 62  HOH HOH A . 
E 5 HOH 60  1061 63  HOH HOH A . 
E 5 HOH 61  1062 64  HOH HOH A . 
E 5 HOH 62  1063 65  HOH HOH A . 
E 5 HOH 63  1064 66  HOH HOH A . 
E 5 HOH 64  1065 67  HOH HOH A . 
E 5 HOH 65  1066 68  HOH HOH A . 
E 5 HOH 66  1067 69  HOH HOH A . 
E 5 HOH 67  1068 70  HOH HOH A . 
E 5 HOH 68  1069 71  HOH HOH A . 
E 5 HOH 69  1070 72  HOH HOH A . 
E 5 HOH 70  1071 73  HOH HOH A . 
E 5 HOH 71  1072 74  HOH HOH A . 
E 5 HOH 72  1073 75  HOH HOH A . 
E 5 HOH 73  1074 76  HOH HOH A . 
E 5 HOH 74  1075 77  HOH HOH A . 
E 5 HOH 75  1076 78  HOH HOH A . 
E 5 HOH 76  1077 79  HOH HOH A . 
E 5 HOH 77  1078 80  HOH HOH A . 
E 5 HOH 78  1079 81  HOH HOH A . 
E 5 HOH 79  1080 82  HOH HOH A . 
E 5 HOH 80  1081 83  HOH HOH A . 
E 5 HOH 81  1082 84  HOH HOH A . 
E 5 HOH 82  1083 85  HOH HOH A . 
E 5 HOH 83  1084 86  HOH HOH A . 
E 5 HOH 84  1085 87  HOH HOH A . 
E 5 HOH 85  1086 88  HOH HOH A . 
E 5 HOH 86  1087 89  HOH HOH A . 
E 5 HOH 87  1088 90  HOH HOH A . 
E 5 HOH 88  1089 91  HOH HOH A . 
E 5 HOH 89  1090 92  HOH HOH A . 
E 5 HOH 90  1091 93  HOH HOH A . 
E 5 HOH 91  1092 94  HOH HOH A . 
E 5 HOH 92  1093 95  HOH HOH A . 
E 5 HOH 93  1094 96  HOH HOH A . 
E 5 HOH 94  1095 97  HOH HOH A . 
E 5 HOH 95  1096 98  HOH HOH A . 
E 5 HOH 96  1097 99  HOH HOH A . 
E 5 HOH 97  1098 100 HOH HOH A . 
E 5 HOH 98  1099 101 HOH HOH A . 
E 5 HOH 99  1100 102 HOH HOH A . 
E 5 HOH 100 1101 103 HOH HOH A . 
E 5 HOH 101 1102 104 HOH HOH A . 
E 5 HOH 102 1103 105 HOH HOH A . 
E 5 HOH 103 1104 106 HOH HOH A . 
E 5 HOH 104 1105 107 HOH HOH A . 
E 5 HOH 105 1106 108 HOH HOH A . 
E 5 HOH 106 1107 109 HOH HOH A . 
E 5 HOH 107 1108 111 HOH HOH A . 
E 5 HOH 108 1109 112 HOH HOH A . 
E 5 HOH 109 1110 113 HOH HOH A . 
E 5 HOH 110 1111 114 HOH HOH A . 
E 5 HOH 111 1112 115 HOH HOH A . 
E 5 HOH 112 1113 116 HOH HOH A . 
E 5 HOH 113 1114 118 HOH HOH A . 
E 5 HOH 114 1115 120 HOH HOH A . 
E 5 HOH 115 1116 121 HOH HOH A . 
E 5 HOH 116 1117 122 HOH HOH A . 
E 5 HOH 117 1118 125 HOH HOH A . 
E 5 HOH 118 1119 126 HOH HOH A . 
E 5 HOH 119 1120 127 HOH HOH A . 
E 5 HOH 120 1121 128 HOH HOH A . 
E 5 HOH 121 1122 129 HOH HOH A . 
E 5 HOH 122 1123 130 HOH HOH A . 
E 5 HOH 123 1124 131 HOH HOH A . 
E 5 HOH 124 1125 132 HOH HOH A . 
E 5 HOH 125 1126 133 HOH HOH A . 
E 5 HOH 126 1127 134 HOH HOH A . 
E 5 HOH 127 1128 135 HOH HOH A . 
E 5 HOH 128 1129 136 HOH HOH A . 
E 5 HOH 129 1130 137 HOH HOH A . 
E 5 HOH 130 1131 138 HOH HOH A . 
E 5 HOH 131 1132 139 HOH HOH A . 
E 5 HOH 132 1133 140 HOH HOH A . 
E 5 HOH 133 1134 141 HOH HOH A . 
E 5 HOH 134 1135 142 HOH HOH A . 
E 5 HOH 135 1136 143 HOH HOH A . 
E 5 HOH 136 1137 144 HOH HOH A . 
E 5 HOH 137 1138 145 HOH HOH A . 
# 
_pdbx_struct_assembly.id                   1 
_pdbx_struct_assembly.details              author_and_software_defined_assembly 
_pdbx_struct_assembly.method_details       PISA,PQS 
_pdbx_struct_assembly.oligomeric_details   trimeric 
_pdbx_struct_assembly.oligomeric_count     3 
# 
_pdbx_struct_assembly_gen.assembly_id       1 
_pdbx_struct_assembly_gen.oper_expression   1,2,3 
_pdbx_struct_assembly_gen.asym_id_list      A,B,C,D,E 
# 
loop_
_pdbx_struct_assembly_prop.biol_id 
_pdbx_struct_assembly_prop.type 
_pdbx_struct_assembly_prop.value 
_pdbx_struct_assembly_prop.details 
1 'ABSA (A^2)' 10160 ? 
1 MORE         -84   ? 
1 'SSA (A^2)'  13550 ? 
# 
loop_
_pdbx_struct_oper_list.id 
_pdbx_struct_oper_list.type 
_pdbx_struct_oper_list.name 
_pdbx_struct_oper_list.symmetry_operation 
_pdbx_struct_oper_list.matrix[1][1] 
_pdbx_struct_oper_list.matrix[1][2] 
_pdbx_struct_oper_list.matrix[1][3] 
_pdbx_struct_oper_list.vector[1] 
_pdbx_struct_oper_list.matrix[2][1] 
_pdbx_struct_oper_list.matrix[2][2] 
_pdbx_struct_oper_list.matrix[2][3] 
_pdbx_struct_oper_list.vector[2] 
_pdbx_struct_oper_list.matrix[3][1] 
_pdbx_struct_oper_list.matrix[3][2] 
_pdbx_struct_oper_list.matrix[3][3] 
_pdbx_struct_oper_list.vector[3] 
1 'identity operation'         1_555 x,y,z        1.0000000000  0.0000000000  0.0000000000  0.0000000000   0.0000000000  1.0000000000  0.0000000000  0.0000000000  0.0000000000  0.0000000000  1.0000000000 0.0000000000  
2 'crystal symmetry operation' 2_775 -y+2,x-y+2,z -0.4961952469 0.8244220923  0.2722471133  -18.7220151899 -0.8591088369 -0.4209429478 -0.2910997100 -7.5218084906 -0.1253885296 -0.3783321933 0.9171381947 -0.8065021279 
3 'crystal symmetry operation' 3_575 -x+y,-x+2,z  -0.4961952469 -0.8591088369 -0.1253885296 -15.8529532101 0.8244220923  -0.4209429478 -0.3783321933 11.9634649755 0.2722471133  -0.2910997100 0.9171381947 3.6470922258 
# 
loop_
_pdbx_struct_special_symmetry.id 
_pdbx_struct_special_symmetry.PDB_model_num 
_pdbx_struct_special_symmetry.auth_asym_id 
_pdbx_struct_special_symmetry.auth_comp_id 
_pdbx_struct_special_symmetry.auth_seq_id 
_pdbx_struct_special_symmetry.PDB_ins_code 
_pdbx_struct_special_symmetry.label_asym_id 
_pdbx_struct_special_symmetry.label_comp_id 
_pdbx_struct_special_symmetry.label_seq_id 
1 1 A TRS 1001 ? D TRS . 
2 1 A TRS 1001 ? D TRS . 
# 
loop_
_pdbx_struct_conn_angle.id 
_pdbx_struct_conn_angle.ptnr1_label_atom_id 
_pdbx_struct_conn_angle.ptnr1_label_alt_id 
_pdbx_struct_conn_angle.ptnr1_label_asym_id 
_pdbx_struct_conn_angle.ptnr1_label_comp_id 
_pdbx_struct_conn_angle.ptnr1_label_seq_id 
_pdbx_struct_conn_angle.ptnr1_auth_atom_id 
_pdbx_struct_conn_angle.ptnr1_auth_asym_id 
_pdbx_struct_conn_angle.ptnr1_auth_comp_id 
_pdbx_struct_conn_angle.ptnr1_auth_seq_id 
_pdbx_struct_conn_angle.ptnr1_PDB_ins_code 
_pdbx_struct_conn_angle.ptnr1_symmetry 
_pdbx_struct_conn_angle.ptnr2_label_atom_id 
_pdbx_struct_conn_angle.ptnr2_label_alt_id 
_pdbx_struct_conn_angle.ptnr2_label_asym_id 
_pdbx_struct_conn_angle.ptnr2_label_comp_id 
_pdbx_struct_conn_angle.ptnr2_label_seq_id 
_pdbx_struct_conn_angle.ptnr2_auth_atom_id 
_pdbx_struct_conn_angle.ptnr2_auth_asym_id 
_pdbx_struct_conn_angle.ptnr2_auth_comp_id 
_pdbx_struct_conn_angle.ptnr2_auth_seq_id 
_pdbx_struct_conn_angle.ptnr2_PDB_ins_code 
_pdbx_struct_conn_angle.ptnr2_symmetry 
_pdbx_struct_conn_angle.ptnr3_label_atom_id 
_pdbx_struct_conn_angle.ptnr3_label_alt_id 
_pdbx_struct_conn_angle.ptnr3_label_asym_id 
_pdbx_struct_conn_angle.ptnr3_label_comp_id 
_pdbx_struct_conn_angle.ptnr3_label_seq_id 
_pdbx_struct_conn_angle.ptnr3_auth_atom_id 
_pdbx_struct_conn_angle.ptnr3_auth_asym_id 
_pdbx_struct_conn_angle.ptnr3_auth_comp_id 
_pdbx_struct_conn_angle.ptnr3_auth_seq_id 
_pdbx_struct_conn_angle.ptnr3_PDB_ins_code 
_pdbx_struct_conn_angle.ptnr3_symmetry 
_pdbx_struct_conn_angle.value 
_pdbx_struct_conn_angle.value_esd 
1  O2G ? C DUP . ? A DUP 777  ? 1_555 MG ? B MG . ? A MG 999 ? 1_555 O1B ? C DUP . ? A DUP 777  ? 1_555 92.2  ? 
2  O2G ? C DUP . ? A DUP 777  ? 1_555 MG ? B MG . ? A MG 999 ? 1_555 O1A ? C DUP . ? A DUP 777  ? 1_555 96.0  ? 
3  O1B ? C DUP . ? A DUP 777  ? 1_555 MG ? B MG . ? A MG 999 ? 1_555 O1A ? C DUP . ? A DUP 777  ? 1_555 88.7  ? 
4  O2G ? C DUP . ? A DUP 777  ? 1_555 MG ? B MG . ? A MG 999 ? 1_555 O   ? E HOH . ? A HOH 1127 ? 1_555 89.5  ? 
5  O1B ? C DUP . ? A DUP 777  ? 1_555 MG ? B MG . ? A MG 999 ? 1_555 O   ? E HOH . ? A HOH 1127 ? 1_555 87.4  ? 
6  O1A ? C DUP . ? A DUP 777  ? 1_555 MG ? B MG . ? A MG 999 ? 1_555 O   ? E HOH . ? A HOH 1127 ? 1_555 173.4 ? 
7  O2G ? C DUP . ? A DUP 777  ? 1_555 MG ? B MG . ? A MG 999 ? 1_555 O   ? E HOH . ? A HOH 1128 ? 1_555 173.2 ? 
8  O1B ? C DUP . ? A DUP 777  ? 1_555 MG ? B MG . ? A MG 999 ? 1_555 O   ? E HOH . ? A HOH 1128 ? 1_555 93.7  ? 
9  O1A ? C DUP . ? A DUP 777  ? 1_555 MG ? B MG . ? A MG 999 ? 1_555 O   ? E HOH . ? A HOH 1128 ? 1_555 87.6  ? 
10 O   ? E HOH . ? A HOH 1127 ? 1_555 MG ? B MG . ? A MG 999 ? 1_555 O   ? E HOH . ? A HOH 1128 ? 1_555 87.3  ? 
11 O2G ? C DUP . ? A DUP 777  ? 1_555 MG ? B MG . ? A MG 999 ? 1_555 O   ? E HOH . ? A HOH 1130 ? 1_555 87.3  ? 
12 O1B ? C DUP . ? A DUP 777  ? 1_555 MG ? B MG . ? A MG 999 ? 1_555 O   ? E HOH . ? A HOH 1130 ? 1_555 178.2 ? 
13 O1A ? C DUP . ? A DUP 777  ? 1_555 MG ? B MG . ? A MG 999 ? 1_555 O   ? E HOH . ? A HOH 1130 ? 1_555 89.7  ? 
14 O   ? E HOH . ? A HOH 1127 ? 1_555 MG ? B MG . ? A MG 999 ? 1_555 O   ? E HOH . ? A HOH 1130 ? 1_555 94.3  ? 
15 O   ? E HOH . ? A HOH 1128 ? 1_555 MG ? B MG . ? A MG 999 ? 1_555 O   ? E HOH . ? A HOH 1130 ? 1_555 87.0  ? 
# 
loop_
_pdbx_audit_revision_history.ordinal 
_pdbx_audit_revision_history.data_content_type 
_pdbx_audit_revision_history.major_revision 
_pdbx_audit_revision_history.minor_revision 
_pdbx_audit_revision_history.revision_date 
1 'Structure model' 1 0 2006-11-21 
2 'Structure model' 1 1 2008-04-30 
3 'Structure model' 1 2 2011-07-13 
4 'Structure model' 1 3 2011-07-20 
5 'Structure model' 1 4 2017-10-11 
6 'Structure model' 1 5 2021-11-10 
7 'Structure model' 1 6 2023-10-25 
# 
_pdbx_audit_revision_details.ordinal             1 
_pdbx_audit_revision_details.revision_ordinal    1 
_pdbx_audit_revision_details.data_content_type   'Structure model' 
_pdbx_audit_revision_details.provider            repository 
_pdbx_audit_revision_details.type                'Initial release' 
_pdbx_audit_revision_details.description         ? 
_pdbx_audit_revision_details.details             ? 
# 
loop_
_pdbx_audit_revision_group.ordinal 
_pdbx_audit_revision_group.revision_ordinal 
_pdbx_audit_revision_group.data_content_type 
_pdbx_audit_revision_group.group 
1  2 'Structure model' 'Version format compliance' 
2  3 'Structure model' Advisory                    
3  3 'Structure model' 'Derived calculations'      
4  3 'Structure model' 'Version format compliance' 
5  4 'Structure model' 'Database references'       
6  4 'Structure model' 'Non-polymer description'   
7  5 'Structure model' 'Refinement description'    
8  6 'Structure model' 'Data collection'           
9  6 'Structure model' 'Database references'       
10 6 'Structure model' 'Derived calculations'      
11 7 'Structure model' 'Data collection'           
12 7 'Structure model' 'Refinement description'    
# 
loop_
_pdbx_audit_revision_category.ordinal 
_pdbx_audit_revision_category.revision_ordinal 
_pdbx_audit_revision_category.data_content_type 
_pdbx_audit_revision_category.category 
1  5 'Structure model' software                      
2  6 'Structure model' database_2                    
3  6 'Structure model' diffrn_source                 
4  6 'Structure model' pdbx_struct_conn_angle        
5  6 'Structure model' struct_conn                   
6  6 'Structure model' struct_ref_seq_dif            
7  6 'Structure model' struct_site                   
8  7 'Structure model' chem_comp_atom                
9  7 'Structure model' chem_comp_bond                
10 7 'Structure model' pdbx_initial_refinement_model 
# 
loop_
_pdbx_audit_revision_item.ordinal 
_pdbx_audit_revision_item.revision_ordinal 
_pdbx_audit_revision_item.data_content_type 
_pdbx_audit_revision_item.item 
1  5 'Structure model' '_software.classification'                    
2  5 'Structure model' '_software.name'                              
3  6 'Structure model' '_database_2.pdbx_DOI'                        
4  6 'Structure model' '_database_2.pdbx_database_accession'         
5  6 'Structure model' '_diffrn_source.pdbx_synchrotron_site'        
6  6 'Structure model' '_pdbx_struct_conn_angle.ptnr1_auth_comp_id'  
7  6 'Structure model' '_pdbx_struct_conn_angle.ptnr1_auth_seq_id'   
8  6 'Structure model' '_pdbx_struct_conn_angle.ptnr1_label_asym_id' 
9  6 'Structure model' '_pdbx_struct_conn_angle.ptnr1_label_atom_id' 
10 6 'Structure model' '_pdbx_struct_conn_angle.ptnr1_label_comp_id' 
11 6 'Structure model' '_pdbx_struct_conn_angle.ptnr3_auth_comp_id'  
12 6 'Structure model' '_pdbx_struct_conn_angle.ptnr3_auth_seq_id'   
13 6 'Structure model' '_pdbx_struct_conn_angle.ptnr3_label_asym_id' 
14 6 'Structure model' '_pdbx_struct_conn_angle.ptnr3_label_atom_id' 
15 6 'Structure model' '_pdbx_struct_conn_angle.ptnr3_label_comp_id' 
16 6 'Structure model' '_pdbx_struct_conn_angle.value'               
17 6 'Structure model' '_struct_conn.pdbx_dist_value'                
18 6 'Structure model' '_struct_conn.ptnr1_auth_comp_id'             
19 6 'Structure model' '_struct_conn.ptnr1_auth_seq_id'              
20 6 'Structure model' '_struct_conn.ptnr1_label_asym_id'            
21 6 'Structure model' '_struct_conn.ptnr1_label_atom_id'            
22 6 'Structure model' '_struct_conn.ptnr1_label_comp_id'            
23 6 'Structure model' '_struct_conn.ptnr2_auth_comp_id'             
24 6 'Structure model' '_struct_conn.ptnr2_auth_seq_id'              
25 6 'Structure model' '_struct_conn.ptnr2_label_asym_id'            
26 6 'Structure model' '_struct_conn.ptnr2_label_atom_id'            
27 6 'Structure model' '_struct_conn.ptnr2_label_comp_id'            
28 6 'Structure model' '_struct_ref_seq_dif.details'                 
29 6 'Structure model' '_struct_site.pdbx_auth_asym_id'              
30 6 'Structure model' '_struct_site.pdbx_auth_comp_id'              
31 6 'Structure model' '_struct_site.pdbx_auth_seq_id'               
# 
_pdbx_refine_tls.id               1 
_pdbx_refine_tls.details          ? 
_pdbx_refine_tls.method           refined 
_pdbx_refine_tls.origin_x         0.0020 
_pdbx_refine_tls.origin_y         0.3681 
_pdbx_refine_tls.origin_z         -0.2398 
_pdbx_refine_tls.T[1][1]          -0.0441 
_pdbx_refine_tls.T[2][2]          -0.0142 
_pdbx_refine_tls.T[3][3]          -0.0068 
_pdbx_refine_tls.T[1][2]          -0.0009 
_pdbx_refine_tls.T[1][3]          0.0105 
_pdbx_refine_tls.T[2][3]          -0.0047 
_pdbx_refine_tls.L[1][1]          0.6960 
_pdbx_refine_tls.L[2][2]          0.5401 
_pdbx_refine_tls.L[3][3]          0.9820 
_pdbx_refine_tls.L[1][2]          -0.0635 
_pdbx_refine_tls.L[1][3]          0.1496 
_pdbx_refine_tls.L[2][3]          -0.1647 
_pdbx_refine_tls.S[1][1]          0.0364 
_pdbx_refine_tls.S[1][2]          0.0004 
_pdbx_refine_tls.S[1][3]          -0.0166 
_pdbx_refine_tls.S[2][1]          -0.0372 
_pdbx_refine_tls.S[2][2]          -0.0043 
_pdbx_refine_tls.S[2][3]          -0.0656 
_pdbx_refine_tls.S[3][1]          0.0486 
_pdbx_refine_tls.S[3][2]          0.1070 
_pdbx_refine_tls.S[3][3]          -0.0321 
_pdbx_refine_tls.pdbx_refine_id   'X-RAY DIFFRACTION' 
# 
_pdbx_refine_tls_group.id                  1 
_pdbx_refine_tls_group.refine_tls_id       1 
_pdbx_refine_tls_group.beg_auth_asym_id    A 
_pdbx_refine_tls_group.beg_auth_seq_id     107 
_pdbx_refine_tls_group.beg_label_asym_id   A 
_pdbx_refine_tls_group.beg_label_seq_id    25 
_pdbx_refine_tls_group.end_auth_asym_id    A 
_pdbx_refine_tls_group.end_auth_seq_id     219 
_pdbx_refine_tls_group.end_label_asym_id   A 
_pdbx_refine_tls_group.end_label_seq_id    137 
_pdbx_refine_tls_group.selection           ? 
_pdbx_refine_tls_group.pdbx_refine_id      'X-RAY DIFFRACTION' 
_pdbx_refine_tls_group.selection_details   ? 
# 
loop_
_software.name 
_software.classification 
_software.version 
_software.citation_id 
_software.pdbx_ordinal 
REFMAC refinement        5.2.0005 ? 1 
MAR345 'data collection' .        ? 2 
XDS    'data scaling'    .        ? 3 
# 
_pdbx_validate_close_contact.id               1 
_pdbx_validate_close_contact.PDB_model_num    1 
_pdbx_validate_close_contact.auth_atom_id_1   OG 
_pdbx_validate_close_contact.auth_asym_id_1   A 
_pdbx_validate_close_contact.auth_comp_id_1   SER 
_pdbx_validate_close_contact.auth_seq_id_1    127 
_pdbx_validate_close_contact.PDB_ins_code_1   ? 
_pdbx_validate_close_contact.label_alt_id_1   B 
_pdbx_validate_close_contact.auth_atom_id_2   O 
_pdbx_validate_close_contact.auth_asym_id_2   A 
_pdbx_validate_close_contact.auth_comp_id_2   HOH 
_pdbx_validate_close_contact.auth_seq_id_2    1115 
_pdbx_validate_close_contact.PDB_ins_code_2   ? 
_pdbx_validate_close_contact.label_alt_id_2   ? 
_pdbx_validate_close_contact.dist             1.76 
# 
loop_
_pdbx_unobs_or_zero_occ_atoms.id 
_pdbx_unobs_or_zero_occ_atoms.PDB_model_num 
_pdbx_unobs_or_zero_occ_atoms.polymer_flag 
_pdbx_unobs_or_zero_occ_atoms.occupancy_flag 
_pdbx_unobs_or_zero_occ_atoms.auth_asym_id 
_pdbx_unobs_or_zero_occ_atoms.auth_comp_id 
_pdbx_unobs_or_zero_occ_atoms.auth_seq_id 
_pdbx_unobs_or_zero_occ_atoms.PDB_ins_code 
_pdbx_unobs_or_zero_occ_atoms.auth_atom_id 
_pdbx_unobs_or_zero_occ_atoms.label_alt_id 
_pdbx_unobs_or_zero_occ_atoms.label_asym_id 
_pdbx_unobs_or_zero_occ_atoms.label_comp_id 
_pdbx_unobs_or_zero_occ_atoms.label_seq_id 
_pdbx_unobs_or_zero_occ_atoms.label_atom_id 
1  1 Y 1 A LYS 167 ? CD  ? A LYS 85  CD  
2  1 Y 1 A LYS 167 ? CE  ? A LYS 85  CE  
3  1 Y 1 A LYS 167 ? NZ  ? A LYS 85  NZ  
4  1 Y 1 A VAL 197 ? CB  ? A VAL 115 CB  
5  1 Y 1 A VAL 197 ? CG1 ? A VAL 115 CG1 
6  1 Y 1 A VAL 197 ? CG2 ? A VAL 115 CG2 
7  1 Y 1 A ILE 203 ? CD1 ? A ILE 121 CD1 
8  1 Y 1 A LYS 217 ? CE  ? A LYS 135 CE  
9  1 Y 1 A LYS 217 ? NZ  ? A LYS 135 NZ  
10 1 Y 1 A GLN 219 ? CD  ? A GLN 137 CD  
11 1 Y 1 A GLN 219 ? OE1 ? A GLN 137 OE1 
12 1 Y 1 A GLN 219 ? NE2 ? A GLN 137 NE2 
# 
loop_
_pdbx_unobs_or_zero_occ_residues.id 
_pdbx_unobs_or_zero_occ_residues.PDB_model_num 
_pdbx_unobs_or_zero_occ_residues.polymer_flag 
_pdbx_unobs_or_zero_occ_residues.occupancy_flag 
_pdbx_unobs_or_zero_occ_residues.auth_asym_id 
_pdbx_unobs_or_zero_occ_residues.auth_comp_id 
_pdbx_unobs_or_zero_occ_residues.auth_seq_id 
_pdbx_unobs_or_zero_occ_residues.PDB_ins_code 
_pdbx_unobs_or_zero_occ_residues.label_asym_id 
_pdbx_unobs_or_zero_occ_residues.label_comp_id 
_pdbx_unobs_or_zero_occ_residues.label_seq_id 
1  1 Y 1 A LYS 83  ? A LYS 1   
2  1 Y 1 A ARG 84  ? A ARG 2   
3  1 Y 1 A VAL 85  ? A VAL 3   
4  1 Y 1 A GLU 86  ? A GLU 4   
5  1 Y 1 A GLY 87  ? A GLY 5   
6  1 Y 1 A PRO 88  ? A PRO 6   
7  1 Y 1 A ALA 89  ? A ALA 7   
8  1 Y 1 A PRO 90  ? A PRO 8   
9  1 Y 1 A GLY 91  ? A GLY 9   
10 1 Y 1 A PRO 92  ? A PRO 10  
11 1 Y 1 A GLU 93  ? A GLU 11  
12 1 Y 1 A THR 94  ? A THR 12  
13 1 Y 1 A SER 95  ? A SER 13  
14 1 Y 1 A LEU 96  ? A LEU 14  
15 1 Y 1 A TRP 97  ? A TRP 15  
16 1 Y 1 A GLY 98  ? A GLY 16  
17 1 Y 1 A SER 99  ? A SER 17  
18 1 Y 1 A GLN 100 ? A GLN 18  
19 1 Y 1 A LEU 101 ? A LEU 19  
20 1 Y 1 A CYS 102 ? A CYS 20  
21 1 Y 1 A SER 103 ? A SER 21  
22 1 Y 1 A SER 104 ? A SER 22  
23 1 Y 1 A GLN 105 ? A GLN 23  
24 1 Y 1 A GLN 106 ? A GLN 24  
25 1 Y 1 A GLN 220 ? A GLN 138 
26 1 Y 1 A PRO 221 ? A PRO 139 
27 1 Y 1 A TYR 222 ? A TYR 140 
28 1 Y 1 A ARG 223 ? A ARG 141 
29 1 Y 1 A GLY 224 ? A GLY 142 
30 1 Y 1 A GLN 225 ? A GLN 143 
31 1 Y 1 A GLY 226 ? A GLY 144 
32 1 Y 1 A SER 227 ? A SER 145 
33 1 Y 1 A PHE 228 ? A PHE 146 
34 1 Y 1 A GLY 229 ? A GLY 147 
35 1 Y 1 A SER 230 ? A SER 148 
36 1 Y 1 A SER 231 ? A SER 149 
37 1 Y 1 A ASP 232 ? A ASP 150 
38 1 Y 1 A ILE 233 ? A ILE 151 
39 1 Y 1 A TYR 234 ? A TYR 152 
# 
loop_
_chem_comp_atom.comp_id 
_chem_comp_atom.atom_id 
_chem_comp_atom.type_symbol 
_chem_comp_atom.pdbx_aromatic_flag 
_chem_comp_atom.pdbx_stereo_config 
_chem_comp_atom.pdbx_ordinal 
ALA N      N  N N 1   
ALA CA     C  N S 2   
ALA C      C  N N 3   
ALA O      O  N N 4   
ALA CB     C  N N 5   
ALA OXT    O  N N 6   
ALA H      H  N N 7   
ALA H2     H  N N 8   
ALA HA     H  N N 9   
ALA HB1    H  N N 10  
ALA HB2    H  N N 11  
ALA HB3    H  N N 12  
ALA HXT    H  N N 13  
ARG N      N  N N 14  
ARG CA     C  N S 15  
ARG C      C  N N 16  
ARG O      O  N N 17  
ARG CB     C  N N 18  
ARG CG     C  N N 19  
ARG CD     C  N N 20  
ARG NE     N  N N 21  
ARG CZ     C  N N 22  
ARG NH1    N  N N 23  
ARG NH2    N  N N 24  
ARG OXT    O  N N 25  
ARG H      H  N N 26  
ARG H2     H  N N 27  
ARG HA     H  N N 28  
ARG HB2    H  N N 29  
ARG HB3    H  N N 30  
ARG HG2    H  N N 31  
ARG HG3    H  N N 32  
ARG HD2    H  N N 33  
ARG HD3    H  N N 34  
ARG HE     H  N N 35  
ARG HH11   H  N N 36  
ARG HH12   H  N N 37  
ARG HH21   H  N N 38  
ARG HH22   H  N N 39  
ARG HXT    H  N N 40  
ASN N      N  N N 41  
ASN CA     C  N S 42  
ASN C      C  N N 43  
ASN O      O  N N 44  
ASN CB     C  N N 45  
ASN CG     C  N N 46  
ASN OD1    O  N N 47  
ASN ND2    N  N N 48  
ASN OXT    O  N N 49  
ASN H      H  N N 50  
ASN H2     H  N N 51  
ASN HA     H  N N 52  
ASN HB2    H  N N 53  
ASN HB3    H  N N 54  
ASN HD21   H  N N 55  
ASN HD22   H  N N 56  
ASN HXT    H  N N 57  
ASP N      N  N N 58  
ASP CA     C  N S 59  
ASP C      C  N N 60  
ASP O      O  N N 61  
ASP CB     C  N N 62  
ASP CG     C  N N 63  
ASP OD1    O  N N 64  
ASP OD2    O  N N 65  
ASP OXT    O  N N 66  
ASP H      H  N N 67  
ASP H2     H  N N 68  
ASP HA     H  N N 69  
ASP HB2    H  N N 70  
ASP HB3    H  N N 71  
ASP HD2    H  N N 72  
ASP HXT    H  N N 73  
CYS N      N  N N 74  
CYS CA     C  N R 75  
CYS C      C  N N 76  
CYS O      O  N N 77  
CYS CB     C  N N 78  
CYS SG     S  N N 79  
CYS OXT    O  N N 80  
CYS H      H  N N 81  
CYS H2     H  N N 82  
CYS HA     H  N N 83  
CYS HB2    H  N N 84  
CYS HB3    H  N N 85  
CYS HG     H  N N 86  
CYS HXT    H  N N 87  
DUP O4     O  N N 88  
DUP C4     C  Y N 89  
DUP C5     C  Y N 90  
DUP C6     C  Y N 91  
DUP N3     N  Y N 92  
DUP C2     C  Y N 93  
DUP O2     O  N N 94  
DUP N1     N  Y N 95  
DUP "C1'"  C  N R 96  
DUP "C2'"  C  N N 97  
DUP "C3'"  C  N S 98  
DUP "O3'"  O  N N 99  
DUP "O4'"  O  N N 100 
DUP "C4'"  C  N R 101 
DUP "C5'"  C  N N 102 
DUP "O5'"  O  N N 103 
DUP PA     P  N S 104 
DUP O1A    O  N N 105 
DUP O2A    O  N N 106 
DUP N3A    N  N N 107 
DUP PB     P  N R 108 
DUP O1B    O  N N 109 
DUP O2B    O  N N 110 
DUP O3B    O  N N 111 
DUP PG     P  N N 112 
DUP O2G    O  N N 113 
DUP O1G    O  N N 114 
DUP O3G    O  N N 115 
DUP H5     H  N N 116 
DUP H6     H  N N 117 
DUP HN3    H  N N 118 
DUP "H1'"  H  N N 119 
DUP "H2'1" H  N N 120 
DUP "H2'2" H  N N 121 
DUP H1     H  N N 122 
DUP "H3'"  H  N N 123 
DUP "H4'"  H  N N 124 
DUP "H5'1" H  N N 125 
DUP "H5'2" H  N N 126 
DUP H2A    H  N N 127 
DUP H3A    H  N N 128 
DUP H2B    H  N N 129 
DUP H1G    H  N N 130 
DUP H3G    H  N N 131 
GLN N      N  N N 132 
GLN CA     C  N S 133 
GLN C      C  N N 134 
GLN O      O  N N 135 
GLN CB     C  N N 136 
GLN CG     C  N N 137 
GLN CD     C  N N 138 
GLN OE1    O  N N 139 
GLN NE2    N  N N 140 
GLN OXT    O  N N 141 
GLN H      H  N N 142 
GLN H2     H  N N 143 
GLN HA     H  N N 144 
GLN HB2    H  N N 145 
GLN HB3    H  N N 146 
GLN HG2    H  N N 147 
GLN HG3    H  N N 148 
GLN HE21   H  N N 149 
GLN HE22   H  N N 150 
GLN HXT    H  N N 151 
GLU N      N  N N 152 
GLU CA     C  N S 153 
GLU C      C  N N 154 
GLU O      O  N N 155 
GLU CB     C  N N 156 
GLU CG     C  N N 157 
GLU CD     C  N N 158 
GLU OE1    O  N N 159 
GLU OE2    O  N N 160 
GLU OXT    O  N N 161 
GLU H      H  N N 162 
GLU H2     H  N N 163 
GLU HA     H  N N 164 
GLU HB2    H  N N 165 
GLU HB3    H  N N 166 
GLU HG2    H  N N 167 
GLU HG3    H  N N 168 
GLU HE2    H  N N 169 
GLU HXT    H  N N 170 
GLY N      N  N N 171 
GLY CA     C  N N 172 
GLY C      C  N N 173 
GLY O      O  N N 174 
GLY OXT    O  N N 175 
GLY H      H  N N 176 
GLY H2     H  N N 177 
GLY HA2    H  N N 178 
GLY HA3    H  N N 179 
GLY HXT    H  N N 180 
HIS N      N  N N 181 
HIS CA     C  N S 182 
HIS C      C  N N 183 
HIS O      O  N N 184 
HIS CB     C  N N 185 
HIS CG     C  Y N 186 
HIS ND1    N  Y N 187 
HIS CD2    C  Y N 188 
HIS CE1    C  Y N 189 
HIS NE2    N  Y N 190 
HIS OXT    O  N N 191 
HIS H      H  N N 192 
HIS H2     H  N N 193 
HIS HA     H  N N 194 
HIS HB2    H  N N 195 
HIS HB3    H  N N 196 
HIS HD1    H  N N 197 
HIS HD2    H  N N 198 
HIS HE1    H  N N 199 
HIS HE2    H  N N 200 
HIS HXT    H  N N 201 
HOH O      O  N N 202 
HOH H1     H  N N 203 
HOH H2     H  N N 204 
ILE N      N  N N 205 
ILE CA     C  N S 206 
ILE C      C  N N 207 
ILE O      O  N N 208 
ILE CB     C  N S 209 
ILE CG1    C  N N 210 
ILE CG2    C  N N 211 
ILE CD1    C  N N 212 
ILE OXT    O  N N 213 
ILE H      H  N N 214 
ILE H2     H  N N 215 
ILE HA     H  N N 216 
ILE HB     H  N N 217 
ILE HG12   H  N N 218 
ILE HG13   H  N N 219 
ILE HG21   H  N N 220 
ILE HG22   H  N N 221 
ILE HG23   H  N N 222 
ILE HD11   H  N N 223 
ILE HD12   H  N N 224 
ILE HD13   H  N N 225 
ILE HXT    H  N N 226 
LEU N      N  N N 227 
LEU CA     C  N S 228 
LEU C      C  N N 229 
LEU O      O  N N 230 
LEU CB     C  N N 231 
LEU CG     C  N N 232 
LEU CD1    C  N N 233 
LEU CD2    C  N N 234 
LEU OXT    O  N N 235 
LEU H      H  N N 236 
LEU H2     H  N N 237 
LEU HA     H  N N 238 
LEU HB2    H  N N 239 
LEU HB3    H  N N 240 
LEU HG     H  N N 241 
LEU HD11   H  N N 242 
LEU HD12   H  N N 243 
LEU HD13   H  N N 244 
LEU HD21   H  N N 245 
LEU HD22   H  N N 246 
LEU HD23   H  N N 247 
LEU HXT    H  N N 248 
LYS N      N  N N 249 
LYS CA     C  N S 250 
LYS C      C  N N 251 
LYS O      O  N N 252 
LYS CB     C  N N 253 
LYS CG     C  N N 254 
LYS CD     C  N N 255 
LYS CE     C  N N 256 
LYS NZ     N  N N 257 
LYS OXT    O  N N 258 
LYS H      H  N N 259 
LYS H2     H  N N 260 
LYS HA     H  N N 261 
LYS HB2    H  N N 262 
LYS HB3    H  N N 263 
LYS HG2    H  N N 264 
LYS HG3    H  N N 265 
LYS HD2    H  N N 266 
LYS HD3    H  N N 267 
LYS HE2    H  N N 268 
LYS HE3    H  N N 269 
LYS HZ1    H  N N 270 
LYS HZ2    H  N N 271 
LYS HZ3    H  N N 272 
LYS HXT    H  N N 273 
MET N      N  N N 274 
MET CA     C  N S 275 
MET C      C  N N 276 
MET O      O  N N 277 
MET CB     C  N N 278 
MET CG     C  N N 279 
MET SD     S  N N 280 
MET CE     C  N N 281 
MET OXT    O  N N 282 
MET H      H  N N 283 
MET H2     H  N N 284 
MET HA     H  N N 285 
MET HB2    H  N N 286 
MET HB3    H  N N 287 
MET HG2    H  N N 288 
MET HG3    H  N N 289 
MET HE1    H  N N 290 
MET HE2    H  N N 291 
MET HE3    H  N N 292 
MET HXT    H  N N 293 
MG  MG     MG N N 294 
PHE N      N  N N 295 
PHE CA     C  N S 296 
PHE C      C  N N 297 
PHE O      O  N N 298 
PHE CB     C  N N 299 
PHE CG     C  Y N 300 
PHE CD1    C  Y N 301 
PHE CD2    C  Y N 302 
PHE CE1    C  Y N 303 
PHE CE2    C  Y N 304 
PHE CZ     C  Y N 305 
PHE OXT    O  N N 306 
PHE H      H  N N 307 
PHE H2     H  N N 308 
PHE HA     H  N N 309 
PHE HB2    H  N N 310 
PHE HB3    H  N N 311 
PHE HD1    H  N N 312 
PHE HD2    H  N N 313 
PHE HE1    H  N N 314 
PHE HE2    H  N N 315 
PHE HZ     H  N N 316 
PHE HXT    H  N N 317 
PRO N      N  N N 318 
PRO CA     C  N S 319 
PRO C      C  N N 320 
PRO O      O  N N 321 
PRO CB     C  N N 322 
PRO CG     C  N N 323 
PRO CD     C  N N 324 
PRO OXT    O  N N 325 
PRO H      H  N N 326 
PRO HA     H  N N 327 
PRO HB2    H  N N 328 
PRO HB3    H  N N 329 
PRO HG2    H  N N 330 
PRO HG3    H  N N 331 
PRO HD2    H  N N 332 
PRO HD3    H  N N 333 
PRO HXT    H  N N 334 
SER N      N  N N 335 
SER CA     C  N S 336 
SER C      C  N N 337 
SER O      O  N N 338 
SER CB     C  N N 339 
SER OG     O  N N 340 
SER OXT    O  N N 341 
SER H      H  N N 342 
SER H2     H  N N 343 
SER HA     H  N N 344 
SER HB2    H  N N 345 
SER HB3    H  N N 346 
SER HG     H  N N 347 
SER HXT    H  N N 348 
THR N      N  N N 349 
THR CA     C  N S 350 
THR C      C  N N 351 
THR O      O  N N 352 
THR CB     C  N R 353 
THR OG1    O  N N 354 
THR CG2    C  N N 355 
THR OXT    O  N N 356 
THR H      H  N N 357 
THR H2     H  N N 358 
THR HA     H  N N 359 
THR HB     H  N N 360 
THR HG1    H  N N 361 
THR HG21   H  N N 362 
THR HG22   H  N N 363 
THR HG23   H  N N 364 
THR HXT    H  N N 365 
TRP N      N  N N 366 
TRP CA     C  N S 367 
TRP C      C  N N 368 
TRP O      O  N N 369 
TRP CB     C  N N 370 
TRP CG     C  Y N 371 
TRP CD1    C  Y N 372 
TRP CD2    C  Y N 373 
TRP NE1    N  Y N 374 
TRP CE2    C  Y N 375 
TRP CE3    C  Y N 376 
TRP CZ2    C  Y N 377 
TRP CZ3    C  Y N 378 
TRP CH2    C  Y N 379 
TRP OXT    O  N N 380 
TRP H      H  N N 381 
TRP H2     H  N N 382 
TRP HA     H  N N 383 
TRP HB2    H  N N 384 
TRP HB3    H  N N 385 
TRP HD1    H  N N 386 
TRP HE1    H  N N 387 
TRP HE3    H  N N 388 
TRP HZ2    H  N N 389 
TRP HZ3    H  N N 390 
TRP HH2    H  N N 391 
TRP HXT    H  N N 392 
TRS C      C  N N 393 
TRS C1     C  N N 394 
TRS C2     C  N N 395 
TRS C3     C  N N 396 
TRS N      N  N N 397 
TRS O1     O  N N 398 
TRS O2     O  N N 399 
TRS O3     O  N N 400 
TRS H11    H  N N 401 
TRS H12    H  N N 402 
TRS H21    H  N N 403 
TRS H22    H  N N 404 
TRS H31    H  N N 405 
TRS H32    H  N N 406 
TRS HN1    H  N N 407 
TRS HN2    H  N N 408 
TRS HN3    H  N N 409 
TRS HO1    H  N N 410 
TRS HO2    H  N N 411 
TRS HO3    H  N N 412 
TYR N      N  N N 413 
TYR CA     C  N S 414 
TYR C      C  N N 415 
TYR O      O  N N 416 
TYR CB     C  N N 417 
TYR CG     C  Y N 418 
TYR CD1    C  Y N 419 
TYR CD2    C  Y N 420 
TYR CE1    C  Y N 421 
TYR CE2    C  Y N 422 
TYR CZ     C  Y N 423 
TYR OH     O  N N 424 
TYR OXT    O  N N 425 
TYR H      H  N N 426 
TYR H2     H  N N 427 
TYR HA     H  N N 428 
TYR HB2    H  N N 429 
TYR HB3    H  N N 430 
TYR HD1    H  N N 431 
TYR HD2    H  N N 432 
TYR HE1    H  N N 433 
TYR HE2    H  N N 434 
TYR HH     H  N N 435 
TYR HXT    H  N N 436 
VAL N      N  N N 437 
VAL CA     C  N S 438 
VAL C      C  N N 439 
VAL O      O  N N 440 
VAL CB     C  N N 441 
VAL CG1    C  N N 442 
VAL CG2    C  N N 443 
VAL OXT    O  N N 444 
VAL H      H  N N 445 
VAL H2     H  N N 446 
VAL HA     H  N N 447 
VAL HB     H  N N 448 
VAL HG11   H  N N 449 
VAL HG12   H  N N 450 
VAL HG13   H  N N 451 
VAL HG21   H  N N 452 
VAL HG22   H  N N 453 
VAL HG23   H  N N 454 
VAL HXT    H  N N 455 
# 
loop_
_chem_comp_bond.comp_id 
_chem_comp_bond.atom_id_1 
_chem_comp_bond.atom_id_2 
_chem_comp_bond.value_order 
_chem_comp_bond.pdbx_aromatic_flag 
_chem_comp_bond.pdbx_stereo_config 
_chem_comp_bond.pdbx_ordinal 
ALA N     CA     sing N N 1   
ALA N     H      sing N N 2   
ALA N     H2     sing N N 3   
ALA CA    C      sing N N 4   
ALA CA    CB     sing N N 5   
ALA CA    HA     sing N N 6   
ALA C     O      doub N N 7   
ALA C     OXT    sing N N 8   
ALA CB    HB1    sing N N 9   
ALA CB    HB2    sing N N 10  
ALA CB    HB3    sing N N 11  
ALA OXT   HXT    sing N N 12  
ARG N     CA     sing N N 13  
ARG N     H      sing N N 14  
ARG N     H2     sing N N 15  
ARG CA    C      sing N N 16  
ARG CA    CB     sing N N 17  
ARG CA    HA     sing N N 18  
ARG C     O      doub N N 19  
ARG C     OXT    sing N N 20  
ARG CB    CG     sing N N 21  
ARG CB    HB2    sing N N 22  
ARG CB    HB3    sing N N 23  
ARG CG    CD     sing N N 24  
ARG CG    HG2    sing N N 25  
ARG CG    HG3    sing N N 26  
ARG CD    NE     sing N N 27  
ARG CD    HD2    sing N N 28  
ARG CD    HD3    sing N N 29  
ARG NE    CZ     sing N N 30  
ARG NE    HE     sing N N 31  
ARG CZ    NH1    sing N N 32  
ARG CZ    NH2    doub N N 33  
ARG NH1   HH11   sing N N 34  
ARG NH1   HH12   sing N N 35  
ARG NH2   HH21   sing N N 36  
ARG NH2   HH22   sing N N 37  
ARG OXT   HXT    sing N N 38  
ASN N     CA     sing N N 39  
ASN N     H      sing N N 40  
ASN N     H2     sing N N 41  
ASN CA    C      sing N N 42  
ASN CA    CB     sing N N 43  
ASN CA    HA     sing N N 44  
ASN C     O      doub N N 45  
ASN C     OXT    sing N N 46  
ASN CB    CG     sing N N 47  
ASN CB    HB2    sing N N 48  
ASN CB    HB3    sing N N 49  
ASN CG    OD1    doub N N 50  
ASN CG    ND2    sing N N 51  
ASN ND2   HD21   sing N N 52  
ASN ND2   HD22   sing N N 53  
ASN OXT   HXT    sing N N 54  
ASP N     CA     sing N N 55  
ASP N     H      sing N N 56  
ASP N     H2     sing N N 57  
ASP CA    C      sing N N 58  
ASP CA    CB     sing N N 59  
ASP CA    HA     sing N N 60  
ASP C     O      doub N N 61  
ASP C     OXT    sing N N 62  
ASP CB    CG     sing N N 63  
ASP CB    HB2    sing N N 64  
ASP CB    HB3    sing N N 65  
ASP CG    OD1    doub N N 66  
ASP CG    OD2    sing N N 67  
ASP OD2   HD2    sing N N 68  
ASP OXT   HXT    sing N N 69  
CYS N     CA     sing N N 70  
CYS N     H      sing N N 71  
CYS N     H2     sing N N 72  
CYS CA    C      sing N N 73  
CYS CA    CB     sing N N 74  
CYS CA    HA     sing N N 75  
CYS C     O      doub N N 76  
CYS C     OXT    sing N N 77  
CYS CB    SG     sing N N 78  
CYS CB    HB2    sing N N 79  
CYS CB    HB3    sing N N 80  
CYS SG    HG     sing N N 81  
CYS OXT   HXT    sing N N 82  
DUP O4    C4     doub N N 83  
DUP C4    C5     sing Y N 84  
DUP C4    N3     sing Y N 85  
DUP C5    C6     doub Y N 86  
DUP C5    H5     sing N N 87  
DUP C6    N1     sing Y N 88  
DUP C6    H6     sing N N 89  
DUP N3    C2     sing Y N 90  
DUP N3    HN3    sing N N 91  
DUP C2    O2     doub N N 92  
DUP C2    N1     sing Y N 93  
DUP N1    "C1'"  sing N N 94  
DUP "C1'" "C2'"  sing N N 95  
DUP "C1'" "O4'"  sing N N 96  
DUP "C1'" "H1'"  sing N N 97  
DUP "C2'" "C3'"  sing N N 98  
DUP "C2'" "H2'1" sing N N 99  
DUP "C2'" "H2'2" sing N N 100 
DUP "C3'" "O3'"  sing N N 101 
DUP "C3'" "C4'"  sing N N 102 
DUP "C3'" H1     sing N N 103 
DUP "O3'" "H3'"  sing N N 104 
DUP "O4'" "C4'"  sing N N 105 
DUP "C4'" "C5'"  sing N N 106 
DUP "C4'" "H4'"  sing N N 107 
DUP "C5'" "O5'"  sing N N 108 
DUP "C5'" "H5'1" sing N N 109 
DUP "C5'" "H5'2" sing N N 110 
DUP "O5'" PA     sing N N 111 
DUP PA    O1A    doub N N 112 
DUP PA    O2A    sing N N 113 
DUP PA    N3A    sing N N 114 
DUP O2A   H2A    sing N N 115 
DUP N3A   PB     sing N N 116 
DUP N3A   H3A    sing N N 117 
DUP PB    O1B    doub N N 118 
DUP PB    O2B    sing N N 119 
DUP PB    O3B    sing N N 120 
DUP O2B   H2B    sing N N 121 
DUP O3B   PG     sing N N 122 
DUP PG    O2G    doub N N 123 
DUP PG    O1G    sing N N 124 
DUP PG    O3G    sing N N 125 
DUP O1G   H1G    sing N N 126 
DUP O3G   H3G    sing N N 127 
GLN N     CA     sing N N 128 
GLN N     H      sing N N 129 
GLN N     H2     sing N N 130 
GLN CA    C      sing N N 131 
GLN CA    CB     sing N N 132 
GLN CA    HA     sing N N 133 
GLN C     O      doub N N 134 
GLN C     OXT    sing N N 135 
GLN CB    CG     sing N N 136 
GLN CB    HB2    sing N N 137 
GLN CB    HB3    sing N N 138 
GLN CG    CD     sing N N 139 
GLN CG    HG2    sing N N 140 
GLN CG    HG3    sing N N 141 
GLN CD    OE1    doub N N 142 
GLN CD    NE2    sing N N 143 
GLN NE2   HE21   sing N N 144 
GLN NE2   HE22   sing N N 145 
GLN OXT   HXT    sing N N 146 
GLU N     CA     sing N N 147 
GLU N     H      sing N N 148 
GLU N     H2     sing N N 149 
GLU CA    C      sing N N 150 
GLU CA    CB     sing N N 151 
GLU CA    HA     sing N N 152 
GLU C     O      doub N N 153 
GLU C     OXT    sing N N 154 
GLU CB    CG     sing N N 155 
GLU CB    HB2    sing N N 156 
GLU CB    HB3    sing N N 157 
GLU CG    CD     sing N N 158 
GLU CG    HG2    sing N N 159 
GLU CG    HG3    sing N N 160 
GLU CD    OE1    doub N N 161 
GLU CD    OE2    sing N N 162 
GLU OE2   HE2    sing N N 163 
GLU OXT   HXT    sing N N 164 
GLY N     CA     sing N N 165 
GLY N     H      sing N N 166 
GLY N     H2     sing N N 167 
GLY CA    C      sing N N 168 
GLY CA    HA2    sing N N 169 
GLY CA    HA3    sing N N 170 
GLY C     O      doub N N 171 
GLY C     OXT    sing N N 172 
GLY OXT   HXT    sing N N 173 
HIS N     CA     sing N N 174 
HIS N     H      sing N N 175 
HIS N     H2     sing N N 176 
HIS CA    C      sing N N 177 
HIS CA    CB     sing N N 178 
HIS CA    HA     sing N N 179 
HIS C     O      doub N N 180 
HIS C     OXT    sing N N 181 
HIS CB    CG     sing N N 182 
HIS CB    HB2    sing N N 183 
HIS CB    HB3    sing N N 184 
HIS CG    ND1    sing Y N 185 
HIS CG    CD2    doub Y N 186 
HIS ND1   CE1    doub Y N 187 
HIS ND1   HD1    sing N N 188 
HIS CD2   NE2    sing Y N 189 
HIS CD2   HD2    sing N N 190 
HIS CE1   NE2    sing Y N 191 
HIS CE1   HE1    sing N N 192 
HIS NE2   HE2    sing N N 193 
HIS OXT   HXT    sing N N 194 
HOH O     H1     sing N N 195 
HOH O     H2     sing N N 196 
ILE N     CA     sing N N 197 
ILE N     H      sing N N 198 
ILE N     H2     sing N N 199 
ILE CA    C      sing N N 200 
ILE CA    CB     sing N N 201 
ILE CA    HA     sing N N 202 
ILE C     O      doub N N 203 
ILE C     OXT    sing N N 204 
ILE CB    CG1    sing N N 205 
ILE CB    CG2    sing N N 206 
ILE CB    HB     sing N N 207 
ILE CG1   CD1    sing N N 208 
ILE CG1   HG12   sing N N 209 
ILE CG1   HG13   sing N N 210 
ILE CG2   HG21   sing N N 211 
ILE CG2   HG22   sing N N 212 
ILE CG2   HG23   sing N N 213 
ILE CD1   HD11   sing N N 214 
ILE CD1   HD12   sing N N 215 
ILE CD1   HD13   sing N N 216 
ILE OXT   HXT    sing N N 217 
LEU N     CA     sing N N 218 
LEU N     H      sing N N 219 
LEU N     H2     sing N N 220 
LEU CA    C      sing N N 221 
LEU CA    CB     sing N N 222 
LEU CA    HA     sing N N 223 
LEU C     O      doub N N 224 
LEU C     OXT    sing N N 225 
LEU CB    CG     sing N N 226 
LEU CB    HB2    sing N N 227 
LEU CB    HB3    sing N N 228 
LEU CG    CD1    sing N N 229 
LEU CG    CD2    sing N N 230 
LEU CG    HG     sing N N 231 
LEU CD1   HD11   sing N N 232 
LEU CD1   HD12   sing N N 233 
LEU CD1   HD13   sing N N 234 
LEU CD2   HD21   sing N N 235 
LEU CD2   HD22   sing N N 236 
LEU CD2   HD23   sing N N 237 
LEU OXT   HXT    sing N N 238 
LYS N     CA     sing N N 239 
LYS N     H      sing N N 240 
LYS N     H2     sing N N 241 
LYS CA    C      sing N N 242 
LYS CA    CB     sing N N 243 
LYS CA    HA     sing N N 244 
LYS C     O      doub N N 245 
LYS C     OXT    sing N N 246 
LYS CB    CG     sing N N 247 
LYS CB    HB2    sing N N 248 
LYS CB    HB3    sing N N 249 
LYS CG    CD     sing N N 250 
LYS CG    HG2    sing N N 251 
LYS CG    HG3    sing N N 252 
LYS CD    CE     sing N N 253 
LYS CD    HD2    sing N N 254 
LYS CD    HD3    sing N N 255 
LYS CE    NZ     sing N N 256 
LYS CE    HE2    sing N N 257 
LYS CE    HE3    sing N N 258 
LYS NZ    HZ1    sing N N 259 
LYS NZ    HZ2    sing N N 260 
LYS NZ    HZ3    sing N N 261 
LYS OXT   HXT    sing N N 262 
MET N     CA     sing N N 263 
MET N     H      sing N N 264 
MET N     H2     sing N N 265 
MET CA    C      sing N N 266 
MET CA    CB     sing N N 267 
MET CA    HA     sing N N 268 
MET C     O      doub N N 269 
MET C     OXT    sing N N 270 
MET CB    CG     sing N N 271 
MET CB    HB2    sing N N 272 
MET CB    HB3    sing N N 273 
MET CG    SD     sing N N 274 
MET CG    HG2    sing N N 275 
MET CG    HG3    sing N N 276 
MET SD    CE     sing N N 277 
MET CE    HE1    sing N N 278 
MET CE    HE2    sing N N 279 
MET CE    HE3    sing N N 280 
MET OXT   HXT    sing N N 281 
PHE N     CA     sing N N 282 
PHE N     H      sing N N 283 
PHE N     H2     sing N N 284 
PHE CA    C      sing N N 285 
PHE CA    CB     sing N N 286 
PHE CA    HA     sing N N 287 
PHE C     O      doub N N 288 
PHE C     OXT    sing N N 289 
PHE CB    CG     sing N N 290 
PHE CB    HB2    sing N N 291 
PHE CB    HB3    sing N N 292 
PHE CG    CD1    doub Y N 293 
PHE CG    CD2    sing Y N 294 
PHE CD1   CE1    sing Y N 295 
PHE CD1   HD1    sing N N 296 
PHE CD2   CE2    doub Y N 297 
PHE CD2   HD2    sing N N 298 
PHE CE1   CZ     doub Y N 299 
PHE CE1   HE1    sing N N 300 
PHE CE2   CZ     sing Y N 301 
PHE CE2   HE2    sing N N 302 
PHE CZ    HZ     sing N N 303 
PHE OXT   HXT    sing N N 304 
PRO N     CA     sing N N 305 
PRO N     CD     sing N N 306 
PRO N     H      sing N N 307 
PRO CA    C      sing N N 308 
PRO CA    CB     sing N N 309 
PRO CA    HA     sing N N 310 
PRO C     O      doub N N 311 
PRO C     OXT    sing N N 312 
PRO CB    CG     sing N N 313 
PRO CB    HB2    sing N N 314 
PRO CB    HB3    sing N N 315 
PRO CG    CD     sing N N 316 
PRO CG    HG2    sing N N 317 
PRO CG    HG3    sing N N 318 
PRO CD    HD2    sing N N 319 
PRO CD    HD3    sing N N 320 
PRO OXT   HXT    sing N N 321 
SER N     CA     sing N N 322 
SER N     H      sing N N 323 
SER N     H2     sing N N 324 
SER CA    C      sing N N 325 
SER CA    CB     sing N N 326 
SER CA    HA     sing N N 327 
SER C     O      doub N N 328 
SER C     OXT    sing N N 329 
SER CB    OG     sing N N 330 
SER CB    HB2    sing N N 331 
SER CB    HB3    sing N N 332 
SER OG    HG     sing N N 333 
SER OXT   HXT    sing N N 334 
THR N     CA     sing N N 335 
THR N     H      sing N N 336 
THR N     H2     sing N N 337 
THR CA    C      sing N N 338 
THR CA    CB     sing N N 339 
THR CA    HA     sing N N 340 
THR C     O      doub N N 341 
THR C     OXT    sing N N 342 
THR CB    OG1    sing N N 343 
THR CB    CG2    sing N N 344 
THR CB    HB     sing N N 345 
THR OG1   HG1    sing N N 346 
THR CG2   HG21   sing N N 347 
THR CG2   HG22   sing N N 348 
THR CG2   HG23   sing N N 349 
THR OXT   HXT    sing N N 350 
TRP N     CA     sing N N 351 
TRP N     H      sing N N 352 
TRP N     H2     sing N N 353 
TRP CA    C      sing N N 354 
TRP CA    CB     sing N N 355 
TRP CA    HA     sing N N 356 
TRP C     O      doub N N 357 
TRP C     OXT    sing N N 358 
TRP CB    CG     sing N N 359 
TRP CB    HB2    sing N N 360 
TRP CB    HB3    sing N N 361 
TRP CG    CD1    doub Y N 362 
TRP CG    CD2    sing Y N 363 
TRP CD1   NE1    sing Y N 364 
TRP CD1   HD1    sing N N 365 
TRP CD2   CE2    doub Y N 366 
TRP CD2   CE3    sing Y N 367 
TRP NE1   CE2    sing Y N 368 
TRP NE1   HE1    sing N N 369 
TRP CE2   CZ2    sing Y N 370 
TRP CE3   CZ3    doub Y N 371 
TRP CE3   HE3    sing N N 372 
TRP CZ2   CH2    doub Y N 373 
TRP CZ2   HZ2    sing N N 374 
TRP CZ3   CH2    sing Y N 375 
TRP CZ3   HZ3    sing N N 376 
TRP CH2   HH2    sing N N 377 
TRP OXT   HXT    sing N N 378 
TRS C     C1     sing N N 379 
TRS C     C2     sing N N 380 
TRS C     C3     sing N N 381 
TRS C     N      sing N N 382 
TRS C1    O1     sing N N 383 
TRS C1    H11    sing N N 384 
TRS C1    H12    sing N N 385 
TRS C2    O2     sing N N 386 
TRS C2    H21    sing N N 387 
TRS C2    H22    sing N N 388 
TRS C3    O3     sing N N 389 
TRS C3    H31    sing N N 390 
TRS C3    H32    sing N N 391 
TRS N     HN1    sing N N 392 
TRS N     HN2    sing N N 393 
TRS N     HN3    sing N N 394 
TRS O1    HO1    sing N N 395 
TRS O2    HO2    sing N N 396 
TRS O3    HO3    sing N N 397 
TYR N     CA     sing N N 398 
TYR N     H      sing N N 399 
TYR N     H2     sing N N 400 
TYR CA    C      sing N N 401 
TYR CA    CB     sing N N 402 
TYR CA    HA     sing N N 403 
TYR C     O      doub N N 404 
TYR C     OXT    sing N N 405 
TYR CB    CG     sing N N 406 
TYR CB    HB2    sing N N 407 
TYR CB    HB3    sing N N 408 
TYR CG    CD1    doub Y N 409 
TYR CG    CD2    sing Y N 410 
TYR CD1   CE1    sing Y N 411 
TYR CD1   HD1    sing N N 412 
TYR CD2   CE2    doub Y N 413 
TYR CD2   HD2    sing N N 414 
TYR CE1   CZ     doub Y N 415 
TYR CE1   HE1    sing N N 416 
TYR CE2   CZ     sing Y N 417 
TYR CE2   HE2    sing N N 418 
TYR CZ    OH     sing N N 419 
TYR OH    HH     sing N N 420 
TYR OXT   HXT    sing N N 421 
VAL N     CA     sing N N 422 
VAL N     H      sing N N 423 
VAL N     H2     sing N N 424 
VAL CA    C      sing N N 425 
VAL CA    CB     sing N N 426 
VAL CA    HA     sing N N 427 
VAL C     O      doub N N 428 
VAL C     OXT    sing N N 429 
VAL CB    CG1    sing N N 430 
VAL CB    CG2    sing N N 431 
VAL CB    HB     sing N N 432 
VAL CG1   HG11   sing N N 433 
VAL CG1   HG12   sing N N 434 
VAL CG1   HG13   sing N N 435 
VAL CG2   HG21   sing N N 436 
VAL CG2   HG22   sing N N 437 
VAL CG2   HG23   sing N N 438 
VAL OXT   HXT    sing N N 439 
# 
loop_
_pdbx_entity_nonpoly.entity_id 
_pdbx_entity_nonpoly.name 
_pdbx_entity_nonpoly.comp_id 
2 'MAGNESIUM ION'                                    MG  
3 
;2'-DEOXYURIDINE 5'-ALPHA,BETA-IMIDO-TRIPHOSPHATE
;
DUP 
4 2-AMINO-2-HYDROXYMETHYL-PROPANE-1,3-DIOL           TRS 
5 water                                              HOH 
# 
_pdbx_initial_refinement_model.id               1 
_pdbx_initial_refinement_model.entity_id_list   ? 
_pdbx_initial_refinement_model.type             'experimental model' 
_pdbx_initial_refinement_model.source_name      PDB 
_pdbx_initial_refinement_model.accession_code   2D4L 
_pdbx_initial_refinement_model.details          ? 
# 
